data_6P2O
#
_entry.id   6P2O
#
_cell.length_a   92.996
_cell.length_b   112.788
_cell.length_c   222.759
_cell.angle_alpha   90.00
_cell.angle_beta   90.00
_cell.angle_gamma   90.00
#
_symmetry.space_group_name_H-M   'P 21 21 21'
#
loop_
_entity.id
_entity.type
_entity.pdbx_description
1 polymer Xyloglucanase
2 branched alpha-D-xylopyranose-(1-6)-beta-D-glucopyranose-(1-4)-[beta-D-galactopyranose-(1-2)-alpha-D-xylopyranose-(1-6)]beta-D-glucopyranose-(1-4)-[beta-D-galactopyranose-(1-2)-alpha-D-xylopyranose-(1-6)]beta-D-glucopyranose-(1-4)-beta-D-glucopyranose
3 branched alpha-D-xylopyranose-(1-6)-beta-D-glucopyranose-(1-4)-[alpha-D-xylopyranose-(1-6)]beta-D-glucopyranose-(1-4)-[alpha-D-xylopyranose-(1-6)]beta-D-glucopyranose-(1-4)-beta-D-glucopyranose
4 non-polymer 'SULFATE ION'
5 non-polymer GLYCEROL
6 non-polymer 'CHLORIDE ION'
7 water water
#
_entity_poly.entity_id   1
_entity_poly.type   'polypeptide(L)'
_entity_poly.pdbx_seq_one_letter_code
;DAYTWKNVRVDGGGFVPGIVFNRKEKNLAYARTDIGGAYRWDQSGKRWVPLLDSLDWDHWGWTGVVSLASDSVDPNKVYV
AAGTYTNSWDPGNGAILRSSNRGASWQSTTLPFKLGGNMPGRGMGERLAVDPNRNSVLYLGAPSGNGLWRSTDSGMTWSK
VTSFPNPGTYVQDASDTSGYLSDNQGVVWVTFDERTGSSGSATKTIYVGVADKDNTVYRSTDAGVTWSRVAGQPTGYLSH
KGVLDAKDGYLYLTTSDKGGPYDGEKGQVWRYTTATGEWKNISPMADADTYFGYSGLTVDRQKPGTLMVTGYSSWWPDTQ
IFRSTDSGATWTRAWDFTSYPNRSLRYTQDVSSVPWLTFGTNPTPPEVTPKLGWMTEALEIDPFDSNRMMYGTGATVYGT
ENLGNWDTGGKIAITPMIRGLEETAVNDLASPPTGAPLLSALGDIGGFRHTDLDAVPARMYTSPTFTTTTSLDYAETNPN
TVVRVGNNDSAPRIAFSTDNGANWFQGSEPSGVTGGGTVAAAADGSGFVWAPEGSSAVYHTTGFGNSWSVSSGIPAGAVV
ESDRKNPKKFYGFKAGTFYVSTDGGATFTARASSGLPADGPARFKALPGAEGDIWLAGGSTGGAYGLWHSTDSGATFTKL
SGVQQADTIGFGKAAPGASYQTLYTSAKIGGVRGVFRSTDAGASWTRINDDAHQWGWTGASITGDPRVYGRVYVATNGRG
ILRGDIS
;
_entity_poly.pdbx_strand_id   A,B
#
loop_
_chem_comp.id
_chem_comp.type
_chem_comp.name
_chem_comp.formula
BGC D-saccharide, beta linking beta-D-glucopyranose 'C6 H12 O6'
CL non-polymer 'CHLORIDE ION' 'Cl -1'
GAL D-saccharide, beta linking beta-D-galactopyranose 'C6 H12 O6'
GOL non-polymer GLYCEROL 'C3 H8 O3'
SO4 non-polymer 'SULFATE ION' 'O4 S -2'
XYS D-saccharide, alpha linking alpha-D-xylopyranose 'C5 H10 O5'
#
# COMPACT_ATOMS: atom_id res chain seq x y z
N ASP A 1 39.10 -31.26 14.99
CA ASP A 1 37.89 -31.61 14.24
C ASP A 1 37.92 -31.00 12.85
N ALA A 2 37.69 -31.86 11.85
CA ALA A 2 37.43 -31.41 10.49
C ALA A 2 35.93 -31.20 10.33
N TYR A 3 35.57 -30.17 9.58
CA TYR A 3 34.19 -29.74 9.46
C TYR A 3 33.66 -30.02 8.05
N THR A 4 32.37 -30.31 7.99
CA THR A 4 31.70 -30.45 6.69
C THR A 4 30.66 -29.34 6.59
N TRP A 5 30.60 -28.69 5.42
CA TRP A 5 29.75 -27.52 5.21
C TRP A 5 28.72 -27.83 4.15
N LYS A 6 27.44 -27.54 4.44
CA LYS A 6 26.39 -27.59 3.43
C LYS A 6 25.37 -26.50 3.73
N ASN A 7 24.54 -26.20 2.74
CA ASN A 7 23.46 -25.24 2.99
C ASN A 7 22.32 -25.87 3.76
N VAL A 8 21.64 -25.07 4.55
CA VAL A 8 20.28 -25.41 4.94
C VAL A 8 19.40 -25.30 3.70
N ARG A 9 18.60 -26.33 3.43
CA ARG A 9 17.97 -26.41 2.12
C ARG A 9 16.84 -25.37 1.97
N VAL A 10 16.97 -24.49 0.96
CA VAL A 10 15.96 -23.48 0.61
C VAL A 10 15.67 -23.52 -0.90
N ASP A 11 16.72 -23.48 -1.72
CA ASP A 11 16.74 -23.60 -3.20
C ASP A 11 16.37 -22.27 -3.84
N GLY A 12 17.37 -21.47 -4.24
CA GLY A 12 17.10 -20.22 -4.96
C GLY A 12 16.79 -19.07 -4.02
N GLY A 13 15.75 -18.30 -4.34
CA GLY A 13 15.38 -17.13 -3.54
C GLY A 13 15.96 -15.78 -3.96
N GLY A 14 16.60 -15.66 -5.12
CA GLY A 14 17.09 -14.39 -5.59
C GLY A 14 17.27 -14.37 -7.10
N PHE A 15 17.83 -13.27 -7.61
CA PHE A 15 17.92 -13.02 -9.05
C PHE A 15 19.12 -13.74 -9.66
N VAL A 16 18.87 -14.48 -10.74
CA VAL A 16 19.94 -15.12 -11.52
C VAL A 16 20.01 -14.40 -12.87
N PRO A 17 20.99 -13.51 -13.08
CA PRO A 17 20.97 -12.66 -14.30
C PRO A 17 21.53 -13.32 -15.53
N GLY A 18 22.28 -14.44 -15.42
CA GLY A 18 22.86 -15.01 -16.62
C GLY A 18 23.10 -16.48 -16.44
N ILE A 19 22.83 -17.24 -17.51
CA ILE A 19 23.07 -18.68 -17.63
C ILE A 19 23.88 -18.88 -18.89
N VAL A 20 24.88 -19.77 -18.85
CA VAL A 20 25.80 -19.96 -19.97
C VAL A 20 25.97 -21.47 -20.21
N PHE A 21 25.59 -21.94 -21.39
CA PHE A 21 25.97 -23.30 -21.81
C PHE A 21 27.25 -23.28 -22.65
N ASN A 22 28.19 -24.19 -22.34
CA ASN A 22 29.36 -24.37 -23.20
C ASN A 22 28.94 -24.86 -24.57
N ARG A 23 29.53 -24.30 -25.61
CA ARG A 23 29.16 -24.67 -26.99
C ARG A 23 29.88 -25.89 -27.57
N LYS A 24 30.85 -26.42 -26.83
CA LYS A 24 31.66 -27.56 -27.26
C LYS A 24 31.33 -28.86 -26.56
N GLU A 25 30.99 -28.80 -25.27
CA GLU A 25 30.83 -29.99 -24.46
C GLU A 25 29.40 -30.10 -23.96
N LYS A 26 28.74 -31.20 -24.30
CA LYS A 26 27.38 -31.46 -23.86
C LYS A 26 27.30 -31.48 -22.35
N ASN A 27 26.29 -30.80 -21.81
CA ASN A 27 25.92 -30.77 -20.39
C ASN A 27 26.86 -29.93 -19.54
N LEU A 28 27.81 -29.21 -20.14
CA LEU A 28 28.62 -28.23 -19.44
C LEU A 28 27.88 -26.90 -19.48
N ALA A 29 27.58 -26.34 -18.29
CA ALA A 29 26.82 -25.10 -18.16
C ALA A 29 27.16 -24.46 -16.84
N TYR A 30 26.93 -23.14 -16.75
CA TYR A 30 27.17 -22.37 -15.54
C TYR A 30 26.05 -21.35 -15.33
N ALA A 31 25.95 -20.83 -14.11
CA ALA A 31 25.11 -19.68 -13.81
C ALA A 31 25.91 -18.63 -13.03
N ARG A 32 25.60 -17.35 -13.26
CA ARG A 32 26.18 -16.25 -12.50
C ARG A 32 25.10 -15.55 -11.67
N THR A 33 25.50 -15.02 -10.51
CA THR A 33 24.61 -14.26 -9.63
C THR A 33 25.23 -12.90 -9.33
N ASP A 34 24.41 -12.00 -8.80
CA ASP A 34 24.86 -10.64 -8.60
C ASP A 34 25.54 -10.44 -7.25
N ILE A 35 25.27 -11.29 -6.23
CA ILE A 35 25.96 -11.13 -4.93
C ILE A 35 26.48 -12.44 -4.33
N GLY A 36 26.31 -13.55 -5.05
CA GLY A 36 26.57 -14.87 -4.50
C GLY A 36 27.42 -15.78 -5.36
N GLY A 37 28.33 -15.18 -6.13
CA GLY A 37 29.30 -15.93 -6.88
C GLY A 37 28.73 -16.58 -8.12
N ALA A 38 29.19 -17.80 -8.42
CA ALA A 38 28.84 -18.48 -9.66
C ALA A 38 28.81 -19.99 -9.44
N TYR A 39 28.16 -20.69 -10.37
CA TYR A 39 27.78 -22.09 -10.23
C TYR A 39 28.04 -22.90 -11.49
N ARG A 40 28.44 -24.16 -11.32
CA ARG A 40 28.52 -25.10 -12.42
C ARG A 40 27.38 -26.12 -12.28
N TRP A 41 26.73 -26.41 -13.41
CA TRP A 41 25.69 -27.43 -13.47
C TRP A 41 26.26 -28.83 -13.24
N ASP A 42 25.52 -29.64 -12.48
CA ASP A 42 25.81 -31.06 -12.29
C ASP A 42 24.63 -31.85 -12.89
N GLN A 43 24.84 -32.44 -14.07
CA GLN A 43 23.76 -33.05 -14.83
C GLN A 43 23.30 -34.33 -14.17
N SER A 44 24.22 -35.06 -13.54
CA SER A 44 23.95 -36.28 -12.83
C SER A 44 23.01 -36.04 -11.64
N GLY A 45 23.32 -35.00 -10.88
CA GLY A 45 22.47 -34.65 -9.76
C GLY A 45 21.41 -33.62 -10.03
N LYS A 46 21.31 -33.14 -11.28
CA LYS A 46 20.39 -32.08 -11.68
C LYS A 46 20.38 -30.96 -10.63
N ARG A 47 21.57 -30.39 -10.41
CA ARG A 47 21.76 -29.42 -9.34
C ARG A 47 22.97 -28.56 -9.67
N TRP A 48 23.12 -27.45 -8.94
CA TRP A 48 24.18 -26.48 -9.15
C TRP A 48 25.24 -26.56 -8.06
N VAL A 49 26.50 -26.31 -8.45
CA VAL A 49 27.67 -26.50 -7.61
C VAL A 49 28.32 -25.12 -7.43
N PRO A 50 28.40 -24.56 -6.21
CA PRO A 50 29.00 -23.23 -6.07
C PRO A 50 30.50 -23.28 -6.31
N LEU A 51 31.01 -22.25 -6.98
CA LEU A 51 32.41 -22.22 -7.39
C LEU A 51 33.26 -21.16 -6.71
N LEU A 52 32.65 -20.12 -6.11
CA LEU A 52 33.41 -18.98 -5.59
C LEU A 52 33.36 -18.86 -4.05
N ASP A 53 33.16 -19.98 -3.33
CA ASP A 53 33.12 -19.90 -1.86
C ASP A 53 34.47 -19.56 -1.25
N SER A 54 35.59 -19.67 -2.00
CA SER A 54 36.90 -19.32 -1.46
C SER A 54 37.11 -17.81 -1.30
N LEU A 55 36.29 -16.97 -1.93
CA LEU A 55 36.50 -15.52 -1.85
C LEU A 55 36.30 -15.00 -0.42
N ASP A 56 37.25 -14.23 0.10
CA ASP A 56 37.26 -14.02 1.54
C ASP A 56 36.60 -12.71 1.94
N TRP A 57 36.63 -12.46 3.25
CA TRP A 57 36.02 -11.27 3.85
C TRP A 57 36.49 -9.99 3.17
N ASP A 58 37.80 -9.90 2.93
CA ASP A 58 38.40 -8.71 2.35
C ASP A 58 38.12 -8.58 0.86
N HIS A 59 37.68 -9.65 0.21
CA HIS A 59 37.35 -9.62 -1.20
C HIS A 59 35.87 -9.88 -1.43
N TRP A 60 35.03 -9.47 -0.47
CA TRP A 60 33.60 -9.72 -0.63
C TRP A 60 33.05 -9.18 -1.95
N GLY A 61 33.60 -8.06 -2.43
CA GLY A 61 33.11 -7.47 -3.66
C GLY A 61 33.27 -8.36 -4.88
N TRP A 62 34.23 -9.30 -4.82
CA TRP A 62 34.40 -10.20 -5.96
C TRP A 62 33.30 -11.26 -6.04
N THR A 63 32.40 -11.37 -5.03
CA THR A 63 31.30 -12.31 -5.15
C THR A 63 30.24 -11.83 -6.14
N GLY A 64 30.30 -10.58 -6.62
CA GLY A 64 29.37 -10.13 -7.65
C GLY A 64 29.95 -10.44 -9.02
N VAL A 65 29.15 -11.11 -9.85
CA VAL A 65 29.65 -11.64 -11.13
C VAL A 65 28.87 -11.01 -12.28
N VAL A 66 29.44 -9.98 -12.89
CA VAL A 66 28.72 -9.28 -13.96
C VAL A 66 28.77 -10.06 -15.28
N SER A 67 29.76 -10.94 -15.46
CA SER A 67 29.77 -11.77 -16.66
C SER A 67 30.59 -13.03 -16.39
N LEU A 68 30.28 -14.05 -17.17
CA LEU A 68 30.95 -15.33 -17.09
C LEU A 68 31.15 -15.88 -18.50
N ALA A 69 32.30 -16.48 -18.76
CA ALA A 69 32.62 -17.02 -20.08
C ALA A 69 33.23 -18.39 -19.94
N SER A 70 32.75 -19.35 -20.73
CA SER A 70 33.20 -20.73 -20.69
C SER A 70 33.80 -21.08 -22.06
N ASP A 71 35.10 -21.39 -22.05
CA ASP A 71 35.92 -21.50 -23.26
C ASP A 71 35.42 -22.62 -24.20
N SER A 72 35.04 -22.27 -25.43
CA SER A 72 34.60 -23.30 -26.37
CA SER A 72 34.61 -23.28 -26.39
C SER A 72 35.79 -24.12 -26.90
N VAL A 73 36.99 -23.54 -26.94
CA VAL A 73 38.11 -24.32 -27.46
C VAL A 73 38.65 -25.28 -26.40
N ASP A 74 38.76 -24.84 -25.14
CA ASP A 74 39.18 -25.67 -24.02
C ASP A 74 38.12 -25.61 -22.92
N PRO A 75 37.18 -26.57 -22.89
CA PRO A 75 36.06 -26.48 -21.92
C PRO A 75 36.49 -26.60 -20.48
N ASN A 76 37.76 -26.92 -20.22
CA ASN A 76 38.21 -26.87 -18.84
C ASN A 76 38.33 -25.45 -18.32
N LYS A 77 38.41 -24.47 -19.21
CA LYS A 77 38.62 -23.08 -18.83
C LYS A 77 37.32 -22.31 -18.69
N VAL A 78 37.25 -21.51 -17.62
CA VAL A 78 36.14 -20.60 -17.36
C VAL A 78 36.69 -19.34 -16.71
N TYR A 79 36.07 -18.20 -17.02
CA TYR A 79 36.49 -16.88 -16.59
C TYR A 79 35.28 -16.13 -16.05
N VAL A 80 35.51 -15.32 -15.00
CA VAL A 80 34.45 -14.44 -14.52
C VAL A 80 34.99 -13.02 -14.37
N ALA A 81 34.11 -12.05 -14.62
CA ALA A 81 34.39 -10.66 -14.30
C ALA A 81 33.74 -10.38 -12.94
N ALA A 82 34.56 -10.07 -11.95
CA ALA A 82 34.13 -10.01 -10.56
C ALA A 82 34.24 -8.59 -9.99
N GLY A 83 33.26 -8.21 -9.16
CA GLY A 83 33.20 -6.87 -8.58
C GLY A 83 31.77 -6.41 -8.49
N THR A 84 31.37 -5.71 -7.42
CA THR A 84 29.95 -5.60 -7.13
C THR A 84 29.38 -4.22 -7.36
N TYR A 85 30.03 -3.15 -6.88
CA TYR A 85 29.51 -1.80 -7.12
C TYR A 85 30.62 -0.91 -7.68
N THR A 86 30.22 0.13 -8.42
CA THR A 86 31.16 1.12 -8.93
C THR A 86 31.13 2.42 -8.13
N ASN A 87 30.22 2.54 -7.15
CA ASN A 87 30.22 3.66 -6.22
C ASN A 87 30.98 3.27 -4.93
N SER A 88 30.82 4.09 -3.89
CA SER A 88 31.59 3.90 -2.66
C SER A 88 31.17 2.66 -1.86
N TRP A 89 30.06 1.99 -2.22
CA TRP A 89 29.63 0.81 -1.48
C TRP A 89 30.61 -0.36 -1.62
N ASP A 90 31.40 -0.40 -2.68
CA ASP A 90 32.39 -1.48 -2.86
C ASP A 90 33.76 -0.82 -2.89
N PRO A 91 34.61 -1.00 -1.88
CA PRO A 91 35.91 -0.33 -1.90
C PRO A 91 36.90 -0.94 -2.88
N GLY A 92 36.62 -2.12 -3.43
CA GLY A 92 37.62 -2.85 -4.20
C GLY A 92 37.42 -2.74 -5.70
N ASN A 93 38.53 -2.56 -6.41
CA ASN A 93 38.48 -2.67 -7.86
C ASN A 93 37.97 -4.05 -8.24
N GLY A 94 37.46 -4.15 -9.46
CA GLY A 94 37.06 -5.43 -9.98
C GLY A 94 38.27 -6.27 -10.44
N ALA A 95 37.97 -7.47 -10.94
CA ALA A 95 39.01 -8.43 -11.29
C ALA A 95 38.48 -9.42 -12.33
N ILE A 96 39.41 -9.99 -13.09
CA ILE A 96 39.10 -11.16 -13.92
C ILE A 96 39.63 -12.37 -13.17
N LEU A 97 38.75 -13.32 -12.85
CA LEU A 97 39.13 -14.58 -12.23
C LEU A 97 39.17 -15.67 -13.29
N ARG A 98 40.23 -16.45 -13.32
CA ARG A 98 40.42 -17.46 -14.35
C ARG A 98 40.60 -18.79 -13.68
N SER A 99 40.04 -19.83 -14.30
CA SER A 99 40.23 -21.17 -13.78
C SER A 99 40.44 -22.13 -14.95
N SER A 100 41.24 -23.16 -14.71
CA SER A 100 41.51 -24.18 -15.71
CA SER A 100 41.53 -24.18 -15.70
C SER A 100 40.97 -25.55 -15.31
N ASN A 101 40.10 -25.61 -14.30
CA ASN A 101 39.48 -26.84 -13.88
C ASN A 101 38.00 -26.60 -13.59
N ARG A 102 37.34 -25.86 -14.47
CA ARG A 102 35.89 -25.67 -14.44
C ARG A 102 35.41 -25.07 -13.13
N GLY A 103 36.23 -24.22 -12.50
CA GLY A 103 35.81 -23.49 -11.34
C GLY A 103 36.17 -24.10 -10.00
N ALA A 104 36.93 -25.19 -9.99
CA ALA A 104 37.37 -25.79 -8.73
C ALA A 104 38.39 -24.91 -8.01
N SER A 105 39.22 -24.17 -8.75
CA SER A 105 40.15 -23.22 -8.14
C SER A 105 40.36 -22.06 -9.12
N TRP A 106 40.73 -20.91 -8.57
CA TRP A 106 40.81 -19.68 -9.35
C TRP A 106 42.12 -18.96 -9.13
N GLN A 107 42.54 -18.18 -10.15
CA GLN A 107 43.54 -17.13 -9.99
C GLN A 107 42.94 -15.79 -10.43
N SER A 108 43.46 -14.70 -9.89
CA SER A 108 42.89 -13.38 -10.12
C SER A 108 43.90 -12.45 -10.76
N THR A 109 43.38 -11.53 -11.56
CA THR A 109 44.08 -10.31 -11.97
C THR A 109 43.18 -9.10 -11.68
N THR A 110 43.68 -8.14 -10.91
CA THR A 110 42.88 -6.97 -10.53
C THR A 110 42.86 -5.94 -11.67
N LEU A 111 41.68 -5.41 -11.95
CA LEU A 111 41.56 -4.37 -12.96
C LEU A 111 41.78 -3.00 -12.35
N PRO A 112 42.06 -1.96 -13.15
CA PRO A 112 42.29 -0.63 -12.54
C PRO A 112 41.01 0.18 -12.33
N PHE A 113 39.85 -0.47 -12.32
CA PHE A 113 38.55 0.19 -12.11
C PHE A 113 37.61 -0.82 -11.45
N LYS A 114 36.47 -0.32 -10.97
CA LYS A 114 35.48 -1.19 -10.33
C LYS A 114 34.53 -1.79 -11.36
N LEU A 115 33.92 -2.92 -11.00
CA LEU A 115 32.93 -3.59 -11.83
C LEU A 115 31.56 -3.63 -11.14
N GLY A 116 30.50 -3.95 -11.90
CA GLY A 116 29.15 -3.72 -11.43
C GLY A 116 28.24 -4.92 -11.29
N GLY A 117 28.71 -5.98 -10.63
CA GLY A 117 27.91 -7.21 -10.55
C GLY A 117 26.53 -7.01 -9.93
N ASN A 118 26.36 -6.03 -9.01
CA ASN A 118 25.04 -5.77 -8.43
C ASN A 118 24.55 -4.36 -8.77
N MET A 119 25.00 -3.81 -9.91
CA MET A 119 24.62 -2.49 -10.41
C MET A 119 23.47 -2.60 -11.39
N PRO A 120 22.79 -1.49 -11.69
CA PRO A 120 21.86 -1.46 -12.84
C PRO A 120 22.55 -1.88 -14.11
N GLY A 121 21.80 -2.53 -15.00
CA GLY A 121 22.33 -3.03 -16.24
C GLY A 121 22.90 -4.44 -16.18
N ARG A 122 22.89 -5.09 -15.01
CA ARG A 122 23.66 -6.32 -14.84
C ARG A 122 23.08 -7.51 -15.59
N GLY A 123 21.82 -7.43 -16.04
CA GLY A 123 21.29 -8.50 -16.91
C GLY A 123 21.68 -8.40 -18.40
N MET A 124 22.30 -7.29 -18.85
CA MET A 124 22.82 -7.26 -20.21
C MET A 124 24.08 -8.10 -20.28
N GLY A 125 24.31 -8.75 -21.43
CA GLY A 125 25.59 -9.42 -21.64
C GLY A 125 25.45 -10.63 -22.56
N GLU A 126 26.46 -11.52 -22.59
CA GLU A 126 27.68 -11.46 -21.74
C GLU A 126 28.72 -10.51 -22.29
N ARG A 127 29.30 -9.67 -21.40
CA ARG A 127 30.26 -8.67 -21.82
C ARG A 127 31.72 -9.12 -21.64
N LEU A 128 31.95 -10.29 -21.04
CA LEU A 128 33.26 -10.95 -21.06
C LEU A 128 33.19 -12.09 -22.06
N ALA A 129 34.15 -12.16 -23.01
CA ALA A 129 34.04 -13.12 -24.11
C ALA A 129 35.42 -13.63 -24.52
N VAL A 130 35.50 -14.93 -24.84
CA VAL A 130 36.72 -15.60 -25.27
C VAL A 130 36.65 -15.84 -26.77
N ASP A 131 37.74 -15.50 -27.48
CA ASP A 131 37.84 -15.73 -28.91
C ASP A 131 37.62 -17.23 -29.20
N PRO A 132 36.66 -17.60 -30.05
CA PRO A 132 36.40 -19.03 -30.27
C PRO A 132 37.40 -19.70 -31.20
N ASN A 133 38.38 -18.95 -31.74
CA ASN A 133 39.39 -19.53 -32.61
C ASN A 133 40.79 -19.46 -32.04
N ARG A 134 41.16 -18.34 -31.41
CA ARG A 134 42.43 -18.23 -30.69
C ARG A 134 42.07 -17.89 -29.25
N ASN A 135 41.95 -18.91 -28.42
CA ASN A 135 41.28 -18.69 -27.14
C ASN A 135 42.16 -18.02 -26.08
N SER A 136 43.41 -17.65 -26.41
CA SER A 136 44.19 -16.75 -25.56
C SER A 136 43.72 -15.31 -25.62
N VAL A 137 42.83 -14.95 -26.56
CA VAL A 137 42.31 -13.59 -26.68
C VAL A 137 40.98 -13.49 -25.94
N LEU A 138 40.86 -12.50 -25.04
CA LEU A 138 39.58 -12.18 -24.41
C LEU A 138 39.29 -10.69 -24.53
N TYR A 139 37.98 -10.35 -24.50
CA TYR A 139 37.51 -8.97 -24.41
C TYR A 139 36.56 -8.81 -23.21
N LEU A 140 36.55 -7.59 -22.67
CA LEU A 140 35.68 -7.21 -21.55
C LEU A 140 35.03 -5.86 -21.83
N GLY A 141 33.70 -5.81 -21.81
CA GLY A 141 33.01 -4.53 -21.78
C GLY A 141 33.00 -3.93 -20.38
N ALA A 142 33.47 -2.69 -20.24
CA ALA A 142 33.67 -2.06 -18.94
C ALA A 142 32.69 -0.92 -18.72
N PRO A 143 32.40 -0.59 -17.44
CA PRO A 143 31.43 0.48 -17.12
C PRO A 143 32.10 1.83 -16.85
N SER A 144 31.28 2.84 -16.56
CA SER A 144 31.68 4.11 -15.95
C SER A 144 32.58 4.94 -16.85
N GLY A 145 32.57 4.68 -18.15
CA GLY A 145 33.45 5.36 -19.07
C GLY A 145 34.75 4.64 -19.38
N ASN A 146 34.96 3.45 -18.82
CA ASN A 146 36.22 2.76 -19.08
C ASN A 146 36.29 2.06 -20.44
N GLY A 147 35.17 1.89 -21.14
CA GLY A 147 35.22 1.40 -22.52
C GLY A 147 35.45 -0.09 -22.67
N LEU A 148 36.28 -0.49 -23.64
CA LEU A 148 36.51 -1.88 -24.01
C LEU A 148 37.94 -2.26 -23.65
N TRP A 149 38.11 -3.41 -22.97
CA TRP A 149 39.40 -3.88 -22.52
C TRP A 149 39.67 -5.25 -23.16
N ARG A 150 40.94 -5.64 -23.20
CA ARG A 150 41.34 -6.85 -23.91
C ARG A 150 42.50 -7.52 -23.21
N SER A 151 42.51 -8.86 -23.24
CA SER A 151 43.71 -9.61 -22.91
C SER A 151 44.09 -10.51 -24.08
N THR A 152 45.39 -10.66 -24.29
CA THR A 152 45.87 -11.58 -25.33
C THR A 152 46.75 -12.68 -24.75
N ASP A 153 46.68 -12.91 -23.44
CA ASP A 153 47.42 -13.98 -22.76
C ASP A 153 46.51 -14.74 -21.79
N SER A 154 45.29 -15.11 -22.28
CA SER A 154 44.32 -15.95 -21.57
C SER A 154 43.93 -15.35 -20.22
N GLY A 155 43.74 -14.02 -20.24
CA GLY A 155 43.19 -13.32 -19.10
C GLY A 155 44.18 -13.00 -17.99
N MET A 156 45.48 -13.24 -18.20
CA MET A 156 46.43 -12.93 -17.16
C MET A 156 46.73 -11.44 -17.08
N THR A 157 46.78 -10.74 -18.20
CA THR A 157 46.98 -9.30 -18.18
C THR A 157 45.98 -8.65 -19.13
N TRP A 158 45.57 -7.42 -18.77
CA TRP A 158 44.49 -6.67 -19.42
C TRP A 158 44.97 -5.27 -19.77
N SER A 159 44.53 -4.74 -20.91
CA SER A 159 44.83 -3.36 -21.27
C SER A 159 43.65 -2.79 -22.06
N LYS A 160 43.56 -1.47 -22.09
CA LYS A 160 42.43 -0.82 -22.75
C LYS A 160 42.54 -0.94 -24.27
N VAL A 161 41.40 -1.13 -24.93
CA VAL A 161 41.35 -1.07 -26.41
C VAL A 161 41.14 0.40 -26.74
N THR A 162 42.23 1.14 -26.92
CA THR A 162 42.10 2.59 -27.10
C THR A 162 41.35 2.96 -28.36
N SER A 163 41.37 2.09 -29.39
CA SER A 163 40.72 2.44 -30.64
C SER A 163 39.20 2.30 -30.59
N PHE A 164 38.64 1.80 -29.49
CA PHE A 164 37.19 1.70 -29.42
C PHE A 164 36.61 3.09 -29.17
N PRO A 165 35.68 3.56 -30.00
CA PRO A 165 35.34 4.99 -30.00
C PRO A 165 34.21 5.40 -29.06
N ASN A 166 33.46 4.47 -28.45
CA ASN A 166 32.28 4.89 -27.67
C ASN A 166 32.20 4.11 -26.36
N PRO A 167 32.44 4.72 -25.21
CA PRO A 167 32.39 3.97 -23.94
C PRO A 167 30.99 3.83 -23.36
N GLY A 168 29.96 4.21 -24.11
CA GLY A 168 28.62 4.21 -23.56
C GLY A 168 28.22 5.58 -23.04
N THR A 169 26.91 5.85 -23.05
CA THR A 169 26.38 7.11 -22.55
C THR A 169 25.24 6.95 -21.55
N TYR A 170 24.54 5.81 -21.53
CA TYR A 170 23.25 5.70 -20.83
C TYR A 170 23.40 5.71 -19.31
N VAL A 171 22.54 6.47 -18.62
CA VAL A 171 22.53 6.55 -17.16
C VAL A 171 21.08 6.43 -16.69
N GLN A 172 20.81 5.52 -15.74
CA GLN A 172 19.42 5.33 -15.29
C GLN A 172 18.87 6.60 -14.65
N ASP A 173 19.59 7.19 -13.70
CA ASP A 173 19.10 8.37 -12.98
C ASP A 173 20.30 9.19 -12.53
N ALA A 174 20.65 10.22 -13.32
CA ALA A 174 21.86 10.96 -13.01
C ALA A 174 21.77 11.73 -11.69
N SER A 175 20.58 11.88 -11.13
CA SER A 175 20.45 12.73 -9.95
C SER A 175 20.73 11.99 -8.64
N ASP A 176 21.07 10.70 -8.68
CA ASP A 176 21.18 9.88 -7.46
C ASP A 176 22.54 10.18 -6.82
N THR A 177 22.53 10.94 -5.72
CA THR A 177 23.79 11.31 -5.08
C THR A 177 24.52 10.14 -4.43
N SER A 178 23.90 8.98 -4.33
CA SER A 178 24.58 7.81 -3.79
C SER A 178 25.47 7.15 -4.81
N GLY A 179 25.33 7.52 -6.08
CA GLY A 179 26.05 6.87 -7.15
C GLY A 179 25.51 5.53 -7.60
N TYR A 180 24.41 5.04 -7.01
CA TYR A 180 23.94 3.71 -7.38
C TYR A 180 23.27 3.72 -8.76
N LEU A 181 22.37 4.67 -9.01
CA LEU A 181 21.66 4.70 -10.29
C LEU A 181 22.33 5.59 -11.34
N SER A 182 23.47 6.23 -11.01
CA SER A 182 23.97 7.36 -11.78
C SER A 182 25.21 7.00 -12.61
N ASP A 183 25.55 5.72 -12.72
CA ASP A 183 26.76 5.34 -13.43
C ASP A 183 26.45 5.09 -14.91
N ASN A 184 27.43 5.42 -15.75
CA ASN A 184 27.39 5.06 -17.16
C ASN A 184 27.42 3.53 -17.30
N GLN A 185 26.40 2.96 -17.93
CA GLN A 185 26.27 1.50 -18.00
C GLN A 185 27.29 0.90 -18.98
N GLY A 186 27.87 1.72 -19.86
CA GLY A 186 29.12 1.37 -20.53
C GLY A 186 28.99 0.40 -21.69
N VAL A 187 29.91 -0.54 -21.77
CA VAL A 187 29.94 -1.50 -22.86
C VAL A 187 29.41 -2.82 -22.34
N VAL A 188 28.36 -3.35 -22.99
CA VAL A 188 27.48 -4.30 -22.31
C VAL A 188 27.43 -5.71 -22.92
N TRP A 189 27.83 -5.95 -24.18
CA TRP A 189 27.99 -7.33 -24.61
C TRP A 189 29.02 -7.40 -25.73
N VAL A 190 29.64 -8.58 -25.86
CA VAL A 190 30.65 -8.84 -26.88
C VAL A 190 30.34 -10.19 -27.52
N THR A 191 30.23 -10.22 -28.86
CA THR A 191 29.97 -11.47 -29.56
C THR A 191 30.88 -11.62 -30.77
N PHE A 192 31.59 -12.75 -30.84
CA PHE A 192 32.45 -13.05 -31.99
C PHE A 192 31.66 -13.70 -33.12
N ASP A 193 32.11 -13.48 -34.36
CA ASP A 193 31.63 -14.28 -35.48
C ASP A 193 32.72 -15.30 -35.77
N GLU A 194 32.54 -16.49 -35.21
CA GLU A 194 33.56 -17.53 -35.27
C GLU A 194 33.90 -17.97 -36.69
N ARG A 195 33.02 -17.72 -37.68
CA ARG A 195 33.37 -18.05 -39.08
C ARG A 195 34.60 -17.29 -39.60
N THR A 196 34.94 -16.15 -39.00
CA THR A 196 35.95 -15.22 -39.51
C THR A 196 37.33 -15.42 -38.87
N GLY A 197 37.55 -16.51 -38.13
CA GLY A 197 38.87 -16.92 -37.72
C GLY A 197 39.06 -18.42 -37.99
N SER A 198 40.28 -18.89 -37.73
CA SER A 198 40.58 -20.30 -37.89
C SER A 198 41.54 -20.68 -36.76
N SER A 199 41.73 -21.98 -36.54
CA SER A 199 42.43 -22.43 -35.34
C SER A 199 43.79 -21.74 -35.19
N GLY A 200 44.00 -21.11 -34.03
CA GLY A 200 45.23 -20.42 -33.72
C GLY A 200 45.34 -19.00 -34.24
N SER A 201 44.36 -18.51 -35.00
CA SER A 201 44.38 -17.16 -35.55
CA SER A 201 44.40 -17.15 -35.53
C SER A 201 43.17 -16.38 -35.07
N ALA A 202 43.42 -15.15 -34.65
CA ALA A 202 42.39 -14.32 -34.03
C ALA A 202 41.17 -14.17 -34.95
N THR A 203 39.98 -14.29 -34.34
CA THR A 203 38.72 -14.04 -35.05
C THR A 203 38.63 -12.59 -35.53
N LYS A 204 38.37 -12.41 -36.84
CA LYS A 204 38.48 -11.08 -37.42
C LYS A 204 37.26 -10.19 -37.16
N THR A 205 36.04 -10.74 -37.15
CA THR A 205 34.83 -9.95 -36.95
C THR A 205 34.33 -10.11 -35.53
N ILE A 206 34.17 -8.97 -34.84
CA ILE A 206 33.72 -8.87 -33.45
C ILE A 206 32.60 -7.84 -33.40
N TYR A 207 31.47 -8.22 -32.82
CA TYR A 207 30.35 -7.32 -32.56
C TYR A 207 30.38 -6.91 -31.09
N VAL A 208 30.15 -5.63 -30.83
CA VAL A 208 30.16 -5.11 -29.46
C VAL A 208 28.92 -4.25 -29.22
N GLY A 209 28.22 -4.55 -28.12
CA GLY A 209 27.06 -3.78 -27.71
C GLY A 209 27.43 -2.69 -26.71
N VAL A 210 26.85 -1.51 -26.92
CA VAL A 210 27.17 -0.30 -26.17
C VAL A 210 25.87 0.30 -25.65
N ALA A 211 25.87 0.68 -24.36
CA ALA A 211 24.68 1.28 -23.75
C ALA A 211 24.62 2.73 -24.21
N ASP A 212 24.19 2.92 -25.46
CA ASP A 212 24.01 4.26 -26.05
C ASP A 212 22.86 4.15 -27.02
N LYS A 213 21.74 4.84 -26.74
CA LYS A 213 20.56 4.64 -27.60
C LYS A 213 20.82 5.09 -29.03
N ASP A 214 21.78 5.97 -29.25
CA ASP A 214 22.03 6.43 -30.61
C ASP A 214 23.05 5.58 -31.35
N ASN A 215 23.76 4.71 -30.65
CA ASN A 215 24.83 3.90 -31.26
C ASN A 215 24.98 2.61 -30.44
N THR A 216 24.02 1.69 -30.55
CA THR A 216 24.05 0.55 -29.61
C THR A 216 24.87 -0.64 -30.11
N VAL A 217 25.30 -0.68 -31.38
CA VAL A 217 26.11 -1.81 -31.84
C VAL A 217 27.24 -1.34 -32.76
N TYR A 218 28.46 -1.78 -32.41
CA TYR A 218 29.71 -1.54 -33.12
C TYR A 218 30.28 -2.87 -33.62
N ARG A 219 31.16 -2.78 -34.63
CA ARG A 219 31.76 -3.96 -35.23
C ARG A 219 33.22 -3.65 -35.56
N SER A 220 34.09 -4.64 -35.37
CA SER A 220 35.41 -4.68 -35.99
C SER A 220 35.42 -5.76 -37.07
N THR A 221 36.07 -5.52 -38.22
CA THR A 221 36.33 -6.56 -39.19
C THR A 221 37.81 -6.88 -39.32
N ASP A 222 38.66 -6.33 -38.45
CA ASP A 222 40.09 -6.60 -38.55
C ASP A 222 40.65 -7.03 -37.20
N ALA A 223 39.87 -7.86 -36.49
CA ALA A 223 40.33 -8.50 -35.26
C ALA A 223 40.59 -7.45 -34.17
N GLY A 224 39.74 -6.41 -34.13
CA GLY A 224 39.77 -5.45 -33.05
C GLY A 224 40.75 -4.30 -33.20
N VAL A 225 41.39 -4.14 -34.37
CA VAL A 225 42.29 -2.99 -34.57
C VAL A 225 41.47 -1.70 -34.80
N THR A 226 40.48 -1.72 -35.68
CA THR A 226 39.64 -0.56 -35.93
C THR A 226 38.17 -0.94 -35.72
N TRP A 227 37.34 0.08 -35.46
CA TRP A 227 35.94 -0.12 -35.08
C TRP A 227 35.06 0.90 -35.79
N SER A 228 33.80 0.52 -36.03
CA SER A 228 32.79 1.39 -36.65
C SER A 228 31.40 0.96 -36.18
N ARG A 229 30.49 1.92 -36.06
CA ARG A 229 29.11 1.57 -35.75
C ARG A 229 28.54 0.80 -36.92
N VAL A 230 27.62 -0.13 -36.65
CA VAL A 230 27.01 -0.85 -37.77
C VAL A 230 26.03 0.08 -38.49
N ALA A 231 26.22 0.25 -39.80
CA ALA A 231 25.39 1.14 -40.60
C ALA A 231 23.94 0.69 -40.61
N GLY A 232 23.02 1.68 -40.57
CA GLY A 232 21.59 1.43 -40.59
C GLY A 232 21.01 0.79 -39.35
N GLN A 233 21.75 0.76 -38.24
CA GLN A 233 21.20 0.14 -37.05
C GLN A 233 20.04 0.97 -36.51
N PRO A 234 19.11 0.34 -35.80
CA PRO A 234 18.02 1.08 -35.17
C PRO A 234 18.53 1.90 -33.97
N THR A 235 17.85 3.02 -33.72
CA THR A 235 18.23 3.94 -32.65
C THR A 235 17.05 4.15 -31.72
N GLY A 236 17.33 4.62 -30.51
CA GLY A 236 16.31 4.85 -29.51
C GLY A 236 16.22 3.82 -28.40
N TYR A 237 16.99 2.74 -28.50
CA TYR A 237 16.89 1.63 -27.54
C TYR A 237 18.27 1.07 -27.27
N LEU A 238 18.43 0.43 -26.09
CA LEU A 238 19.69 -0.23 -25.71
C LEU A 238 19.60 -1.73 -26.02
N SER A 239 20.56 -2.27 -26.76
CA SER A 239 20.67 -3.71 -27.05
C SER A 239 21.08 -4.39 -25.75
N HIS A 240 20.20 -5.15 -25.07
CA HIS A 240 20.62 -5.98 -23.95
C HIS A 240 21.48 -7.16 -24.41
N LYS A 241 21.20 -7.73 -25.58
CA LYS A 241 21.94 -8.89 -26.06
C LYS A 241 22.11 -8.82 -27.57
N GLY A 242 23.20 -9.44 -28.03
CA GLY A 242 23.50 -9.68 -29.44
C GLY A 242 23.95 -11.11 -29.61
N VAL A 243 23.20 -11.90 -30.39
CA VAL A 243 23.41 -13.33 -30.56
C VAL A 243 23.48 -13.67 -32.05
N LEU A 244 24.48 -14.45 -32.46
CA LEU A 244 24.73 -14.70 -33.87
C LEU A 244 24.39 -16.15 -34.22
N ASP A 245 23.41 -16.32 -35.12
CA ASP A 245 23.16 -17.59 -35.83
C ASP A 245 24.17 -17.65 -36.98
N ALA A 246 25.24 -18.42 -36.78
CA ALA A 246 26.30 -18.48 -37.79
C ALA A 246 25.94 -19.37 -38.98
N LYS A 247 25.06 -20.38 -38.80
CA LYS A 247 24.71 -21.15 -39.99
C LYS A 247 23.93 -20.30 -40.99
N ASP A 248 22.91 -19.55 -40.56
CA ASP A 248 22.15 -18.68 -41.45
C ASP A 248 22.73 -17.27 -41.60
N GLY A 249 23.73 -16.88 -40.81
CA GLY A 249 24.29 -15.54 -40.95
C GLY A 249 23.38 -14.41 -40.49
N TYR A 250 22.74 -14.58 -39.34
CA TYR A 250 21.85 -13.57 -38.77
C TYR A 250 22.40 -13.17 -37.41
N LEU A 251 22.57 -11.87 -37.20
CA LEU A 251 22.83 -11.32 -35.87
C LEU A 251 21.53 -10.77 -35.32
N TYR A 252 21.11 -11.27 -34.17
CA TYR A 252 19.89 -10.84 -33.50
C TYR A 252 20.20 -9.88 -32.35
N LEU A 253 19.33 -8.87 -32.20
CA LEU A 253 19.41 -7.86 -31.12
C LEU A 253 18.06 -7.76 -30.42
N THR A 254 18.06 -7.87 -29.09
CA THR A 254 16.91 -7.57 -28.27
C THR A 254 17.20 -6.26 -27.55
N THR A 255 16.32 -5.29 -27.70
CA THR A 255 16.58 -3.94 -27.20
C THR A 255 15.48 -3.49 -26.26
N SER A 256 15.78 -2.43 -25.51
CA SER A 256 14.85 -1.94 -24.50
C SER A 256 15.10 -0.45 -24.31
N ASP A 257 14.05 0.28 -23.90
CA ASP A 257 14.28 1.69 -23.62
C ASP A 257 14.89 1.91 -22.25
N LYS A 258 15.17 0.86 -21.50
CA LYS A 258 15.84 0.99 -20.20
C LYS A 258 16.95 -0.06 -20.09
N GLY A 259 17.87 0.17 -19.13
CA GLY A 259 18.97 -0.77 -18.85
C GLY A 259 18.61 -2.02 -18.05
N GLY A 260 17.48 -2.03 -17.32
CA GLY A 260 17.10 -3.18 -16.51
C GLY A 260 17.95 -3.32 -15.27
N PRO A 261 17.72 -4.38 -14.49
CA PRO A 261 16.82 -5.50 -14.77
C PRO A 261 15.37 -5.27 -14.35
N TYR A 262 15.06 -4.20 -13.62
CA TYR A 262 13.69 -4.00 -13.14
C TYR A 262 12.84 -3.22 -14.11
N ASP A 263 13.40 -2.27 -14.84
CA ASP A 263 12.63 -1.35 -15.67
C ASP A 263 12.76 -1.71 -17.14
N GLY A 264 11.96 -1.04 -17.98
CA GLY A 264 11.79 -1.43 -19.38
C GLY A 264 10.33 -1.31 -19.77
N GLU A 265 10.02 -0.30 -20.59
CA GLU A 265 8.64 -0.02 -20.98
C GLU A 265 8.39 -0.08 -22.49
N LYS A 266 9.43 -0.22 -23.31
CA LYS A 266 9.32 -0.38 -24.76
C LYS A 266 10.58 -1.10 -25.22
N GLY A 267 10.53 -1.66 -26.41
CA GLY A 267 11.72 -2.34 -26.94
C GLY A 267 11.40 -2.97 -28.27
N GLN A 268 12.46 -3.49 -28.90
CA GLN A 268 12.33 -4.06 -30.23
C GLN A 268 13.22 -5.28 -30.36
N VAL A 269 12.96 -6.06 -31.40
CA VAL A 269 13.86 -7.15 -31.77
C VAL A 269 14.21 -6.98 -33.24
N TRP A 270 15.51 -7.05 -33.55
CA TRP A 270 16.02 -6.79 -34.89
C TRP A 270 16.89 -7.96 -35.33
N ARG A 271 16.90 -8.15 -36.66
CA ARG A 271 17.69 -9.17 -37.32
C ARG A 271 18.60 -8.49 -38.35
N TYR A 272 19.90 -8.73 -38.23
CA TYR A 272 20.90 -8.14 -39.12
C TYR A 272 21.51 -9.27 -39.93
N THR A 273 21.43 -9.18 -41.27
CA THR A 273 21.97 -10.19 -42.18
C THR A 273 23.45 -9.87 -42.41
N THR A 274 24.35 -10.73 -41.89
CA THR A 274 25.75 -10.33 -41.87
C THR A 274 26.33 -10.26 -43.29
N ALA A 275 25.85 -11.10 -44.21
CA ALA A 275 26.45 -11.10 -45.54
C ALA A 275 26.07 -9.86 -46.35
N THR A 276 24.90 -9.26 -46.11
CA THR A 276 24.43 -8.18 -46.97
C THR A 276 24.29 -6.83 -46.28
N GLY A 277 24.27 -6.79 -44.95
CA GLY A 277 24.08 -5.55 -44.24
C GLY A 277 22.63 -5.20 -43.98
N GLU A 278 21.68 -6.02 -44.44
CA GLU A 278 20.25 -5.71 -44.29
C GLU A 278 19.80 -5.84 -42.84
N TRP A 279 18.93 -4.90 -42.43
CA TRP A 279 18.28 -4.93 -41.14
C TRP A 279 16.79 -5.22 -41.32
N LYS A 280 16.22 -6.03 -40.41
CA LYS A 280 14.78 -6.30 -40.41
C LYS A 280 14.26 -6.19 -38.99
N ASN A 281 13.17 -5.45 -38.80
CA ASN A 281 12.50 -5.41 -37.51
C ASN A 281 11.63 -6.66 -37.39
N ILE A 282 11.98 -7.56 -36.45
CA ILE A 282 11.24 -8.81 -36.25
C ILE A 282 10.57 -8.85 -34.88
N SER A 283 10.24 -7.67 -34.33
CA SER A 283 9.67 -7.63 -32.99
C SER A 283 8.38 -8.44 -32.90
N PRO A 284 8.25 -9.29 -31.88
CA PRO A 284 7.08 -10.16 -31.81
C PRO A 284 5.76 -9.42 -31.67
N MET A 285 5.75 -8.23 -31.07
CA MET A 285 4.48 -7.49 -31.03
C MET A 285 4.64 -6.09 -31.62
N ALA A 286 3.50 -5.52 -32.02
CA ALA A 286 3.49 -4.13 -32.49
C ALA A 286 3.84 -3.17 -31.34
N ASP A 287 4.47 -2.08 -31.71
CA ASP A 287 4.91 -1.16 -30.72
C ASP A 287 3.78 -0.64 -29.87
N ALA A 288 2.63 -0.38 -30.43
CA ALA A 288 1.48 0.07 -29.65
C ALA A 288 1.11 -0.91 -28.55
N ASP A 289 1.38 -2.20 -28.77
CA ASP A 289 0.97 -3.21 -27.80
C ASP A 289 2.11 -3.62 -26.89
N THR A 290 3.26 -2.97 -27.01
CA THR A 290 4.45 -3.34 -26.26
C THR A 290 4.57 -2.45 -25.04
N TYR A 291 4.66 -3.06 -23.87
CA TYR A 291 4.79 -2.29 -22.64
C TYR A 291 5.94 -2.80 -21.80
N PHE A 292 6.93 -3.41 -22.45
CA PHE A 292 8.09 -3.96 -21.77
C PHE A 292 9.25 -3.85 -22.74
N GLY A 293 10.49 -4.09 -22.25
CA GLY A 293 11.65 -4.23 -23.10
C GLY A 293 11.92 -5.70 -23.38
N TYR A 294 12.80 -5.97 -24.35
CA TYR A 294 13.12 -7.32 -24.78
C TYR A 294 14.51 -7.73 -24.30
N SER A 295 14.65 -9.01 -23.95
CA SER A 295 15.98 -9.57 -23.68
C SER A 295 15.82 -11.09 -23.77
N GLY A 296 16.51 -11.90 -22.98
CA GLY A 296 16.26 -13.35 -23.03
C GLY A 296 16.58 -13.97 -24.38
N LEU A 297 17.53 -13.40 -25.12
CA LEU A 297 17.74 -13.79 -26.51
C LEU A 297 18.58 -15.06 -26.58
N THR A 298 18.10 -16.07 -27.29
CA THR A 298 18.84 -17.32 -27.46
C THR A 298 18.49 -17.95 -28.81
N VAL A 299 19.48 -18.54 -29.48
CA VAL A 299 19.23 -19.32 -30.70
C VAL A 299 19.46 -20.80 -30.40
N ASP A 300 18.68 -21.66 -31.06
CA ASP A 300 18.88 -23.11 -31.02
C ASP A 300 20.07 -23.49 -31.93
N ARG A 301 21.21 -23.83 -31.34
CA ARG A 301 22.39 -24.16 -32.14
C ARG A 301 22.18 -25.41 -32.99
N GLN A 302 21.27 -26.31 -32.59
CA GLN A 302 21.08 -27.50 -33.39
C GLN A 302 20.00 -27.35 -34.44
N LYS A 303 19.18 -26.31 -34.33
CA LYS A 303 18.11 -26.06 -35.29
C LYS A 303 18.12 -24.61 -35.77
N PRO A 304 19.12 -24.22 -36.58
CA PRO A 304 19.12 -22.84 -37.05
C PRO A 304 17.77 -22.46 -37.67
N GLY A 305 17.36 -21.22 -37.44
CA GLY A 305 16.03 -20.76 -37.76
C GLY A 305 15.17 -20.60 -36.51
N THR A 306 15.50 -21.31 -35.43
CA THR A 306 14.71 -21.27 -34.20
C THR A 306 15.39 -20.38 -33.19
N LEU A 307 14.62 -19.46 -32.60
CA LEU A 307 15.15 -18.61 -31.55
C LEU A 307 14.02 -18.27 -30.59
N MET A 308 14.39 -17.75 -29.42
CA MET A 308 13.43 -17.30 -28.44
C MET A 308 13.91 -15.99 -27.84
N VAL A 309 12.96 -15.21 -27.31
CA VAL A 309 13.27 -14.00 -26.54
C VAL A 309 12.24 -13.89 -25.43
N THR A 310 12.49 -12.95 -24.51
CA THR A 310 11.52 -12.63 -23.45
C THR A 310 11.14 -11.15 -23.42
N GLY A 311 9.92 -10.87 -22.92
CA GLY A 311 9.61 -9.53 -22.49
C GLY A 311 10.04 -9.45 -21.04
N TYR A 312 11.30 -9.10 -20.81
CA TYR A 312 11.90 -9.39 -19.52
C TYR A 312 11.27 -8.56 -18.41
N SER A 313 10.73 -7.38 -18.73
CA SER A 313 10.21 -6.48 -17.71
C SER A 313 8.69 -6.44 -17.69
N SER A 314 8.00 -7.45 -18.24
CA SER A 314 6.54 -7.55 -18.20
C SER A 314 6.13 -7.96 -16.77
N TRP A 315 5.54 -7.03 -16.02
CA TRP A 315 5.19 -7.31 -14.63
C TRP A 315 3.79 -7.87 -14.47
N TRP A 316 2.92 -7.71 -15.47
CA TRP A 316 1.50 -8.10 -15.37
C TRP A 316 1.02 -8.44 -16.76
N PRO A 317 0.28 -9.55 -16.95
CA PRO A 317 -0.16 -10.48 -15.91
C PRO A 317 0.96 -11.45 -15.47
N ASP A 318 2.02 -11.51 -16.28
CA ASP A 318 3.13 -12.43 -16.09
C ASP A 318 4.24 -11.97 -17.01
N THR A 319 5.39 -12.61 -16.90
CA THR A 319 6.38 -12.39 -17.94
C THR A 319 5.86 -12.96 -19.27
N GLN A 320 6.57 -12.70 -20.34
CA GLN A 320 6.18 -13.31 -21.60
C GLN A 320 7.40 -13.91 -22.26
N ILE A 321 7.22 -15.09 -22.85
CA ILE A 321 8.29 -15.79 -23.56
C ILE A 321 7.82 -16.02 -24.98
N PHE A 322 8.67 -15.70 -25.96
CA PHE A 322 8.34 -15.77 -27.37
C PHE A 322 9.28 -16.74 -28.07
N ARG A 323 8.78 -17.39 -29.12
CA ARG A 323 9.49 -18.42 -29.87
C ARG A 323 9.18 -18.29 -31.37
N SER A 324 10.22 -18.36 -32.19
CA SER A 324 10.13 -18.35 -33.66
C SER A 324 10.91 -19.54 -34.20
N THR A 325 10.35 -20.21 -35.19
CA THR A 325 11.08 -21.26 -35.87
C THR A 325 11.50 -20.86 -37.28
N ASP A 326 11.26 -19.61 -37.68
CA ASP A 326 11.52 -19.16 -39.04
C ASP A 326 12.31 -17.86 -39.02
N SER A 327 13.27 -17.75 -38.12
CA SER A 327 14.21 -16.62 -38.07
C SER A 327 13.50 -15.30 -37.82
N GLY A 328 12.41 -15.34 -37.06
CA GLY A 328 11.72 -14.13 -36.68
C GLY A 328 10.63 -13.69 -37.60
N ALA A 329 10.33 -14.46 -38.67
CA ALA A 329 9.23 -14.11 -39.56
C ALA A 329 7.87 -14.22 -38.86
N THR A 330 7.68 -15.27 -38.05
CA THR A 330 6.47 -15.40 -37.26
C THR A 330 6.82 -15.91 -35.86
N TRP A 331 5.96 -15.58 -34.88
CA TRP A 331 6.23 -15.85 -33.48
C TRP A 331 5.04 -16.54 -32.84
N THR A 332 5.30 -17.36 -31.83
CA THR A 332 4.26 -17.79 -30.89
C THR A 332 4.70 -17.47 -29.46
N ARG A 333 3.77 -17.60 -28.52
CA ARG A 333 3.95 -17.06 -27.18
C ARG A 333 3.63 -18.10 -26.14
N ALA A 334 4.21 -17.93 -24.95
CA ALA A 334 3.92 -18.85 -23.87
C ALA A 334 2.47 -18.74 -23.40
N TRP A 335 1.83 -17.59 -23.62
CA TRP A 335 0.42 -17.46 -23.26
C TRP A 335 -0.21 -16.38 -24.11
N ASP A 336 -1.53 -16.42 -24.19
CA ASP A 336 -2.24 -15.46 -25.03
C ASP A 336 -3.52 -15.03 -24.34
N PHE A 337 -3.87 -13.76 -24.50
CA PHE A 337 -5.22 -13.35 -24.13
C PHE A 337 -6.20 -13.95 -25.12
N THR A 338 -7.27 -14.52 -24.60
CA THR A 338 -8.36 -14.97 -25.46
C THR A 338 -9.43 -13.89 -25.52
N SER A 339 -10.39 -13.93 -24.62
CA SER A 339 -11.33 -12.83 -24.41
CA SER A 339 -11.33 -12.84 -24.40
C SER A 339 -10.82 -12.04 -23.20
N TYR A 340 -10.21 -10.87 -23.50
CA TYR A 340 -9.59 -10.03 -22.48
C TYR A 340 -10.52 -9.83 -21.29
N PRO A 341 -10.06 -10.09 -20.04
CA PRO A 341 -8.67 -10.39 -19.71
C PRO A 341 -8.28 -11.87 -19.58
N ASN A 342 -9.09 -12.81 -20.10
CA ASN A 342 -8.76 -14.22 -19.88
C ASN A 342 -7.67 -14.69 -20.84
N ARG A 343 -7.01 -15.77 -20.43
CA ARG A 343 -5.73 -16.17 -21.03
C ARG A 343 -5.69 -17.65 -21.33
N SER A 344 -4.99 -17.95 -22.42
CA SER A 344 -4.59 -19.26 -22.91
C SER A 344 -3.15 -19.55 -22.51
N LEU A 345 -2.87 -20.74 -21.98
CA LEU A 345 -1.51 -21.13 -21.60
C LEU A 345 -0.95 -22.19 -22.55
N ARG A 346 0.33 -22.07 -22.90
CA ARG A 346 1.09 -23.02 -23.70
C ARG A 346 2.04 -23.88 -22.86
N TYR A 347 1.85 -23.89 -21.54
CA TYR A 347 2.80 -24.51 -20.62
C TYR A 347 2.04 -24.99 -19.38
N THR A 348 2.65 -25.94 -18.67
CA THR A 348 2.28 -26.21 -17.28
C THR A 348 3.51 -26.01 -16.40
N GLN A 349 3.25 -25.82 -15.11
CA GLN A 349 4.33 -25.46 -14.20
C GLN A 349 4.12 -26.18 -12.88
N ASP A 350 5.16 -26.87 -12.41
CA ASP A 350 5.06 -27.68 -11.21
C ASP A 350 6.17 -27.23 -10.27
N VAL A 351 5.79 -26.63 -9.14
CA VAL A 351 6.77 -26.17 -8.18
C VAL A 351 6.64 -27.01 -6.91
N SER A 352 6.20 -28.27 -7.04
CA SER A 352 6.10 -29.10 -5.85
C SER A 352 7.46 -29.35 -5.21
N SER A 353 8.56 -29.27 -5.98
CA SER A 353 9.88 -29.43 -5.38
C SER A 353 10.39 -28.18 -4.68
N VAL A 354 9.86 -27.00 -5.00
CA VAL A 354 10.17 -25.78 -4.26
C VAL A 354 8.84 -25.13 -3.88
N PRO A 355 8.09 -25.70 -2.94
CA PRO A 355 6.67 -25.30 -2.78
C PRO A 355 6.46 -23.86 -2.42
N TRP A 356 7.43 -23.21 -1.78
CA TRP A 356 7.22 -21.84 -1.31
C TRP A 356 7.13 -20.84 -2.46
N LEU A 357 7.38 -21.26 -3.71
CA LEU A 357 7.40 -20.33 -4.84
C LEU A 357 6.03 -19.72 -5.14
N THR A 358 4.95 -20.12 -4.47
CA THR A 358 3.70 -19.36 -4.61
C THR A 358 3.73 -18.05 -3.85
N PHE A 359 4.73 -17.81 -3.00
CA PHE A 359 4.81 -16.59 -2.18
C PHE A 359 3.58 -16.40 -1.32
N GLY A 360 2.79 -17.45 -1.13
CA GLY A 360 1.65 -17.37 -0.25
C GLY A 360 0.59 -16.39 -0.70
N THR A 361 0.50 -16.12 -1.99
CA THR A 361 -0.44 -15.13 -2.47
C THR A 361 -1.68 -15.78 -3.04
N ASN A 362 -2.69 -14.95 -3.29
CA ASN A 362 -3.92 -15.35 -3.93
C ASN A 362 -4.28 -14.29 -4.98
N PRO A 363 -3.54 -14.24 -6.09
CA PRO A 363 -3.69 -13.12 -7.01
C PRO A 363 -5.01 -13.22 -7.77
N THR A 364 -5.45 -12.05 -8.27
CA THR A 364 -6.68 -11.96 -9.05
C THR A 364 -6.42 -12.36 -10.50
N PRO A 365 -7.22 -13.28 -11.06
CA PRO A 365 -7.13 -13.57 -12.52
C PRO A 365 -7.13 -12.28 -13.33
N PRO A 366 -6.35 -12.22 -14.41
CA PRO A 366 -5.57 -13.29 -15.07
C PRO A 366 -4.24 -13.68 -14.42
N GLU A 367 -3.83 -13.02 -13.36
CA GLU A 367 -2.59 -13.41 -12.69
C GLU A 367 -2.76 -14.77 -12.03
N VAL A 368 -1.68 -15.54 -11.99
CA VAL A 368 -1.67 -16.81 -11.27
C VAL A 368 -0.44 -16.90 -10.38
N THR A 369 -0.50 -17.82 -9.40
CA THR A 369 0.68 -18.10 -8.60
C THR A 369 0.90 -19.61 -8.61
N PRO A 370 2.14 -20.07 -8.83
CA PRO A 370 3.33 -19.25 -9.10
C PRO A 370 3.33 -18.63 -10.49
N LYS A 371 4.03 -17.51 -10.64
CA LYS A 371 4.16 -16.87 -11.95
C LYS A 371 5.08 -17.66 -12.86
N LEU A 372 4.78 -17.60 -14.17
CA LEU A 372 5.75 -18.04 -15.17
C LEU A 372 7.12 -17.43 -14.89
N GLY A 373 7.18 -16.15 -14.58
CA GLY A 373 8.43 -15.55 -14.16
C GLY A 373 8.33 -14.04 -14.10
N TRP A 374 9.48 -13.44 -13.80
CA TRP A 374 9.69 -12.00 -13.86
C TRP A 374 11.19 -11.78 -13.90
N MET A 375 11.60 -10.59 -14.39
CA MET A 375 13.01 -10.24 -14.55
C MET A 375 13.77 -11.28 -15.39
N THR A 376 13.17 -11.72 -16.48
CA THR A 376 13.68 -12.87 -17.25
C THR A 376 14.70 -12.41 -18.31
N GLU A 377 15.77 -11.78 -17.83
CA GLU A 377 16.84 -11.40 -18.74
C GLU A 377 17.54 -12.61 -19.30
N ALA A 378 17.63 -13.70 -18.54
CA ALA A 378 18.43 -14.86 -18.95
C ALA A 378 17.51 -15.99 -19.40
N LEU A 379 17.63 -16.40 -20.66
CA LEU A 379 16.88 -17.52 -21.23
C LEU A 379 17.80 -18.19 -22.24
N GLU A 380 17.93 -19.51 -22.17
CA GLU A 380 18.94 -20.21 -22.97
C GLU A 380 18.43 -21.55 -23.43
N ILE A 381 18.51 -21.81 -24.74
CA ILE A 381 18.32 -23.16 -25.25
C ILE A 381 19.62 -23.93 -25.15
N ASP A 382 19.55 -25.16 -24.66
CA ASP A 382 20.68 -26.06 -24.56
C ASP A 382 21.25 -26.31 -25.96
N PRO A 383 22.52 -25.91 -26.22
CA PRO A 383 23.12 -26.12 -27.55
C PRO A 383 23.20 -27.57 -27.98
N PHE A 384 23.05 -28.50 -27.04
CA PHE A 384 23.15 -29.92 -27.36
C PHE A 384 21.83 -30.67 -27.16
N ASP A 385 20.73 -29.95 -26.90
CA ASP A 385 19.42 -30.59 -26.69
C ASP A 385 18.35 -29.54 -27.00
N SER A 386 17.76 -29.63 -28.19
CA SER A 386 16.72 -28.68 -28.58
C SER A 386 15.51 -28.73 -27.65
N ASN A 387 15.31 -29.82 -26.91
CA ASN A 387 14.15 -29.91 -26.01
C ASN A 387 14.38 -29.33 -24.62
N ARG A 388 15.59 -28.85 -24.30
CA ARG A 388 15.83 -28.27 -22.99
C ARG A 388 16.11 -26.76 -23.10
N MET A 389 15.53 -26.02 -22.19
CA MET A 389 15.80 -24.61 -22.01
C MET A 389 15.80 -24.28 -20.50
N MET A 390 16.49 -23.25 -20.11
CA MET A 390 16.49 -22.78 -18.74
C MET A 390 16.36 -21.27 -18.77
N TYR A 391 15.70 -20.69 -17.76
CA TYR A 391 15.65 -19.24 -17.67
C TYR A 391 15.67 -18.79 -16.21
N GLY A 392 16.14 -17.56 -16.00
CA GLY A 392 16.27 -17.02 -14.66
C GLY A 392 15.14 -16.05 -14.37
N THR A 393 14.75 -15.99 -13.10
CA THR A 393 13.81 -15.00 -12.61
C THR A 393 14.41 -14.28 -11.42
N GLY A 394 13.61 -13.41 -10.81
CA GLY A 394 13.96 -12.76 -9.55
C GLY A 394 13.94 -13.64 -8.34
N ALA A 395 13.53 -14.92 -8.46
CA ALA A 395 13.51 -15.83 -7.33
C ALA A 395 14.09 -17.22 -7.57
N THR A 396 14.34 -17.63 -8.81
CA THR A 396 14.62 -19.05 -9.10
C THR A 396 15.17 -19.21 -10.51
N VAL A 397 15.43 -20.47 -10.89
CA VAL A 397 15.71 -20.86 -12.28
C VAL A 397 14.68 -21.90 -12.66
N TYR A 398 13.98 -21.64 -13.75
CA TYR A 398 13.00 -22.56 -14.30
C TYR A 398 13.56 -23.25 -15.53
N GLY A 399 13.06 -24.45 -15.80
CA GLY A 399 13.52 -25.15 -16.99
C GLY A 399 12.50 -26.13 -17.50
N THR A 400 12.75 -26.58 -18.72
CA THR A 400 11.90 -27.59 -19.34
C THR A 400 12.78 -28.58 -20.07
N GLU A 401 12.28 -29.82 -20.20
CA GLU A 401 12.95 -30.87 -20.94
C GLU A 401 12.12 -31.37 -22.12
N ASN A 402 10.99 -30.74 -22.45
CA ASN A 402 10.20 -31.13 -23.62
C ASN A 402 9.78 -29.90 -24.41
N LEU A 403 10.75 -29.01 -24.67
CA LEU A 403 10.47 -27.73 -25.34
C LEU A 403 9.85 -27.92 -26.71
N GLY A 404 10.11 -29.04 -27.39
CA GLY A 404 9.58 -29.25 -28.73
C GLY A 404 8.08 -29.32 -28.77
N ASN A 405 7.44 -29.68 -27.64
CA ASN A 405 5.98 -29.72 -27.58
C ASN A 405 5.39 -28.39 -28.01
N TRP A 406 6.10 -27.30 -27.73
CA TRP A 406 5.71 -25.98 -28.21
C TRP A 406 5.45 -26.00 -29.71
N ASP A 407 6.34 -26.64 -30.47
CA ASP A 407 6.26 -26.59 -31.93
C ASP A 407 5.23 -27.53 -32.51
N THR A 408 4.84 -28.57 -31.77
CA THR A 408 3.85 -29.51 -32.27
C THR A 408 2.46 -29.23 -31.70
N GLY A 409 2.26 -28.08 -31.07
CA GLY A 409 0.95 -27.70 -30.57
C GLY A 409 0.61 -28.24 -29.21
N GLY A 410 1.56 -28.80 -28.48
CA GLY A 410 1.35 -29.30 -27.14
C GLY A 410 1.65 -28.24 -26.12
N LYS A 411 1.87 -28.68 -24.88
CA LYS A 411 2.32 -27.78 -23.82
C LYS A 411 3.67 -28.25 -23.28
N ILE A 412 4.56 -27.29 -22.99
CA ILE A 412 5.83 -27.64 -22.38
C ILE A 412 5.65 -27.74 -20.88
N ALA A 413 6.47 -28.57 -20.25
CA ALA A 413 6.39 -28.77 -18.81
C ALA A 413 7.55 -28.05 -18.13
N ILE A 414 7.22 -27.10 -17.24
CA ILE A 414 8.25 -26.30 -16.58
C ILE A 414 8.32 -26.70 -15.11
N THR A 415 9.53 -26.81 -14.58
CA THR A 415 9.88 -27.17 -13.21
C THR A 415 11.05 -26.31 -12.76
N PRO A 416 11.24 -26.09 -11.45
CA PRO A 416 12.48 -25.41 -11.01
C PRO A 416 13.70 -26.29 -11.25
N MET A 417 14.79 -25.65 -11.68
CA MET A 417 16.08 -26.29 -11.89
C MET A 417 17.11 -25.46 -11.14
N ILE A 418 17.07 -25.59 -9.80
CA ILE A 418 17.58 -24.56 -8.91
C ILE A 418 18.32 -25.20 -7.72
N ARG A 419 18.11 -26.50 -7.50
CA ARG A 419 18.72 -27.18 -6.35
C ARG A 419 20.22 -26.95 -6.29
N GLY A 420 20.71 -26.67 -5.07
CA GLY A 420 22.09 -26.29 -4.83
C GLY A 420 22.43 -24.84 -5.07
N LEU A 421 21.64 -24.10 -5.85
CA LEU A 421 21.92 -22.68 -6.12
C LEU A 421 21.26 -21.87 -5.00
N GLU A 422 22.05 -21.47 -3.99
CA GLU A 422 21.51 -20.89 -2.75
C GLU A 422 21.92 -19.43 -2.71
N GLU A 423 20.92 -18.51 -2.87
CA GLU A 423 21.17 -17.10 -3.15
C GLU A 423 20.72 -16.11 -2.08
N THR A 424 20.09 -16.53 -0.98
CA THR A 424 19.46 -15.59 -0.06
C THR A 424 20.47 -14.73 0.66
N ALA A 425 20.06 -13.50 0.99
CA ALA A 425 20.68 -12.66 2.01
C ALA A 425 20.01 -12.98 3.35
N VAL A 426 20.80 -13.47 4.32
CA VAL A 426 20.28 -13.91 5.61
C VAL A 426 20.51 -12.80 6.64
N ASN A 427 19.45 -12.40 7.32
CA ASN A 427 19.58 -11.32 8.29
C ASN A 427 19.73 -11.80 9.71
N ASP A 428 19.10 -12.93 10.07
CA ASP A 428 19.04 -13.34 11.47
C ASP A 428 18.68 -14.83 11.49
N LEU A 429 19.11 -15.51 12.55
CA LEU A 429 18.94 -16.94 12.69
C LEU A 429 18.64 -17.27 14.15
N ALA A 430 17.76 -18.26 14.39
CA ALA A 430 17.55 -18.73 15.75
C ALA A 430 17.43 -20.24 15.74
N SER A 431 18.07 -20.89 16.69
CA SER A 431 17.97 -22.35 16.83
C SER A 431 17.51 -22.59 18.27
N PRO A 432 16.20 -22.65 18.50
CA PRO A 432 15.69 -22.73 19.89
C PRO A 432 15.97 -24.11 20.48
N PRO A 433 15.86 -24.27 21.80
CA PRO A 433 16.18 -25.56 22.42
C PRO A 433 15.13 -26.66 22.26
N THR A 434 13.92 -26.34 21.81
CA THR A 434 12.95 -27.38 21.46
C THR A 434 12.19 -26.87 20.24
N GLY A 435 11.43 -27.75 19.61
CA GLY A 435 10.78 -27.39 18.37
C GLY A 435 11.72 -27.56 17.18
N ALA A 436 11.41 -26.82 16.12
CA ALA A 436 12.17 -26.95 14.89
C ALA A 436 13.63 -26.57 15.13
N PRO A 437 14.56 -27.16 14.37
CA PRO A 437 15.99 -26.85 14.60
C PRO A 437 16.39 -25.42 14.20
N LEU A 438 15.63 -24.72 13.35
CA LEU A 438 16.09 -23.41 12.90
C LEU A 438 14.92 -22.57 12.39
N LEU A 439 14.96 -21.28 12.72
CA LEU A 439 14.09 -20.26 12.13
C LEU A 439 14.97 -19.20 11.51
N SER A 440 14.67 -18.85 10.27
CA SER A 440 15.48 -17.99 9.40
C SER A 440 14.81 -16.63 9.16
N ALA A 441 15.58 -15.56 9.03
CA ALA A 441 15.11 -14.25 8.59
C ALA A 441 15.86 -13.87 7.31
N LEU A 442 15.11 -13.73 6.19
CA LEU A 442 15.69 -13.65 4.85
C LEU A 442 15.21 -12.41 4.10
N GLY A 443 16.07 -11.87 3.25
CA GLY A 443 15.64 -10.90 2.25
C GLY A 443 14.74 -11.53 1.17
N ASP A 444 13.74 -10.74 0.71
CA ASP A 444 12.91 -10.99 -0.48
C ASP A 444 11.88 -12.11 -0.33
N ILE A 445 12.20 -13.18 0.38
CA ILE A 445 11.30 -14.31 0.56
C ILE A 445 10.92 -14.53 2.02
N GLY A 446 11.17 -13.54 2.88
CA GLY A 446 10.68 -13.62 4.24
C GLY A 446 11.52 -14.46 5.18
N GLY A 447 11.53 -15.78 4.99
CA GLY A 447 12.16 -16.71 5.91
C GLY A 447 11.25 -17.87 6.23
N PHE A 448 11.77 -18.80 7.03
CA PHE A 448 11.09 -20.08 7.22
C PHE A 448 11.30 -20.63 8.62
N ARG A 449 10.32 -21.42 9.06
CA ARG A 449 10.50 -22.44 10.09
C ARG A 449 11.05 -23.69 9.38
N HIS A 450 12.30 -24.01 9.65
CA HIS A 450 12.99 -25.17 9.06
C HIS A 450 12.75 -26.42 9.92
N THR A 451 11.70 -27.19 9.60
CA THR A 451 11.39 -28.44 10.29
C THR A 451 12.43 -29.54 9.99
N ASP A 452 13.01 -29.49 8.79
CA ASP A 452 13.99 -30.46 8.32
C ASP A 452 15.07 -29.67 7.58
N LEU A 453 16.27 -29.59 8.16
CA LEU A 453 17.36 -28.84 7.54
C LEU A 453 17.70 -29.37 6.15
N ASP A 454 17.29 -30.59 5.82
CA ASP A 454 17.60 -31.19 4.54
C ASP A 454 16.42 -31.24 3.60
N ALA A 455 15.34 -30.51 3.90
CA ALA A 455 14.18 -30.46 3.00
C ALA A 455 13.75 -29.02 2.80
N VAL A 456 13.27 -28.69 1.60
CA VAL A 456 12.78 -27.32 1.36
C VAL A 456 11.54 -27.10 2.23
N PRO A 457 11.42 -25.98 2.97
CA PRO A 457 10.18 -25.74 3.73
C PRO A 457 8.98 -25.56 2.82
N ALA A 458 7.79 -25.92 3.34
CA ALA A 458 6.57 -25.91 2.55
C ALA A 458 6.14 -24.50 2.15
N ARG A 459 6.48 -23.51 2.98
CA ARG A 459 5.95 -22.16 2.85
C ARG A 459 6.82 -21.22 3.67
N MET A 460 7.02 -20.02 3.14
CA MET A 460 7.60 -18.95 3.93
C MET A 460 6.61 -18.51 5.02
N TYR A 461 7.05 -17.61 5.87
CA TYR A 461 6.15 -16.96 6.83
C TYR A 461 4.98 -16.29 6.12
N THR A 462 3.77 -16.57 6.57
CA THR A 462 2.59 -15.93 6.01
C THR A 462 1.66 -15.47 7.14
N SER A 463 0.64 -14.68 6.75
CA SER A 463 -0.41 -14.20 7.66
CA SER A 463 -0.40 -14.23 7.67
C SER A 463 0.16 -13.54 8.92
N PRO A 464 0.98 -12.47 8.76
CA PRO A 464 1.26 -11.78 7.49
C PRO A 464 2.57 -12.20 6.83
N THR A 465 2.61 -11.99 5.52
CA THR A 465 3.87 -12.11 4.78
C THR A 465 4.68 -10.84 4.95
N PHE A 466 6.00 -11.00 5.02
CA PHE A 466 6.96 -9.91 5.00
C PHE A 466 7.74 -10.03 3.69
N THR A 467 7.99 -8.91 3.01
CA THR A 467 8.98 -8.98 1.92
C THR A 467 10.29 -9.51 2.47
N THR A 468 10.76 -8.92 3.57
CA THR A 468 12.04 -9.26 4.20
C THR A 468 11.84 -9.29 5.71
N THR A 469 12.36 -10.33 6.37
CA THR A 469 12.40 -10.33 7.83
C THR A 469 13.76 -9.81 8.27
N THR A 470 13.76 -8.83 9.18
CA THR A 470 15.03 -8.28 9.65
C THR A 470 15.48 -8.84 10.99
N SER A 471 14.55 -9.30 11.84
CA SER A 471 14.98 -9.77 13.14
C SER A 471 13.88 -10.62 13.72
N LEU A 472 14.28 -11.68 14.44
CA LEU A 472 13.31 -12.57 15.06
C LEU A 472 13.83 -12.98 16.44
N ASP A 473 12.91 -13.43 17.30
CA ASP A 473 13.26 -13.89 18.63
C ASP A 473 12.20 -14.88 19.08
N TYR A 474 12.54 -15.63 20.11
CA TYR A 474 11.64 -16.58 20.76
C TYR A 474 11.80 -16.46 22.26
N ALA A 475 10.80 -16.93 22.99
CA ALA A 475 10.86 -16.91 24.45
C ALA A 475 11.75 -18.06 24.90
N GLU A 476 12.85 -17.75 25.59
CA GLU A 476 13.80 -18.80 25.95
C GLU A 476 13.10 -19.93 26.71
N THR A 477 12.24 -19.59 27.68
CA THR A 477 11.60 -20.65 28.47
C THR A 477 10.38 -21.29 27.80
N ASN A 478 9.90 -20.76 26.67
CA ASN A 478 8.88 -21.46 25.88
C ASN A 478 9.05 -21.10 24.42
N PRO A 479 9.81 -21.91 23.67
CA PRO A 479 10.06 -21.60 22.27
C PRO A 479 8.86 -21.77 21.36
N ASN A 480 7.69 -22.15 21.89
CA ASN A 480 6.47 -22.06 21.10
C ASN A 480 6.09 -20.61 20.78
N THR A 481 6.53 -19.68 21.61
CA THR A 481 6.28 -18.25 21.41
C THR A 481 7.43 -17.62 20.63
N VAL A 482 7.10 -17.04 19.47
CA VAL A 482 8.04 -16.50 18.49
C VAL A 482 7.52 -15.14 18.03
N VAL A 483 8.43 -14.21 17.74
CA VAL A 483 8.11 -12.90 17.19
C VAL A 483 9.05 -12.62 16.02
N ARG A 484 8.55 -11.91 15.02
CA ARG A 484 9.41 -11.44 13.93
C ARG A 484 8.97 -10.05 13.51
N VAL A 485 9.92 -9.27 13.03
CA VAL A 485 9.60 -7.99 12.40
C VAL A 485 10.37 -7.89 11.09
N GLY A 486 9.85 -7.06 10.20
CA GLY A 486 10.39 -7.00 8.86
C GLY A 486 9.88 -5.80 8.10
N ASN A 487 10.16 -5.80 6.80
CA ASN A 487 9.86 -4.73 5.86
C ASN A 487 8.66 -5.10 4.98
N ASN A 488 7.88 -4.08 4.61
CA ASN A 488 6.60 -4.13 3.91
C ASN A 488 6.25 -2.69 3.58
N ASP A 489 5.58 -2.49 2.45
CA ASP A 489 5.11 -1.15 2.10
C ASP A 489 4.08 -0.62 3.09
N SER A 490 3.26 -1.50 3.68
CA SER A 490 2.26 -1.09 4.65
C SER A 490 2.21 -2.07 5.81
N ALA A 491 1.52 -1.64 6.88
CA ALA A 491 1.33 -2.46 8.07
C ALA A 491 0.66 -3.79 7.67
N PRO A 492 0.97 -4.90 8.38
CA PRO A 492 1.81 -4.97 9.58
C PRO A 492 3.27 -5.30 9.31
N ARG A 493 4.15 -4.81 10.19
CA ARG A 493 5.57 -5.15 10.12
C ARG A 493 6.02 -5.91 11.36
N ILE A 494 5.08 -6.46 12.15
CA ILE A 494 5.42 -7.36 13.25
C ILE A 494 4.40 -8.50 13.26
N ALA A 495 4.85 -9.69 13.65
CA ALA A 495 3.97 -10.86 13.71
C ALA A 495 4.43 -11.76 14.86
N PHE A 496 3.50 -12.57 15.39
CA PHE A 496 3.78 -13.45 16.52
C PHE A 496 3.30 -14.85 16.20
N SER A 497 3.83 -15.83 16.95
CA SER A 497 3.35 -17.20 16.83
C SER A 497 3.34 -17.81 18.22
N THR A 498 2.33 -18.64 18.48
CA THR A 498 2.28 -19.44 19.70
C THR A 498 2.52 -20.92 19.42
N ASP A 499 2.86 -21.28 18.20
CA ASP A 499 3.13 -22.69 17.94
C ASP A 499 4.50 -22.87 17.25
N ASN A 500 5.52 -22.17 17.75
CA ASN A 500 6.91 -22.38 17.34
C ASN A 500 7.11 -21.98 15.88
N GLY A 501 6.28 -21.05 15.41
CA GLY A 501 6.48 -20.48 14.10
C GLY A 501 5.83 -21.22 12.96
N ALA A 502 4.94 -22.20 13.25
CA ALA A 502 4.20 -22.88 12.19
C ALA A 502 3.08 -22.01 11.62
N ASN A 503 2.41 -21.23 12.49
CA ASN A 503 1.35 -20.32 12.09
C ASN A 503 1.53 -19.01 12.85
N TRP A 504 1.14 -17.90 12.21
CA TRP A 504 1.44 -16.55 12.71
C TRP A 504 0.15 -15.75 12.81
N PHE A 505 0.25 -14.62 13.52
CA PHE A 505 -0.80 -13.61 13.50
C PHE A 505 -0.13 -12.26 13.69
N GLN A 506 -0.73 -11.20 13.16
CA GLN A 506 -0.10 -9.89 13.24
C GLN A 506 -0.38 -9.21 14.58
N GLY A 507 0.39 -8.14 14.83
CA GLY A 507 0.09 -7.21 15.89
C GLY A 507 -0.41 -5.87 15.37
N SER A 508 -0.60 -4.93 16.31
CA SER A 508 -0.74 -3.53 15.93
C SER A 508 0.64 -2.87 15.93
N GLU A 509 0.71 -1.64 15.41
CA GLU A 509 1.99 -0.96 15.23
C GLU A 509 2.05 0.32 16.05
N PRO A 510 3.20 0.63 16.62
CA PRO A 510 3.39 1.98 17.18
C PRO A 510 3.51 3.00 16.08
N SER A 511 3.69 4.26 16.47
CA SER A 511 3.71 5.39 15.54
C SER A 511 4.91 5.34 14.58
N GLY A 512 4.68 5.73 13.32
CA GLY A 512 5.81 6.05 12.44
C GLY A 512 6.70 4.91 11.96
N VAL A 513 6.30 3.64 12.07
CA VAL A 513 7.15 2.56 11.55
C VAL A 513 7.27 2.63 10.05
N THR A 514 8.50 2.47 9.54
CA THR A 514 8.74 2.28 8.10
C THR A 514 9.44 0.97 7.75
N GLY A 515 9.86 0.18 8.73
CA GLY A 515 10.57 -1.06 8.44
C GLY A 515 10.84 -1.81 9.73
N GLY A 516 11.48 -2.98 9.59
CA GLY A 516 11.56 -3.92 10.71
C GLY A 516 12.40 -3.47 11.90
N GLY A 517 13.65 -3.04 11.65
CA GLY A 517 14.57 -2.82 12.79
C GLY A 517 14.82 -4.13 13.55
N THR A 518 14.87 -4.08 14.89
CA THR A 518 15.16 -5.29 15.68
C THR A 518 14.08 -5.48 16.73
N VAL A 519 13.92 -6.71 17.22
CA VAL A 519 12.86 -7.03 18.18
C VAL A 519 13.40 -8.05 19.17
N ALA A 520 12.82 -8.05 20.38
CA ALA A 520 13.26 -8.91 21.47
C ALA A 520 12.06 -9.40 22.27
N ALA A 521 12.09 -10.70 22.62
CA ALA A 521 11.02 -11.37 23.36
C ALA A 521 11.44 -11.61 24.82
N ALA A 522 10.55 -11.25 25.78
CA ALA A 522 10.79 -11.58 27.18
C ALA A 522 11.03 -13.08 27.32
N ALA A 523 11.84 -13.44 28.31
CA ALA A 523 12.22 -14.84 28.49
C ALA A 523 11.01 -15.74 28.74
N ASP A 524 9.94 -15.22 29.36
CA ASP A 524 8.74 -16.02 29.61
C ASP A 524 7.65 -15.82 28.54
N GLY A 525 7.93 -15.08 27.47
CA GLY A 525 6.93 -14.82 26.45
C GLY A 525 5.85 -13.82 26.81
N SER A 526 5.99 -13.07 27.90
CA SER A 526 4.93 -12.21 28.39
C SER A 526 4.86 -10.83 27.69
N GLY A 527 5.89 -10.43 26.95
CA GLY A 527 5.93 -9.10 26.36
C GLY A 527 7.16 -8.97 25.48
N PHE A 528 7.28 -7.80 24.83
CA PHE A 528 8.23 -7.64 23.73
C PHE A 528 8.67 -6.19 23.69
N VAL A 529 9.87 -6.00 23.14
CA VAL A 529 10.48 -4.69 22.90
C VAL A 529 10.81 -4.59 21.42
N TRP A 530 10.32 -3.52 20.77
CA TRP A 530 10.48 -3.33 19.32
C TRP A 530 11.15 -1.98 19.04
N ALA A 531 12.29 -2.02 18.37
CA ALA A 531 13.02 -0.84 17.91
C ALA A 531 12.85 -0.74 16.40
N PRO A 532 11.72 -0.21 15.90
CA PRO A 532 11.47 -0.22 14.45
C PRO A 532 12.36 0.77 13.70
N GLU A 533 12.45 0.59 12.39
CA GLU A 533 13.03 1.64 11.58
CA GLU A 533 13.02 1.62 11.52
C GLU A 533 11.99 2.74 11.34
N GLY A 534 12.48 3.96 11.20
CA GLY A 534 11.63 5.12 10.95
C GLY A 534 11.06 5.80 12.18
N SER A 535 10.64 5.00 13.15
CA SER A 535 9.94 5.59 14.28
C SER A 535 10.89 6.42 15.14
N SER A 536 10.28 7.29 15.93
CA SER A 536 11.04 8.26 16.71
C SER A 536 11.41 7.75 18.10
N ALA A 537 11.10 6.49 18.42
CA ALA A 537 11.40 5.92 19.73
C ALA A 537 11.51 4.41 19.60
N VAL A 538 11.83 3.75 20.76
CA VAL A 538 11.72 2.30 20.99
C VAL A 538 10.43 2.10 21.78
N TYR A 539 9.74 0.96 21.59
CA TYR A 539 8.44 0.67 22.21
C TYR A 539 8.40 -0.70 22.88
N HIS A 540 7.51 -0.85 23.87
CA HIS A 540 7.37 -2.15 24.52
C HIS A 540 5.89 -2.46 24.66
N THR A 541 5.60 -3.75 24.71
CA THR A 541 4.22 -4.20 24.81
C THR A 541 4.17 -5.38 25.76
N THR A 542 3.06 -5.46 26.51
CA THR A 542 2.73 -6.63 27.30
C THR A 542 1.66 -7.41 26.55
N GLY A 543 1.93 -8.69 26.28
CA GLY A 543 1.03 -9.46 25.43
C GLY A 543 1.41 -9.28 23.98
N PHE A 544 0.50 -9.62 23.08
CA PHE A 544 0.88 -9.71 21.65
C PHE A 544 0.72 -8.38 20.89
N GLY A 545 1.29 -7.30 21.40
CA GLY A 545 1.32 -6.07 20.62
C GLY A 545 -0.04 -5.45 20.34
N ASN A 546 -0.98 -5.55 21.28
CA ASN A 546 -2.24 -4.84 21.11
C ASN A 546 -2.13 -3.37 21.51
N SER A 547 -1.22 -3.06 22.42
CA SER A 547 -1.08 -1.73 22.99
C SER A 547 0.41 -1.49 23.15
N TRP A 548 0.98 -0.41 22.59
CA TRP A 548 2.40 -0.09 22.75
C TRP A 548 2.57 1.17 23.59
N SER A 549 3.70 1.22 24.31
CA SER A 549 4.16 2.45 24.96
C SER A 549 5.63 2.68 24.64
N VAL A 550 6.05 3.96 24.72
CA VAL A 550 7.45 4.32 24.48
C VAL A 550 8.32 3.74 25.58
N SER A 551 9.46 3.16 25.18
CA SER A 551 10.49 2.81 26.15
C SER A 551 11.33 4.05 26.39
N SER A 552 11.27 4.61 27.61
CA SER A 552 12.07 5.83 27.80
C SER A 552 13.54 5.49 28.07
N GLY A 553 14.41 6.48 27.79
CA GLY A 553 15.84 6.38 28.07
C GLY A 553 16.68 5.56 27.11
N ILE A 554 16.13 5.10 25.99
CA ILE A 554 16.92 4.39 24.98
C ILE A 554 16.66 5.09 23.65
N PRO A 555 17.68 5.30 22.82
CA PRO A 555 17.47 6.05 21.57
C PRO A 555 16.80 5.21 20.50
N ALA A 556 16.01 5.88 19.65
CA ALA A 556 15.42 5.24 18.48
C ALA A 556 16.49 4.51 17.65
N GLY A 557 16.12 3.35 17.11
CA GLY A 557 17.06 2.60 16.29
C GLY A 557 18.17 1.86 17.01
N ALA A 558 18.14 1.77 18.34
CA ALA A 558 19.11 0.91 19.01
C ALA A 558 18.87 -0.55 18.62
N VAL A 559 19.92 -1.36 18.73
CA VAL A 559 19.87 -2.83 18.71
C VAL A 559 19.27 -3.33 20.03
N VAL A 560 18.15 -4.07 20.01
CA VAL A 560 17.53 -4.54 21.25
C VAL A 560 17.66 -6.06 21.36
N GLU A 561 17.87 -6.54 22.60
CA GLU A 561 17.98 -7.96 22.94
C GLU A 561 17.32 -8.19 24.28
N SER A 562 16.99 -9.45 24.59
CA SER A 562 16.33 -9.84 25.83
C SER A 562 17.29 -10.64 26.70
N ASP A 563 17.25 -10.48 28.03
CA ASP A 563 17.89 -11.46 28.90
C ASP A 563 17.19 -12.81 28.73
N ARG A 564 18.00 -13.86 28.67
CA ARG A 564 17.43 -15.18 28.52
C ARG A 564 16.77 -15.75 29.78
N LYS A 565 17.19 -15.31 30.96
CA LYS A 565 16.67 -15.91 32.20
C LYS A 565 15.75 -14.99 32.98
N ASN A 566 16.01 -13.68 33.02
CA ASN A 566 15.17 -12.77 33.79
C ASN A 566 14.17 -12.11 32.85
N PRO A 567 12.90 -12.47 32.93
CA PRO A 567 11.96 -11.95 31.93
C PRO A 567 11.85 -10.43 31.92
N LYS A 568 12.19 -9.79 33.03
CA LYS A 568 12.03 -8.36 33.21
C LYS A 568 13.25 -7.57 32.73
N LYS A 569 14.25 -8.28 32.21
CA LYS A 569 15.49 -7.63 31.83
C LYS A 569 15.64 -7.60 30.31
N PHE A 570 15.81 -6.38 29.75
CA PHE A 570 16.08 -6.18 28.32
C PHE A 570 17.29 -5.27 28.16
N TYR A 571 17.86 -5.28 26.96
CA TYR A 571 19.12 -4.58 26.67
C TYR A 571 19.05 -3.86 25.33
N GLY A 572 19.82 -2.78 25.23
CA GLY A 572 19.97 -2.08 23.95
C GLY A 572 21.42 -1.66 23.76
N PHE A 573 21.80 -1.47 22.48
CA PHE A 573 23.11 -0.90 22.18
C PHE A 573 22.99 0.05 21.00
N LYS A 574 23.59 1.23 21.13
CA LYS A 574 23.71 2.12 19.99
C LYS A 574 24.89 3.07 20.18
N ALA A 575 25.71 3.22 19.14
CA ALA A 575 26.71 4.29 19.09
C ALA A 575 27.63 4.28 20.30
N GLY A 576 28.09 3.10 20.68
CA GLY A 576 29.03 2.98 21.78
C GLY A 576 28.42 2.99 23.18
N THR A 577 27.11 3.06 23.32
CA THR A 577 26.52 3.06 24.67
C THR A 577 25.62 1.83 24.83
N PHE A 578 25.78 1.13 25.94
CA PHE A 578 24.94 -0.01 26.31
C PHE A 578 23.83 0.44 27.26
N TYR A 579 22.60 -0.04 27.01
CA TYR A 579 21.42 0.37 27.76
C TYR A 579 20.77 -0.83 28.42
N VAL A 580 20.20 -0.65 29.61
CA VAL A 580 19.64 -1.73 30.41
C VAL A 580 18.26 -1.32 30.94
N SER A 581 17.31 -2.24 30.87
CA SER A 581 16.09 -2.01 31.64
C SER A 581 15.79 -3.26 32.47
N THR A 582 15.22 -3.01 33.63
CA THR A 582 14.84 -4.07 34.56
C THR A 582 13.34 -4.07 34.84
N ASP A 583 12.57 -3.40 33.98
CA ASP A 583 11.11 -3.38 34.16
C ASP A 583 10.42 -3.73 32.84
N GLY A 584 10.89 -4.77 32.15
CA GLY A 584 10.22 -5.21 30.94
C GLY A 584 10.37 -4.30 29.72
N GLY A 585 11.31 -3.38 29.75
CA GLY A 585 11.48 -2.45 28.64
C GLY A 585 10.77 -1.14 28.82
N ALA A 586 10.09 -0.92 29.94
CA ALA A 586 9.41 0.35 30.10
C ALA A 586 10.42 1.51 30.21
N THR A 587 11.50 1.33 30.98
CA THR A 587 12.52 2.36 31.12
C THR A 587 13.89 1.73 30.93
N PHE A 588 14.79 2.45 30.28
CA PHE A 588 16.18 2.04 30.12
C PHE A 588 17.09 3.10 30.72
N THR A 589 18.29 2.70 31.14
CA THR A 589 19.31 3.66 31.54
C THR A 589 20.63 3.31 30.87
N ALA A 590 21.44 4.33 30.62
CA ALA A 590 22.75 4.16 29.96
C ALA A 590 23.70 3.57 30.98
N ARG A 591 24.27 2.42 30.65
CA ARG A 591 25.26 1.80 31.52
C ARG A 591 26.64 1.98 30.92
N ALA A 592 27.27 0.84 30.63
CA ALA A 592 28.64 0.79 30.13
C ALA A 592 28.74 1.50 28.78
N SER A 593 29.89 2.11 28.54
CA SER A 593 30.18 2.55 27.18
C SER A 593 31.70 2.56 27.02
N SER A 594 32.39 2.73 28.14
CA SER A 594 33.84 2.73 28.27
C SER A 594 34.51 1.60 27.49
N GLY A 595 35.14 1.97 26.38
CA GLY A 595 35.86 1.00 25.57
C GLY A 595 35.01 0.20 24.61
N LEU A 596 33.68 0.27 24.70
CA LEU A 596 32.80 -0.41 23.75
C LEU A 596 32.90 0.27 22.38
N PRO A 597 32.63 -0.46 21.28
CA PRO A 597 32.88 0.15 19.96
C PRO A 597 31.85 1.23 19.68
N ALA A 598 32.35 2.42 19.36
CA ALA A 598 31.49 3.56 19.09
C ALA A 598 31.17 3.74 17.61
N ASP A 599 31.90 3.09 16.72
CA ASP A 599 31.80 3.29 15.28
C ASP A 599 31.57 1.95 14.58
N GLY A 600 30.65 1.93 13.62
CA GLY A 600 30.34 0.71 12.89
C GLY A 600 29.24 -0.12 13.53
N PRO A 601 28.91 -1.25 12.92
CA PRO A 601 27.82 -2.10 13.44
C PRO A 601 28.28 -2.95 14.62
N ALA A 602 27.31 -3.52 15.34
CA ALA A 602 27.58 -4.49 16.39
C ALA A 602 26.48 -5.54 16.43
N ARG A 603 26.81 -6.72 16.97
CA ARG A 603 25.85 -7.76 17.30
C ARG A 603 26.10 -8.19 18.74
N PHE A 604 25.02 -8.40 19.52
CA PHE A 604 25.20 -8.92 20.87
C PHE A 604 24.02 -9.81 21.27
N LYS A 605 24.27 -10.66 22.28
CA LYS A 605 23.31 -11.67 22.76
C LYS A 605 23.56 -11.94 24.22
N ALA A 606 22.48 -12.14 24.98
CA ALA A 606 22.57 -12.70 26.31
C ALA A 606 22.64 -14.23 26.24
N LEU A 607 23.31 -14.81 27.21
CA LEU A 607 23.58 -16.25 27.19
C LEU A 607 22.36 -17.02 27.73
N PRO A 608 21.92 -18.06 27.04
CA PRO A 608 20.90 -18.95 27.60
C PRO A 608 21.26 -19.45 28.99
N GLY A 609 20.29 -19.36 29.92
CA GLY A 609 20.46 -19.94 31.23
C GLY A 609 21.23 -19.12 32.25
N ALA A 610 21.70 -17.91 31.88
CA ALA A 610 22.54 -17.12 32.78
C ALA A 610 22.08 -15.66 32.72
N GLU A 611 21.37 -15.21 33.74
CA GLU A 611 21.00 -13.80 33.82
C GLU A 611 22.24 -12.91 33.79
N GLY A 612 22.23 -11.93 32.90
CA GLY A 612 23.22 -10.86 32.91
C GLY A 612 24.54 -11.19 32.26
N ASP A 613 24.64 -12.32 31.58
CA ASP A 613 25.85 -12.75 30.91
C ASP A 613 25.67 -12.36 29.44
N ILE A 614 26.44 -11.37 28.98
CA ILE A 614 26.22 -10.79 27.65
C ILE A 614 27.52 -10.81 26.86
N TRP A 615 27.42 -11.19 25.59
CA TRP A 615 28.55 -11.17 24.65
C TRP A 615 28.22 -10.21 23.52
N LEU A 616 29.18 -9.32 23.18
CA LEU A 616 28.98 -8.29 22.17
C LEU A 616 30.17 -8.27 21.23
N ALA A 617 29.89 -8.36 19.92
CA ALA A 617 30.90 -8.35 18.86
C ALA A 617 30.67 -7.15 17.96
N GLY A 618 31.72 -6.41 17.60
CA GLY A 618 31.47 -5.40 16.58
C GLY A 618 32.50 -4.28 16.62
N GLY A 619 32.15 -3.20 15.96
CA GLY A 619 33.08 -2.11 15.73
C GLY A 619 33.53 -2.04 14.29
N SER A 620 34.62 -1.32 14.08
CA SER A 620 35.13 -1.02 12.74
C SER A 620 36.57 -0.53 12.84
N THR A 621 37.22 -0.38 11.68
CA THR A 621 38.55 0.23 11.67
C THR A 621 38.53 1.71 12.02
N GLY A 622 37.36 2.35 12.07
CA GLY A 622 37.28 3.70 12.57
C GLY A 622 37.51 3.82 14.07
N GLY A 623 37.38 2.73 14.82
CA GLY A 623 37.63 2.80 16.25
C GLY A 623 37.94 1.45 16.86
N ALA A 624 37.32 1.13 17.99
CA ALA A 624 37.50 -0.18 18.58
C ALA A 624 36.77 -1.26 17.77
N TYR A 625 37.35 -2.46 17.77
CA TYR A 625 36.82 -3.59 17.00
C TYR A 625 37.19 -4.88 17.76
N GLY A 626 36.23 -5.77 17.99
CA GLY A 626 36.55 -6.99 18.73
C GLY A 626 35.33 -7.62 19.37
N LEU A 627 35.60 -8.36 20.45
CA LEU A 627 34.61 -9.14 21.18
C LEU A 627 34.72 -8.77 22.66
N TRP A 628 33.57 -8.48 23.29
CA TRP A 628 33.47 -8.05 24.69
C TRP A 628 32.57 -9.00 25.47
N HIS A 629 32.76 -9.06 26.80
CA HIS A 629 31.98 -9.94 27.65
C HIS A 629 31.64 -9.23 28.96
N SER A 630 30.34 -9.24 29.30
CA SER A 630 29.88 -8.76 30.61
C SER A 630 29.20 -9.91 31.33
N THR A 631 29.44 -10.00 32.65
CA THR A 631 28.69 -10.95 33.47
C THR A 631 27.90 -10.22 34.54
N ASP A 632 27.79 -8.91 34.43
CA ASP A 632 27.07 -8.13 35.46
C ASP A 632 25.93 -7.31 34.84
N SER A 633 25.24 -7.91 33.87
CA SER A 633 24.12 -7.29 33.14
C SER A 633 24.49 -5.94 32.53
N GLY A 634 25.70 -5.88 31.97
CA GLY A 634 26.09 -4.74 31.19
C GLY A 634 26.64 -3.56 31.97
N ALA A 635 26.88 -3.72 33.27
CA ALA A 635 27.50 -2.63 34.02
C ALA A 635 28.95 -2.46 33.59
N THR A 636 29.66 -3.56 33.37
CA THR A 636 31.02 -3.47 32.85
C THR A 636 31.21 -4.57 31.83
N PHE A 637 31.97 -4.27 30.78
CA PHE A 637 32.41 -5.27 29.80
C PHE A 637 33.94 -5.44 29.84
N THR A 638 34.41 -6.65 29.55
CA THR A 638 35.84 -6.88 29.36
C THR A 638 36.07 -7.25 27.91
N LYS A 639 37.02 -6.57 27.26
CA LYS A 639 37.40 -6.91 25.90
C LYS A 639 38.33 -8.13 25.89
N LEU A 640 38.01 -9.12 25.06
CA LEU A 640 38.87 -10.31 24.96
C LEU A 640 40.14 -9.96 24.19
N SER A 641 41.30 -10.14 24.84
CA SER A 641 42.53 -9.57 24.32
CA SER A 641 42.56 -9.59 24.34
C SER A 641 43.01 -10.25 23.05
N GLY A 642 42.64 -11.52 22.84
CA GLY A 642 43.12 -12.19 21.65
C GLY A 642 42.22 -12.18 20.44
N VAL A 643 41.15 -11.39 20.42
CA VAL A 643 40.28 -11.31 19.24
C VAL A 643 40.49 -9.92 18.63
N GLN A 644 41.16 -9.86 17.47
CA GLN A 644 41.58 -8.57 16.91
C GLN A 644 40.40 -7.78 16.32
N GLN A 645 39.47 -8.45 15.63
CA GLN A 645 38.17 -7.90 15.23
C GLN A 645 37.13 -9.00 15.33
N ALA A 646 35.86 -8.62 15.56
CA ALA A 646 34.77 -9.59 15.52
C ALA A 646 33.48 -8.89 15.09
N ASP A 647 32.53 -9.66 14.53
CA ASP A 647 31.37 -9.03 13.92
C ASP A 647 30.04 -9.70 14.31
N THR A 648 30.08 -11.01 14.56
CA THR A 648 28.91 -11.76 15.02
C THR A 648 29.30 -12.64 16.22
N ILE A 649 28.30 -13.05 17.01
CA ILE A 649 28.53 -13.94 18.16
C ILE A 649 27.30 -14.81 18.35
N GLY A 650 27.54 -16.08 18.67
CA GLY A 650 26.42 -16.97 18.99
C GLY A 650 26.90 -18.15 19.80
N PHE A 651 25.94 -18.95 20.24
CA PHE A 651 26.19 -20.04 21.20
C PHE A 651 25.58 -21.37 20.74
N GLY A 652 26.15 -22.46 21.23
CA GLY A 652 25.66 -23.80 21.00
C GLY A 652 26.00 -24.71 22.18
N LYS A 653 25.52 -25.95 22.09
CA LYS A 653 25.72 -26.94 23.16
C LYS A 653 27.17 -27.01 23.63
N ALA A 654 27.36 -27.23 24.94
CA ALA A 654 28.71 -27.38 25.49
C ALA A 654 29.40 -28.63 24.95
N ALA A 655 30.73 -28.56 24.85
CA ALA A 655 31.51 -29.74 24.51
C ALA A 655 31.42 -30.76 25.64
N PRO A 656 31.57 -32.05 25.33
CA PRO A 656 31.62 -33.05 26.40
C PRO A 656 32.62 -32.65 27.46
N GLY A 657 32.13 -32.57 28.70
CA GLY A 657 32.97 -32.20 29.82
C GLY A 657 33.32 -30.74 29.94
N ALA A 658 32.61 -29.85 29.23
CA ALA A 658 32.90 -28.42 29.28
C ALA A 658 31.96 -27.71 30.24
N SER A 659 32.48 -26.69 30.94
CA SER A 659 31.72 -25.91 31.91
C SER A 659 30.67 -25.03 31.26
N TYR A 660 30.95 -24.56 30.06
CA TYR A 660 30.30 -23.40 29.47
C TYR A 660 29.82 -23.75 28.07
N GLN A 661 28.76 -23.07 27.61
CA GLN A 661 28.29 -23.25 26.23
C GLN A 661 29.39 -22.89 25.24
N THR A 662 29.33 -23.49 24.06
CA THR A 662 30.32 -23.23 23.02
C THR A 662 30.03 -21.91 22.33
N LEU A 663 31.08 -21.13 22.06
CA LEU A 663 30.96 -19.86 21.36
C LEU A 663 31.38 -20.02 19.91
N TYR A 664 30.66 -19.35 19.01
CA TYR A 664 30.98 -19.25 17.58
C TYR A 664 31.00 -17.77 17.16
N THR A 665 31.98 -17.36 16.35
CA THR A 665 32.10 -15.96 15.93
C THR A 665 32.71 -15.88 14.52
N SER A 666 32.32 -14.98 13.66
CA SER A 666 32.86 -14.49 12.38
C SER A 666 33.92 -13.49 12.91
N ALA A 667 35.19 -13.67 12.84
CA ALA A 667 36.11 -12.78 13.52
C ALA A 667 37.46 -12.78 12.78
N LYS A 668 38.36 -11.93 13.25
CA LYS A 668 39.76 -11.98 12.85
C LYS A 668 40.57 -12.29 14.10
N ILE A 669 41.27 -13.42 14.10
CA ILE A 669 42.02 -13.90 15.28
C ILE A 669 43.38 -14.43 14.82
N GLY A 670 44.43 -14.07 15.54
CA GLY A 670 45.79 -14.41 15.16
C GLY A 670 46.14 -14.02 13.74
N GLY A 671 45.52 -12.95 13.24
CA GLY A 671 45.82 -12.49 11.90
C GLY A 671 44.98 -13.10 10.79
N VAL A 672 44.01 -13.95 11.12
CA VAL A 672 43.26 -14.72 10.13
C VAL A 672 41.78 -14.38 10.23
N ARG A 673 41.17 -13.98 9.11
CA ARG A 673 39.71 -13.84 9.06
C ARG A 673 39.08 -15.22 8.89
N GLY A 674 38.06 -15.53 9.69
CA GLY A 674 37.46 -16.84 9.56
C GLY A 674 36.31 -16.99 10.53
N VAL A 675 35.80 -18.22 10.64
CA VAL A 675 34.78 -18.59 11.62
C VAL A 675 35.47 -19.40 12.71
N PHE A 676 35.26 -19.00 13.97
CA PHE A 676 36.01 -19.57 15.09
C PHE A 676 35.07 -20.10 16.16
N ARG A 677 35.54 -21.12 16.89
CA ARG A 677 34.80 -21.82 17.92
C ARG A 677 35.63 -21.85 19.20
N SER A 678 34.98 -21.58 20.35
CA SER A 678 35.65 -21.73 21.65
C SER A 678 34.82 -22.61 22.57
N THR A 679 35.49 -23.57 23.22
CA THR A 679 34.86 -24.42 24.21
C THR A 679 35.34 -24.12 25.63
N ASP A 680 36.07 -23.03 25.82
CA ASP A 680 36.52 -22.62 27.15
C ASP A 680 36.20 -21.16 27.39
N ALA A 681 35.00 -20.74 26.98
CA ALA A 681 34.48 -19.40 27.30
C ALA A 681 35.42 -18.31 26.79
N GLY A 682 36.01 -18.56 25.62
CA GLY A 682 36.79 -17.56 24.91
C GLY A 682 38.24 -17.44 25.34
N ALA A 683 38.74 -18.33 26.20
CA ALA A 683 40.17 -18.34 26.49
C ALA A 683 40.97 -18.71 25.24
N SER A 684 40.47 -19.65 24.42
CA SER A 684 41.19 -20.01 23.22
C SER A 684 40.19 -20.35 22.13
N TRP A 685 40.64 -20.28 20.87
CA TRP A 685 39.76 -20.40 19.70
C TRP A 685 40.38 -21.35 18.69
N THR A 686 39.53 -22.06 17.96
CA THR A 686 39.98 -22.89 16.85
C THR A 686 39.18 -22.48 15.63
N ARG A 687 39.87 -22.30 14.50
CA ARG A 687 39.18 -21.99 13.24
C ARG A 687 38.46 -23.25 12.75
N ILE A 688 37.17 -23.13 12.43
CA ILE A 688 36.38 -24.27 11.97
C ILE A 688 35.99 -24.20 10.50
N ASN A 689 36.11 -23.06 9.83
CA ASN A 689 36.05 -23.07 8.37
C ASN A 689 37.48 -23.16 7.84
N ASP A 690 37.66 -22.90 6.54
CA ASP A 690 38.99 -22.99 5.89
C ASP A 690 38.95 -22.13 4.61
N ASP A 691 40.07 -22.08 3.90
CA ASP A 691 40.21 -21.08 2.84
C ASP A 691 39.31 -21.37 1.64
N ALA A 692 38.85 -22.62 1.45
CA ALA A 692 37.86 -22.92 0.43
C ALA A 692 36.42 -22.59 0.86
N HIS A 693 36.17 -22.27 2.15
CA HIS A 693 34.80 -22.07 2.62
C HIS A 693 34.73 -20.78 3.43
N GLN A 694 34.66 -19.64 2.73
CA GLN A 694 34.70 -18.35 3.37
C GLN A 694 33.44 -17.52 3.17
N TRP A 695 32.89 -17.44 1.95
CA TRP A 695 31.58 -16.81 1.70
C TRP A 695 31.58 -15.29 1.89
N GLY A 696 32.72 -14.61 1.73
CA GLY A 696 32.68 -13.14 1.67
C GLY A 696 32.29 -12.51 3.01
N TRP A 697 31.32 -11.58 2.99
CA TRP A 697 30.95 -10.83 4.18
C TRP A 697 29.96 -11.65 5.01
N THR A 698 30.41 -12.15 6.14
CA THR A 698 29.51 -12.89 7.03
C THR A 698 29.33 -12.13 8.33
N GLY A 699 29.00 -10.84 8.24
CA GLY A 699 28.81 -10.03 9.43
C GLY A 699 27.36 -9.89 9.89
N ALA A 700 26.42 -10.67 9.35
CA ALA A 700 25.02 -10.46 9.72
C ALA A 700 24.59 -11.25 10.96
N SER A 701 24.95 -12.54 11.06
CA SER A 701 24.33 -13.41 12.06
C SER A 701 25.14 -14.71 12.19
N ILE A 702 25.20 -15.26 13.40
CA ILE A 702 25.76 -16.60 13.62
C ILE A 702 25.07 -17.21 14.83
N THR A 703 24.80 -18.53 14.79
CA THR A 703 24.35 -19.16 16.02
C THR A 703 24.79 -20.63 16.01
N GLY A 704 25.07 -21.16 17.22
CA GLY A 704 25.24 -22.60 17.41
C GLY A 704 23.88 -23.24 17.54
N ASP A 705 23.88 -24.48 18.05
CA ASP A 705 22.66 -25.29 18.18
C ASP A 705 22.65 -25.84 19.59
N PRO A 706 21.64 -25.52 20.41
CA PRO A 706 21.62 -26.00 21.81
C PRO A 706 21.59 -27.51 21.92
N ARG A 707 21.17 -28.21 20.87
CA ARG A 707 20.96 -29.65 20.93
C ARG A 707 22.04 -30.48 20.22
N VAL A 708 22.95 -29.84 19.48
CA VAL A 708 23.94 -30.59 18.69
C VAL A 708 25.31 -29.93 18.89
N TYR A 709 26.20 -30.64 19.58
CA TYR A 709 27.53 -30.11 19.81
C TYR A 709 28.27 -29.98 18.49
N GLY A 710 28.95 -28.84 18.30
CA GLY A 710 29.75 -28.61 17.13
C GLY A 710 29.02 -27.91 16.01
N ARG A 711 27.70 -28.00 15.96
CA ARG A 711 26.98 -27.47 14.81
C ARG A 711 26.94 -25.95 14.86
N VAL A 712 27.11 -25.31 13.70
CA VAL A 712 27.05 -23.85 13.59
C VAL A 712 26.22 -23.49 12.35
N TYR A 713 25.42 -22.43 12.48
CA TYR A 713 24.64 -21.86 11.36
C TYR A 713 25.18 -20.47 11.08
N VAL A 714 25.67 -20.25 9.85
CA VAL A 714 26.35 -19.01 9.43
C VAL A 714 25.48 -18.29 8.40
N ALA A 715 25.07 -17.05 8.71
CA ALA A 715 24.37 -16.24 7.72
C ALA A 715 25.34 -15.75 6.65
N THR A 716 24.92 -15.79 5.40
CA THR A 716 25.71 -15.14 4.37
C THR A 716 24.86 -14.08 3.68
N ASN A 717 25.54 -13.23 2.92
CA ASN A 717 24.88 -12.22 2.12
C ASN A 717 24.88 -12.62 0.66
N GLY A 718 24.02 -13.58 0.32
CA GLY A 718 23.84 -14.02 -1.07
C GLY A 718 24.20 -15.48 -1.35
N ARG A 719 24.60 -16.24 -0.32
CA ARG A 719 24.87 -17.67 -0.43
C ARG A 719 24.00 -18.48 0.52
N GLY A 720 22.94 -17.86 1.09
CA GLY A 720 22.03 -18.59 1.95
C GLY A 720 22.63 -18.87 3.33
N ILE A 721 22.03 -19.86 3.98
CA ILE A 721 22.35 -20.24 5.36
C ILE A 721 23.31 -21.41 5.30
N LEU A 722 24.53 -21.19 5.76
CA LEU A 722 25.55 -22.24 5.72
C LEU A 722 25.55 -23.01 7.03
N ARG A 723 25.75 -24.30 6.96
CA ARG A 723 25.66 -25.19 8.10
C ARG A 723 26.94 -25.97 8.22
N GLY A 724 27.64 -25.84 9.34
CA GLY A 724 28.86 -26.60 9.60
C GLY A 724 28.64 -27.65 10.68
N ASP A 725 29.20 -28.83 10.49
CA ASP A 725 29.11 -29.89 11.49
C ASP A 725 30.46 -30.57 11.60
N ILE A 726 30.71 -31.17 12.76
CA ILE A 726 31.91 -31.97 12.90
C ILE A 726 31.79 -33.23 12.04
N SER A 727 32.83 -33.53 11.28
CA SER A 727 32.85 -34.70 10.39
C SER A 727 33.06 -36.01 11.16
N ASP B 1 -45.16 19.33 -15.57
CA ASP B 1 -45.26 17.99 -14.98
C ASP B 1 -44.99 18.03 -13.47
N ALA B 2 -45.71 17.22 -12.68
CA ALA B 2 -45.28 17.01 -11.31
C ALA B 2 -44.23 15.90 -11.31
N TYR B 3 -43.23 16.05 -10.45
CA TYR B 3 -42.16 15.07 -10.28
C TYR B 3 -42.25 14.43 -8.89
N THR B 4 -41.90 13.17 -8.84
CA THR B 4 -41.63 12.40 -7.62
C THR B 4 -40.12 12.20 -7.49
N TRP B 5 -39.58 12.40 -6.30
CA TRP B 5 -38.16 12.27 -6.03
C TRP B 5 -37.93 11.15 -5.03
N LYS B 6 -36.96 10.27 -5.29
CA LYS B 6 -36.52 9.31 -4.28
C LYS B 6 -35.05 8.98 -4.51
N ASN B 7 -34.41 8.33 -3.54
CA ASN B 7 -33.03 7.92 -3.78
C ASN B 7 -32.96 6.65 -4.63
N VAL B 8 -31.90 6.58 -5.44
CA VAL B 8 -31.42 5.28 -5.92
C VAL B 8 -30.88 4.52 -4.71
N ARG B 9 -31.36 3.29 -4.50
CA ARG B 9 -31.09 2.58 -3.26
C ARG B 9 -29.60 2.29 -3.06
N VAL B 10 -29.04 2.76 -1.95
CA VAL B 10 -27.67 2.46 -1.54
C VAL B 10 -27.67 2.07 -0.04
N ASP B 11 -28.38 2.85 0.78
CA ASP B 11 -28.50 2.67 2.25
C ASP B 11 -27.21 2.94 3.01
N GLY B 12 -27.01 4.19 3.44
CA GLY B 12 -25.86 4.59 4.23
C GLY B 12 -24.69 5.09 3.41
N GLY B 13 -23.46 4.71 3.81
CA GLY B 13 -22.27 5.02 3.03
C GLY B 13 -21.35 6.10 3.60
N GLY B 14 -21.64 6.62 4.79
CA GLY B 14 -20.81 7.67 5.36
C GLY B 14 -20.93 7.69 6.88
N PHE B 15 -20.36 8.73 7.49
CA PHE B 15 -20.31 8.83 8.95
C PHE B 15 -21.61 9.39 9.51
N VAL B 16 -22.22 8.70 10.46
CA VAL B 16 -23.30 9.25 11.30
C VAL B 16 -22.77 9.60 12.69
N PRO B 17 -22.54 10.90 12.99
CA PRO B 17 -21.95 11.27 14.27
C PRO B 17 -22.90 11.31 15.43
N GLY B 18 -24.22 11.34 15.23
CA GLY B 18 -25.09 11.44 16.40
C GLY B 18 -26.47 10.84 16.22
N ILE B 19 -26.97 10.18 17.25
CA ILE B 19 -28.30 9.57 17.24
C ILE B 19 -29.02 10.07 18.48
N VAL B 20 -30.29 10.43 18.36
CA VAL B 20 -31.02 11.05 19.49
C VAL B 20 -32.41 10.42 19.65
N PHE B 21 -32.65 9.74 20.79
CA PHE B 21 -33.99 9.28 21.14
C PHE B 21 -34.71 10.33 21.98
N ASN B 22 -35.97 10.63 21.66
CA ASN B 22 -36.78 11.48 22.55
C ASN B 22 -37.06 10.78 23.91
N ARG B 23 -36.98 11.53 25.00
CA ARG B 23 -37.12 10.90 26.30
C ARG B 23 -38.54 10.85 26.83
N LYS B 24 -39.50 11.42 26.11
CA LYS B 24 -40.89 11.31 26.54
C LYS B 24 -41.77 10.45 25.64
N GLU B 25 -41.48 10.33 24.35
CA GLU B 25 -42.36 9.63 23.42
C GLU B 25 -41.66 8.42 22.82
N LYS B 26 -42.25 7.25 23.05
CA LYS B 26 -41.67 6.01 22.57
C LYS B 26 -41.59 5.97 21.05
N ASN B 27 -40.46 5.48 20.53
CA ASN B 27 -40.16 5.32 19.11
C ASN B 27 -39.94 6.63 18.38
N LEU B 28 -39.83 7.75 19.09
CA LEU B 28 -39.44 9.01 18.47
C LEU B 28 -37.93 9.17 18.55
N ALA B 29 -37.25 9.21 17.40
CA ALA B 29 -35.81 9.25 17.36
C ALA B 29 -35.35 9.97 16.08
N TYR B 30 -34.09 10.47 16.11
CA TYR B 30 -33.52 11.22 15.01
C TYR B 30 -32.05 10.88 14.83
N ALA B 31 -31.52 11.21 13.66
CA ALA B 31 -30.10 11.02 13.39
C ALA B 31 -29.56 12.29 12.73
N ARG B 32 -28.33 12.66 13.07
CA ARG B 32 -27.73 13.83 12.40
C ARG B 32 -26.52 13.41 11.59
N THR B 33 -26.25 14.14 10.51
CA THR B 33 -25.07 13.87 9.71
C THR B 33 -24.25 15.14 9.56
N ASP B 34 -23.01 14.96 9.05
CA ASP B 34 -22.06 16.05 8.95
C ASP B 34 -22.16 16.84 7.64
N ILE B 35 -22.74 16.28 6.58
CA ILE B 35 -22.86 16.99 5.31
C ILE B 35 -24.23 16.78 4.65
N GLY B 36 -25.09 15.98 5.27
CA GLY B 36 -26.30 15.51 4.61
C GLY B 36 -27.59 15.69 5.40
N GLY B 37 -27.67 16.70 6.24
CA GLY B 37 -28.91 17.01 6.92
C GLY B 37 -29.14 16.11 8.12
N ALA B 38 -30.42 15.96 8.50
CA ALA B 38 -30.86 15.16 9.65
C ALA B 38 -32.06 14.34 9.24
N TYR B 39 -32.36 13.32 10.05
CA TYR B 39 -33.40 12.34 9.71
C TYR B 39 -34.26 12.06 10.93
N ARG B 40 -35.51 11.67 10.66
CA ARG B 40 -36.41 11.16 11.68
C ARG B 40 -36.64 9.68 11.46
N TRP B 41 -36.62 8.92 12.56
CA TRP B 41 -36.87 7.48 12.49
C TRP B 41 -38.35 7.19 12.22
N ASP B 42 -38.62 6.19 11.42
CA ASP B 42 -39.99 5.76 11.13
C ASP B 42 -40.09 4.32 11.61
N GLN B 43 -40.75 4.11 12.75
CA GLN B 43 -40.77 2.78 13.37
C GLN B 43 -41.53 1.77 12.53
N SER B 44 -42.61 2.21 11.86
CA SER B 44 -43.44 1.27 11.13
CA SER B 44 -43.45 1.28 11.12
C SER B 44 -42.71 0.72 9.90
N GLY B 45 -41.92 1.54 9.24
CA GLY B 45 -41.15 1.08 8.10
C GLY B 45 -39.71 0.71 8.43
N LYS B 46 -39.30 0.83 9.69
CA LYS B 46 -37.91 0.61 10.12
C LYS B 46 -36.92 1.32 9.19
N ARG B 47 -37.11 2.63 9.03
CA ARG B 47 -36.35 3.40 8.07
C ARG B 47 -36.23 4.84 8.58
N TRP B 48 -35.33 5.60 7.94
CA TRP B 48 -35.06 7.01 8.24
C TRP B 48 -35.68 7.92 7.17
N VAL B 49 -36.18 9.08 7.60
CA VAL B 49 -36.90 10.04 6.76
C VAL B 49 -36.06 11.32 6.72
N PRO B 50 -35.60 11.78 5.55
CA PRO B 50 -34.77 13.00 5.53
C PRO B 50 -35.59 14.25 5.82
N LEU B 51 -35.02 15.18 6.60
CA LEU B 51 -35.75 16.37 7.07
C LEU B 51 -35.33 17.70 6.45
N LEU B 52 -34.12 17.80 5.88
CA LEU B 52 -33.57 19.12 5.52
C LEU B 52 -33.35 19.26 4.01
N ASP B 53 -34.16 18.55 3.21
CA ASP B 53 -34.02 18.61 1.77
C ASP B 53 -34.43 19.99 1.21
N SER B 54 -35.13 20.83 2.00
CA SER B 54 -35.49 22.15 1.51
C SER B 54 -34.30 23.10 1.48
N LEU B 55 -33.20 22.81 2.18
CA LEU B 55 -32.10 23.77 2.24
C LEU B 55 -31.51 23.94 0.85
N ASP B 56 -31.36 25.19 0.42
CA ASP B 56 -31.10 25.46 -0.99
C ASP B 56 -29.60 25.71 -1.30
N TRP B 57 -29.36 26.03 -2.56
CA TRP B 57 -28.00 26.15 -3.08
C TRP B 57 -27.22 27.21 -2.30
N ASP B 58 -27.85 28.35 -2.03
CA ASP B 58 -27.16 29.42 -1.31
C ASP B 58 -26.98 29.10 0.17
N HIS B 59 -27.73 28.14 0.71
CA HIS B 59 -27.54 27.74 2.09
C HIS B 59 -27.01 26.32 2.20
N TRP B 60 -26.17 25.90 1.26
CA TRP B 60 -25.67 24.52 1.36
C TRP B 60 -24.96 24.27 2.70
N GLY B 61 -24.32 25.30 3.29
CA GLY B 61 -23.60 25.08 4.55
C GLY B 61 -24.49 24.63 5.71
N TRP B 62 -25.78 24.95 5.65
CA TRP B 62 -26.70 24.52 6.69
C TRP B 62 -27.06 23.02 6.60
N THR B 63 -26.59 22.29 5.57
CA THR B 63 -26.78 20.85 5.58
C THR B 63 -25.85 20.16 6.55
N GLY B 64 -24.84 20.84 7.10
CA GLY B 64 -24.02 20.24 8.14
C GLY B 64 -24.67 20.43 9.51
N VAL B 65 -24.82 19.32 10.25
CA VAL B 65 -25.57 19.39 11.52
C VAL B 65 -24.65 18.94 12.66
N VAL B 66 -24.10 19.90 13.39
CA VAL B 66 -23.22 19.54 14.52
C VAL B 66 -24.01 19.12 15.76
N SER B 67 -25.32 19.39 15.83
CA SER B 67 -26.04 18.93 17.00
C SER B 67 -27.54 19.01 16.73
N LEU B 68 -28.30 18.10 17.38
CA LEU B 68 -29.74 18.03 17.24
C LEU B 68 -30.36 17.84 18.63
N ALA B 69 -31.46 18.54 18.93
CA ALA B 69 -32.17 18.36 20.20
C ALA B 69 -33.66 18.12 19.93
N SER B 70 -34.20 17.07 20.55
CA SER B 70 -35.63 16.73 20.49
C SER B 70 -36.29 17.04 21.83
N ASP B 71 -37.20 18.02 21.83
CA ASP B 71 -37.85 18.51 23.04
C ASP B 71 -38.57 17.41 23.84
N SER B 72 -38.16 17.20 25.11
CA SER B 72 -38.87 16.21 25.92
C SER B 72 -40.14 16.76 26.57
N VAL B 73 -40.35 18.08 26.61
CA VAL B 73 -41.62 18.58 27.11
C VAL B 73 -42.66 18.57 26.00
N ASP B 74 -42.25 18.97 24.79
CA ASP B 74 -43.15 18.98 23.63
C ASP B 74 -42.48 18.23 22.49
N PRO B 75 -42.78 16.93 22.32
CA PRO B 75 -42.05 16.11 21.34
C PRO B 75 -42.29 16.50 19.88
N ASN B 76 -43.27 17.38 19.60
CA ASN B 76 -43.38 17.94 18.25
C ASN B 76 -42.22 18.86 17.90
N LYS B 77 -41.48 19.38 18.88
CA LYS B 77 -40.42 20.36 18.61
C LYS B 77 -39.06 19.71 18.49
N VAL B 78 -38.30 20.13 17.48
CA VAL B 78 -36.95 19.64 17.26
C VAL B 78 -36.12 20.80 16.74
N TYR B 79 -34.83 20.85 17.12
CA TYR B 79 -33.94 21.95 16.81
C TYR B 79 -32.65 21.38 16.27
N VAL B 80 -32.04 22.09 15.31
CA VAL B 80 -30.71 21.69 14.88
C VAL B 80 -29.79 22.89 14.82
N ALA B 81 -28.53 22.63 15.08
CA ALA B 81 -27.47 23.62 14.94
C ALA B 81 -26.81 23.33 13.60
N ALA B 82 -26.99 24.23 12.64
CA ALA B 82 -26.64 24.02 11.25
C ALA B 82 -25.45 24.90 10.84
N GLY B 83 -24.58 24.35 10.00
CA GLY B 83 -23.37 25.06 9.59
C GLY B 83 -22.23 24.06 9.45
N THR B 84 -21.43 24.16 8.38
CA THR B 84 -20.53 23.07 8.02
C THR B 84 -19.05 23.33 8.35
N TYR B 85 -18.47 24.46 7.97
CA TYR B 85 -17.08 24.74 8.31
C TYR B 85 -16.96 26.10 8.99
N THR B 86 -15.89 26.26 9.77
CA THR B 86 -15.60 27.55 10.38
C THR B 86 -14.43 28.27 9.70
N ASN B 87 -13.81 27.68 8.67
CA ASN B 87 -12.78 28.34 7.88
C ASN B 87 -13.43 28.89 6.62
N SER B 88 -12.62 29.23 5.60
CA SER B 88 -13.12 29.80 4.37
C SER B 88 -13.97 28.86 3.55
N TRP B 89 -13.94 27.55 3.83
CA TRP B 89 -14.61 26.62 2.93
C TRP B 89 -16.14 26.80 2.96
N ASP B 90 -16.68 27.33 4.06
CA ASP B 90 -18.12 27.57 4.18
C ASP B 90 -18.27 29.07 4.34
N PRO B 91 -18.86 29.80 3.38
CA PRO B 91 -18.94 31.27 3.51
C PRO B 91 -20.06 31.73 4.44
N GLY B 92 -20.95 30.85 4.87
CA GLY B 92 -22.12 31.26 5.64
C GLY B 92 -21.90 31.03 7.13
N ASN B 93 -22.34 32.01 7.93
CA ASN B 93 -22.55 31.79 9.36
C ASN B 93 -23.52 30.63 9.60
N GLY B 94 -23.41 30.06 10.80
CA GLY B 94 -24.30 29.01 11.26
C GLY B 94 -25.67 29.58 11.60
N ALA B 95 -26.59 28.66 11.91
CA ALA B 95 -27.96 29.00 12.25
C ALA B 95 -28.52 27.97 13.22
N ILE B 96 -29.50 28.38 13.99
CA ILE B 96 -30.36 27.44 14.69
C ILE B 96 -31.65 27.30 13.87
N LEU B 97 -31.95 26.09 13.42
CA LEU B 97 -33.20 25.78 12.72
C LEU B 97 -34.18 25.16 13.72
N ARG B 98 -35.43 25.64 13.70
CA ARG B 98 -36.44 25.17 14.64
C ARG B 98 -37.62 24.61 13.86
N SER B 99 -38.19 23.51 14.36
CA SER B 99 -39.41 22.98 13.77
C SER B 99 -40.39 22.61 14.87
N SER B 100 -41.68 22.78 14.58
CA SER B 100 -42.72 22.36 15.52
CA SER B 100 -42.76 22.40 15.49
C SER B 100 -43.58 21.22 14.95
N ASN B 101 -43.11 20.57 13.90
CA ASN B 101 -43.81 19.43 13.33
C ASN B 101 -42.80 18.32 13.02
N ARG B 102 -41.84 18.14 13.92
CA ARG B 102 -40.93 16.99 13.87
C ARG B 102 -40.07 17.01 12.62
N GLY B 103 -39.81 18.20 12.10
CA GLY B 103 -38.88 18.32 11.00
C GLY B 103 -39.52 18.41 9.61
N ALA B 104 -40.85 18.41 9.52
CA ALA B 104 -41.52 18.54 8.23
C ALA B 104 -41.31 19.92 7.63
N SER B 105 -41.14 20.94 8.48
CA SER B 105 -40.79 22.27 8.00
C SER B 105 -40.05 23.00 9.12
N TRP B 106 -39.28 24.02 8.71
CA TRP B 106 -38.32 24.70 9.57
C TRP B 106 -38.37 26.22 9.40
N GLN B 107 -38.00 26.95 10.46
CA GLN B 107 -37.62 28.35 10.38
C GLN B 107 -36.19 28.50 10.86
N SER B 108 -35.53 29.60 10.50
CA SER B 108 -34.12 29.75 10.86
C SER B 108 -33.84 31.04 11.62
N THR B 109 -32.86 30.98 12.51
CA THR B 109 -32.24 32.19 13.05
C THR B 109 -30.74 32.10 12.80
N THR B 110 -30.19 33.08 12.09
CA THR B 110 -28.77 33.07 11.75
C THR B 110 -27.95 33.55 12.94
N LEU B 111 -26.87 32.80 13.26
CA LEU B 111 -25.93 33.15 14.34
C LEU B 111 -24.87 34.10 13.83
N PRO B 112 -24.26 34.91 14.70
CA PRO B 112 -23.16 35.81 14.28
C PRO B 112 -21.83 35.12 14.07
N PHE B 113 -21.78 33.79 14.05
CA PHE B 113 -20.52 33.06 13.85
C PHE B 113 -20.84 31.83 13.02
N LYS B 114 -19.79 31.14 12.58
CA LYS B 114 -19.91 29.89 11.83
C LYS B 114 -19.95 28.68 12.76
N LEU B 115 -20.57 27.58 12.28
CA LEU B 115 -20.62 26.32 13.02
C LEU B 115 -19.88 25.22 12.25
N GLY B 116 -19.55 24.13 12.95
CA GLY B 116 -18.61 23.14 12.43
C GLY B 116 -19.17 21.73 12.21
N GLY B 117 -20.28 21.62 11.48
CA GLY B 117 -20.91 20.32 11.27
C GLY B 117 -20.01 19.29 10.60
N ASN B 118 -19.05 19.72 9.77
CA ASN B 118 -18.13 18.77 9.19
C ASN B 118 -16.70 19.12 9.59
N MET B 119 -16.52 19.75 10.74
CA MET B 119 -15.19 20.04 11.29
C MET B 119 -14.71 18.94 12.23
N PRO B 120 -13.43 18.95 12.62
CA PRO B 120 -12.98 18.05 13.70
C PRO B 120 -13.75 18.28 14.99
N GLY B 121 -13.96 17.21 15.75
CA GLY B 121 -14.71 17.32 17.01
C GLY B 121 -16.21 17.13 16.88
N ARG B 122 -16.72 16.91 15.66
CA ARG B 122 -18.17 16.87 15.43
C ARG B 122 -18.85 15.67 16.09
N GLY B 123 -18.08 14.69 16.55
CA GLY B 123 -18.69 13.56 17.23
C GLY B 123 -18.93 13.77 18.72
N MET B 124 -18.45 14.88 19.28
CA MET B 124 -18.76 15.21 20.66
C MET B 124 -20.15 15.86 20.72
N GLY B 125 -20.90 15.58 21.78
CA GLY B 125 -22.20 16.21 21.93
C GLY B 125 -23.13 15.40 22.83
N GLU B 126 -24.40 15.82 22.85
CA GLU B 126 -24.95 16.94 22.07
C GLU B 126 -24.70 18.30 22.73
N ARG B 127 -24.26 19.29 21.94
CA ARG B 127 -23.99 20.62 22.44
C ARG B 127 -25.12 21.63 22.25
N LEU B 128 -26.21 21.25 21.59
CA LEU B 128 -27.47 22.02 21.60
C LEU B 128 -28.45 21.28 22.49
N ALA B 129 -29.08 21.98 23.45
CA ALA B 129 -29.91 21.29 24.43
C ALA B 129 -31.11 22.13 24.84
N VAL B 130 -32.24 21.45 25.10
CA VAL B 130 -33.50 22.08 25.48
C VAL B 130 -33.75 21.82 26.97
N ASP B 131 -34.02 22.89 27.75
CA ASP B 131 -34.34 22.75 29.17
C ASP B 131 -35.50 21.76 29.32
N PRO B 132 -35.35 20.67 30.09
CA PRO B 132 -36.41 19.67 30.23
C PRO B 132 -37.56 20.12 31.12
N ASN B 133 -37.47 21.28 31.76
CA ASN B 133 -38.57 21.77 32.58
C ASN B 133 -39.21 23.03 32.04
N ARG B 134 -38.45 23.99 31.55
CA ARG B 134 -39.01 25.17 30.90
C ARG B 134 -38.49 25.16 29.46
N ASN B 135 -39.26 24.57 28.55
CA ASN B 135 -38.65 24.20 27.27
C ASN B 135 -38.48 25.40 26.34
N SER B 136 -38.91 26.61 26.72
CA SER B 136 -38.54 27.87 26.08
C SER B 136 -37.04 28.16 26.16
N VAL B 137 -36.32 27.51 27.08
CA VAL B 137 -34.89 27.79 27.32
C VAL B 137 -34.02 26.77 26.57
N LEU B 138 -33.02 27.27 25.82
CA LEU B 138 -32.08 26.43 25.08
C LEU B 138 -30.66 26.95 25.27
N TYR B 139 -29.67 26.04 25.22
CA TYR B 139 -28.27 26.42 25.25
C TYR B 139 -27.57 25.82 24.04
N LEU B 140 -26.52 26.48 23.58
CA LEU B 140 -25.70 26.03 22.47
C LEU B 140 -24.21 26.18 22.82
N GLY B 141 -23.46 25.06 22.78
CA GLY B 141 -22.01 25.15 22.84
C GLY B 141 -21.42 25.57 21.51
N ALA B 142 -20.65 26.66 21.45
CA ALA B 142 -20.12 27.22 20.21
C ALA B 142 -18.62 27.03 20.06
N PRO B 143 -18.11 27.09 18.83
CA PRO B 143 -16.69 26.86 18.58
C PRO B 143 -15.92 28.15 18.41
N SER B 144 -14.61 27.99 18.19
CA SER B 144 -13.80 29.08 17.66
C SER B 144 -13.62 30.21 18.66
N GLY B 145 -13.85 29.96 19.95
CA GLY B 145 -13.76 31.03 20.94
C GLY B 145 -15.08 31.68 21.31
N ASN B 146 -16.18 31.32 20.66
CA ASN B 146 -17.45 32.01 20.92
C ASN B 146 -18.14 31.59 22.23
N GLY B 147 -17.74 30.47 22.84
CA GLY B 147 -18.25 30.15 24.17
C GLY B 147 -19.64 29.53 24.21
N LEU B 148 -20.42 29.88 25.23
CA LEU B 148 -21.74 29.32 25.46
C LEU B 148 -22.80 30.36 25.12
N TRP B 149 -23.80 29.96 24.33
CA TRP B 149 -24.88 30.84 23.91
C TRP B 149 -26.22 30.30 24.42
N ARG B 150 -27.23 31.18 24.49
CA ARG B 150 -28.49 30.83 25.12
C ARG B 150 -29.64 31.50 24.40
N SER B 151 -30.79 30.81 24.37
CA SER B 151 -32.02 31.47 23.96
C SER B 151 -33.07 31.22 25.03
N THR B 152 -33.88 32.23 25.33
CA THR B 152 -34.99 32.07 26.25
C THR B 152 -36.36 32.27 25.57
N ASP B 153 -36.41 32.27 24.24
CA ASP B 153 -37.65 32.39 23.48
C ASP B 153 -37.76 31.26 22.45
N SER B 154 -37.50 30.03 22.89
CA SER B 154 -37.54 28.78 22.13
C SER B 154 -36.84 28.88 20.79
N GLY B 155 -35.62 29.38 20.88
CA GLY B 155 -34.73 29.31 19.73
C GLY B 155 -34.85 30.47 18.77
N MET B 156 -35.77 31.41 18.99
CA MET B 156 -35.94 32.48 18.01
C MET B 156 -34.83 33.52 18.10
N THR B 157 -34.31 33.84 19.29
CA THR B 157 -33.26 34.84 19.45
C THR B 157 -32.14 34.27 20.33
N TRP B 158 -30.88 34.65 20.07
CA TRP B 158 -29.74 34.04 20.75
C TRP B 158 -28.80 35.11 21.27
N SER B 159 -28.20 34.87 22.43
CA SER B 159 -27.19 35.79 22.92
C SER B 159 -26.16 35.00 23.70
N LYS B 160 -24.98 35.62 23.85
CA LYS B 160 -23.87 34.99 24.55
C LYS B 160 -24.09 34.95 26.07
N VAL B 161 -23.78 33.79 26.67
CA VAL B 161 -23.79 33.68 28.13
C VAL B 161 -22.46 34.22 28.63
N THR B 162 -22.38 35.54 28.89
CA THR B 162 -21.09 36.14 29.14
C THR B 162 -20.48 35.69 30.46
N SER B 163 -21.29 35.18 31.41
CA SER B 163 -20.72 34.70 32.67
C SER B 163 -20.10 33.31 32.58
N PHE B 164 -20.15 32.64 31.43
CA PHE B 164 -19.51 31.32 31.30
C PHE B 164 -17.98 31.48 31.25
N PRO B 165 -17.22 30.65 31.96
CA PRO B 165 -15.82 31.02 32.25
C PRO B 165 -14.80 30.60 31.20
N ASN B 166 -15.15 29.80 30.21
CA ASN B 166 -14.09 29.12 29.45
C ASN B 166 -14.65 28.72 28.10
N PRO B 167 -14.24 29.38 27.01
CA PRO B 167 -14.76 29.03 25.68
C PRO B 167 -14.06 27.85 25.02
N GLY B 168 -13.18 27.14 25.72
CA GLY B 168 -12.45 26.03 25.12
C GLY B 168 -11.05 26.43 24.72
N THR B 169 -10.12 25.45 24.69
CA THR B 169 -8.73 25.70 24.30
C THR B 169 -8.19 24.72 23.24
N TYR B 170 -8.75 23.51 23.15
CA TYR B 170 -8.12 22.45 22.36
C TYR B 170 -8.13 22.74 20.84
N VAL B 171 -6.99 22.49 20.20
CA VAL B 171 -6.82 22.59 18.76
C VAL B 171 -6.15 21.31 18.25
N GLN B 172 -6.72 20.67 17.24
CA GLN B 172 -6.10 19.43 16.72
C GLN B 172 -4.70 19.68 16.14
N ASP B 173 -4.53 20.68 15.25
CA ASP B 173 -3.23 20.95 14.62
C ASP B 173 -3.17 22.43 14.24
N ALA B 174 -2.60 23.24 15.12
CA ALA B 174 -2.60 24.70 14.91
C ALA B 174 -1.77 25.13 13.70
N SER B 175 -0.93 24.26 13.15
CA SER B 175 -0.10 24.61 12.02
C SER B 175 -0.84 24.54 10.68
N ASP B 176 -2.08 24.07 10.67
CA ASP B 176 -2.82 23.86 9.43
C ASP B 176 -3.27 25.21 8.84
N THR B 177 -2.64 25.64 7.73
CA THR B 177 -2.95 26.96 7.16
C THR B 177 -4.28 27.01 6.42
N SER B 178 -4.93 25.87 6.16
CA SER B 178 -6.26 25.90 5.56
C SER B 178 -7.32 26.28 6.58
N GLY B 179 -6.98 26.22 7.88
CA GLY B 179 -7.95 26.42 8.94
C GLY B 179 -8.81 25.22 9.26
N TYR B 180 -8.62 24.09 8.56
CA TYR B 180 -9.49 22.95 8.79
C TYR B 180 -9.19 22.29 10.15
N LEU B 181 -7.90 22.08 10.50
CA LEU B 181 -7.56 21.38 11.75
C LEU B 181 -7.21 22.33 12.89
N SER B 182 -7.23 23.63 12.65
CA SER B 182 -6.62 24.59 13.57
C SER B 182 -7.64 25.40 14.36
N ASP B 183 -8.92 25.02 14.35
CA ASP B 183 -9.91 25.80 15.08
C ASP B 183 -10.06 25.33 16.53
N ASN B 184 -10.30 26.27 17.43
CA ASN B 184 -10.67 25.96 18.82
C ASN B 184 -11.94 25.12 18.82
N GLN B 185 -11.88 23.88 19.35
CA GLN B 185 -13.05 23.01 19.27
C GLN B 185 -14.16 23.44 20.23
N GLY B 186 -13.88 24.29 21.21
CA GLY B 186 -14.94 25.09 21.82
C GLY B 186 -15.67 24.38 22.94
N VAL B 187 -16.96 24.70 23.07
CA VAL B 187 -17.87 24.12 24.08
C VAL B 187 -18.70 23.03 23.41
N VAL B 188 -18.71 21.82 23.98
CA VAL B 188 -18.95 20.63 23.16
C VAL B 188 -20.09 19.76 23.67
N TRP B 189 -20.59 19.94 24.90
CA TRP B 189 -21.82 19.25 25.25
C TRP B 189 -22.50 19.99 26.41
N VAL B 190 -23.83 19.85 26.50
CA VAL B 190 -24.63 20.46 27.56
C VAL B 190 -25.65 19.44 28.04
N THR B 191 -25.73 19.24 29.37
CA THR B 191 -26.68 18.27 29.90
C THR B 191 -27.30 18.82 31.18
N PHE B 192 -28.64 18.86 31.16
CA PHE B 192 -29.42 19.36 32.30
C PHE B 192 -29.64 18.25 33.32
N ASP B 193 -29.72 18.63 34.62
CA ASP B 193 -30.22 17.71 35.66
C ASP B 193 -31.71 18.05 35.84
N GLU B 194 -32.59 17.22 35.27
CA GLU B 194 -34.02 17.53 35.24
C GLU B 194 -34.67 17.50 36.63
N ARG B 195 -34.08 16.83 37.62
CA ARG B 195 -34.60 16.89 38.98
C ARG B 195 -34.59 18.30 39.59
N THR B 196 -33.81 19.25 39.05
CA THR B 196 -33.60 20.55 39.67
C THR B 196 -34.43 21.67 39.05
N GLY B 197 -35.43 21.33 38.25
CA GLY B 197 -36.46 22.26 37.87
C GLY B 197 -37.83 21.61 38.02
N SER B 198 -38.86 22.41 37.77
CA SER B 198 -40.21 21.89 37.75
C SER B 198 -40.92 22.54 36.60
N SER B 199 -42.07 21.98 36.25
CA SER B 199 -42.81 22.39 35.07
C SER B 199 -42.99 23.90 35.07
N GLY B 200 -42.43 24.61 34.07
CA GLY B 200 -42.60 26.04 33.95
C GLY B 200 -41.48 26.88 34.53
N SER B 201 -40.54 26.27 35.25
CA SER B 201 -39.44 27.02 35.83
C SER B 201 -38.10 26.39 35.47
N ALA B 202 -37.16 27.27 35.16
CA ALA B 202 -35.93 26.86 34.50
C ALA B 202 -35.16 25.88 35.39
N THR B 203 -34.56 24.89 34.75
CA THR B 203 -33.77 23.90 35.46
C THR B 203 -32.53 24.57 36.07
N LYS B 204 -32.31 24.33 37.35
CA LYS B 204 -31.28 25.07 38.09
C LYS B 204 -29.86 24.52 37.90
N THR B 205 -29.67 23.21 37.77
CA THR B 205 -28.34 22.61 37.62
C THR B 205 -28.10 22.21 36.16
N ILE B 206 -27.07 22.79 35.55
CA ILE B 206 -26.71 22.53 34.16
C ILE B 206 -25.24 22.15 34.16
N TYR B 207 -24.89 21.05 33.47
CA TYR B 207 -23.48 20.67 33.26
C TYR B 207 -23.10 20.98 31.81
N VAL B 208 -21.88 21.47 31.59
CA VAL B 208 -21.37 21.89 30.27
C VAL B 208 -20.00 21.27 30.04
N GLY B 209 -19.79 20.59 28.91
CA GLY B 209 -18.47 20.01 28.59
C GLY B 209 -17.69 20.97 27.71
N VAL B 210 -16.39 21.12 27.99
CA VAL B 210 -15.52 22.08 27.32
C VAL B 210 -14.33 21.33 26.76
N ALA B 211 -13.96 21.63 25.51
CA ALA B 211 -12.73 21.09 24.87
C ALA B 211 -11.50 21.82 25.42
N ASP B 212 -11.11 21.42 26.64
CA ASP B 212 -9.93 21.93 27.36
C ASP B 212 -9.50 20.81 28.29
N LYS B 213 -8.33 20.23 28.06
CA LYS B 213 -7.93 19.05 28.82
C LYS B 213 -7.78 19.34 30.32
N ASP B 214 -7.54 20.59 30.68
CA ASP B 214 -7.37 21.02 32.06
C ASP B 214 -8.65 21.43 32.74
N ASN B 215 -9.74 21.60 31.99
CA ASN B 215 -11.01 22.09 32.53
C ASN B 215 -12.14 21.58 31.63
N THR B 216 -12.42 20.27 31.62
CA THR B 216 -13.37 19.78 30.63
C THR B 216 -14.82 19.81 31.10
N VAL B 217 -15.12 20.00 32.40
CA VAL B 217 -16.53 20.05 32.79
C VAL B 217 -16.80 21.20 33.77
N TYR B 218 -17.88 21.93 33.49
CA TYR B 218 -18.34 23.08 34.28
C TYR B 218 -19.77 22.82 34.75
N ARG B 219 -20.19 23.55 35.76
CA ARG B 219 -21.52 23.40 36.34
C ARG B 219 -22.09 24.75 36.72
N SER B 220 -23.39 24.94 36.52
CA SER B 220 -24.07 26.01 37.23
C SER B 220 -25.14 25.34 38.09
N THR B 221 -25.39 25.93 39.26
CA THR B 221 -26.47 25.48 40.12
C THR B 221 -27.52 26.56 40.32
N ASP B 222 -27.45 27.65 39.56
CA ASP B 222 -28.45 28.72 39.71
C ASP B 222 -29.03 29.09 38.35
N ALA B 223 -29.33 28.06 37.54
CA ALA B 223 -29.96 28.16 36.22
C ALA B 223 -29.12 29.00 35.23
N GLY B 224 -27.80 28.86 35.31
CA GLY B 224 -26.95 29.50 34.34
C GLY B 224 -26.62 30.96 34.59
N VAL B 225 -26.92 31.49 35.78
CA VAL B 225 -26.45 32.84 36.07
C VAL B 225 -24.97 32.83 36.41
N THR B 226 -24.48 31.91 37.25
CA THR B 226 -23.07 31.78 37.56
C THR B 226 -22.60 30.37 37.26
N TRP B 227 -21.28 30.24 37.01
CA TRP B 227 -20.65 29.00 36.55
C TRP B 227 -19.31 28.80 37.24
N SER B 228 -18.91 27.53 37.41
CA SER B 228 -17.53 27.24 37.78
C SER B 228 -17.17 25.82 37.38
N ARG B 229 -15.87 25.55 37.35
CA ARG B 229 -15.42 24.20 37.00
C ARG B 229 -15.81 23.24 38.13
N VAL B 230 -16.10 21.99 37.78
CA VAL B 230 -16.42 21.00 38.81
C VAL B 230 -15.15 20.62 39.58
N ALA B 231 -15.19 20.74 40.90
CA ALA B 231 -14.02 20.46 41.73
C ALA B 231 -13.62 18.99 41.62
N GLY B 232 -12.31 18.75 41.59
CA GLY B 232 -11.78 17.40 41.61
C GLY B 232 -11.84 16.65 40.30
N GLN B 233 -12.28 17.27 39.22
CA GLN B 233 -12.45 16.54 37.97
C GLN B 233 -11.11 16.04 37.42
N PRO B 234 -11.12 14.97 36.62
CA PRO B 234 -9.87 14.49 36.01
C PRO B 234 -9.40 15.46 34.94
N THR B 235 -8.08 15.50 34.75
CA THR B 235 -7.46 16.36 33.75
C THR B 235 -6.64 15.51 32.78
N GLY B 236 -6.29 16.10 31.62
CA GLY B 236 -5.50 15.42 30.59
C GLY B 236 -6.30 14.92 29.41
N TYR B 237 -7.63 14.97 29.48
CA TYR B 237 -8.45 14.35 28.45
C TYR B 237 -9.70 15.20 28.21
N LEU B 238 -10.13 15.17 26.96
CA LEU B 238 -11.33 15.86 26.50
C LEU B 238 -12.55 14.98 26.73
N SER B 239 -13.59 15.50 27.43
CA SER B 239 -14.86 14.78 27.60
C SER B 239 -15.69 14.85 26.31
N HIS B 240 -15.91 13.73 25.63
CA HIS B 240 -16.72 13.69 24.41
C HIS B 240 -18.20 13.74 24.74
N LYS B 241 -18.59 13.23 25.93
CA LYS B 241 -19.99 13.16 26.32
C LYS B 241 -20.11 13.26 27.83
N GLY B 242 -21.27 13.75 28.28
CA GLY B 242 -21.63 13.71 29.68
C GLY B 242 -23.09 13.36 29.82
N VAL B 243 -23.38 12.27 30.50
CA VAL B 243 -24.73 11.71 30.53
C VAL B 243 -25.11 11.45 31.97
N LEU B 244 -26.29 11.90 32.36
CA LEU B 244 -26.69 11.83 33.76
C LEU B 244 -27.75 10.76 33.95
N ASP B 245 -27.46 9.79 34.84
CA ASP B 245 -28.48 8.91 35.42
C ASP B 245 -29.04 9.60 36.64
N ALA B 246 -30.20 10.24 36.47
CA ALA B 246 -30.81 11.01 37.56
C ALA B 246 -31.39 10.11 38.65
N LYS B 247 -31.69 8.86 38.33
CA LYS B 247 -32.24 7.97 39.35
C LYS B 247 -31.21 7.68 40.44
N ASP B 248 -29.98 7.35 40.05
CA ASP B 248 -28.94 7.08 41.05
C ASP B 248 -28.05 8.28 41.31
N GLY B 249 -28.20 9.36 40.58
CA GLY B 249 -27.40 10.54 40.86
C GLY B 249 -25.96 10.41 40.40
N TYR B 250 -25.72 9.84 39.21
CA TYR B 250 -24.38 9.66 38.66
C TYR B 250 -24.27 10.40 37.34
N LEU B 251 -23.30 11.30 37.22
CA LEU B 251 -22.94 11.91 35.93
C LEU B 251 -21.75 11.13 35.38
N TYR B 252 -21.91 10.54 34.22
CA TYR B 252 -20.81 9.82 33.56
C TYR B 252 -20.12 10.69 32.51
N LEU B 253 -18.80 10.57 32.44
CA LEU B 253 -17.97 11.18 31.39
C LEU B 253 -17.18 10.13 30.64
N THR B 254 -17.21 10.19 29.30
CA THR B 254 -16.26 9.45 28.46
C THR B 254 -15.23 10.41 27.87
N THR B 255 -13.95 10.15 28.08
CA THR B 255 -12.93 11.09 27.63
C THR B 255 -11.90 10.45 26.70
N SER B 256 -11.15 11.33 26.04
CA SER B 256 -10.19 10.97 25.02
C SER B 256 -9.05 11.99 25.00
N ASP B 257 -7.86 11.53 24.61
CA ASP B 257 -6.77 12.49 24.47
C ASP B 257 -6.83 13.24 23.14
N LYS B 258 -7.83 13.00 22.29
CA LYS B 258 -8.00 13.76 21.03
C LYS B 258 -9.48 14.14 20.84
N GLY B 259 -9.73 15.05 19.89
CA GLY B 259 -11.12 15.48 19.66
C GLY B 259 -11.97 14.59 18.76
N GLY B 260 -11.36 13.66 18.02
CA GLY B 260 -12.12 12.81 17.13
C GLY B 260 -12.56 13.57 15.89
N PRO B 261 -13.26 12.91 14.97
CA PRO B 261 -13.73 11.53 15.15
C PRO B 261 -12.72 10.44 14.73
N TYR B 262 -11.58 10.81 14.12
CA TYR B 262 -10.66 9.80 13.59
C TYR B 262 -9.61 9.40 14.62
N ASP B 263 -9.13 10.36 15.40
CA ASP B 263 -8.00 10.15 16.30
C ASP B 263 -8.47 9.93 17.73
N GLY B 264 -7.52 9.55 18.60
CA GLY B 264 -7.74 9.23 20.00
C GLY B 264 -6.98 7.95 20.32
N GLU B 265 -5.94 8.06 21.15
CA GLU B 265 -5.09 6.93 21.50
C GLU B 265 -5.08 6.60 23.00
N LYS B 266 -5.69 7.43 23.86
CA LYS B 266 -5.88 7.16 25.29
C LYS B 266 -7.21 7.78 25.71
N GLY B 267 -7.71 7.39 26.89
CA GLY B 267 -9.00 7.90 27.37
C GLY B 267 -9.38 7.22 28.67
N GLN B 268 -10.38 7.79 29.31
CA GLN B 268 -10.87 7.31 30.59
C GLN B 268 -12.39 7.37 30.61
N VAL B 269 -12.97 6.69 31.58
CA VAL B 269 -14.39 6.80 31.89
C VAL B 269 -14.52 7.12 33.37
N TRP B 270 -15.29 8.17 33.69
CA TRP B 270 -15.43 8.66 35.06
C TRP B 270 -16.88 8.70 35.50
N ARG B 271 -17.07 8.50 36.80
CA ARG B 271 -18.39 8.59 37.43
C ARG B 271 -18.33 9.65 38.52
N TYR B 272 -19.23 10.64 38.42
CA TYR B 272 -19.31 11.77 39.34
C TYR B 272 -20.62 11.64 40.11
N THR B 273 -20.53 11.54 41.44
CA THR B 273 -21.72 11.41 42.26
C THR B 273 -22.25 12.82 42.57
N THR B 274 -23.40 13.17 41.95
CA THR B 274 -23.85 14.56 41.97
C THR B 274 -24.14 15.06 43.38
N ALA B 275 -24.61 14.20 44.28
CA ALA B 275 -24.97 14.67 45.62
C ALA B 275 -23.78 14.91 46.51
N THR B 276 -22.66 14.19 46.33
CA THR B 276 -21.52 14.23 47.24
C THR B 276 -20.29 14.88 46.66
N GLY B 277 -20.23 15.09 45.35
CA GLY B 277 -19.03 15.55 44.70
C GLY B 277 -17.95 14.49 44.47
N GLU B 278 -18.19 13.22 44.81
CA GLU B 278 -17.18 12.17 44.64
C GLU B 278 -16.96 11.80 43.17
N TRP B 279 -15.69 11.55 42.82
CA TRP B 279 -15.31 11.06 41.49
C TRP B 279 -14.73 9.65 41.60
N LYS B 280 -15.05 8.78 40.64
CA LYS B 280 -14.53 7.42 40.60
C LYS B 280 -14.12 7.06 39.18
N ASN B 281 -12.87 6.58 39.01
CA ASN B 281 -12.41 6.15 37.69
C ASN B 281 -13.00 4.77 37.42
N ILE B 282 -13.87 4.68 36.43
CA ILE B 282 -14.52 3.40 36.12
C ILE B 282 -14.11 2.91 34.72
N SER B 283 -12.90 3.26 34.28
CA SER B 283 -12.47 2.87 32.93
C SER B 283 -12.54 1.35 32.76
N PRO B 284 -13.15 0.85 31.67
CA PRO B 284 -13.29 -0.60 31.51
C PRO B 284 -11.97 -1.32 31.36
N MET B 285 -10.94 -0.67 30.86
CA MET B 285 -9.65 -1.34 30.65
C MET B 285 -8.56 -0.59 31.39
N ALA B 286 -7.48 -1.31 31.73
CA ALA B 286 -6.31 -0.66 32.31
C ALA B 286 -5.68 0.32 31.32
N ASP B 287 -5.03 1.36 31.85
CA ASP B 287 -4.36 2.32 30.98
C ASP B 287 -3.34 1.64 30.06
N ALA B 288 -2.55 0.69 30.60
CA ALA B 288 -1.52 0.09 29.76
C ALA B 288 -2.09 -0.64 28.56
N ASP B 289 -3.34 -1.08 28.61
CA ASP B 289 -3.99 -1.82 27.53
C ASP B 289 -4.79 -0.93 26.59
N THR B 290 -4.87 0.37 26.88
CA THR B 290 -5.75 1.29 26.15
C THR B 290 -4.96 1.98 25.05
N TYR B 291 -5.48 1.87 23.82
CA TYR B 291 -4.84 2.47 22.63
C TYR B 291 -5.87 3.29 21.85
N PHE B 292 -6.95 3.70 22.52
CA PHE B 292 -8.07 4.40 21.89
C PHE B 292 -8.64 5.35 22.94
N GLY B 293 -9.55 6.24 22.53
CA GLY B 293 -10.32 7.02 23.46
C GLY B 293 -11.75 6.49 23.57
N TYR B 294 -12.49 7.03 24.53
CA TYR B 294 -13.84 6.59 24.84
C TYR B 294 -14.89 7.62 24.40
N SER B 295 -16.01 7.10 23.90
CA SER B 295 -17.21 7.89 23.65
C SER B 295 -18.41 6.94 23.64
N GLY B 296 -19.41 7.17 22.81
CA GLY B 296 -20.51 6.21 22.72
C GLY B 296 -21.26 6.03 24.02
N LEU B 297 -21.32 7.07 24.85
CA LEU B 297 -21.89 6.93 26.21
C LEU B 297 -23.42 6.98 26.20
N THR B 298 -24.06 6.03 26.87
CA THR B 298 -25.52 5.96 26.96
C THR B 298 -25.89 5.26 28.27
N VAL B 299 -26.95 5.71 28.90
CA VAL B 299 -27.47 4.99 30.05
C VAL B 299 -28.84 4.42 29.67
N ASP B 300 -29.18 3.30 30.30
CA ASP B 300 -30.46 2.62 30.14
C ASP B 300 -31.50 3.32 31.02
N ARG B 301 -32.39 4.12 30.41
CA ARG B 301 -33.33 4.87 31.24
C ARG B 301 -34.33 3.96 31.96
N GLN B 302 -34.70 2.81 31.36
CA GLN B 302 -35.63 1.87 32.02
C GLN B 302 -34.96 1.11 33.17
N LYS B 303 -33.63 1.02 33.16
CA LYS B 303 -32.88 0.25 34.14
C LYS B 303 -31.64 1.02 34.57
N PRO B 304 -31.79 2.00 35.47
CA PRO B 304 -30.62 2.60 36.11
C PRO B 304 -29.66 1.56 36.67
N GLY B 305 -28.38 1.84 36.49
CA GLY B 305 -27.31 0.93 36.81
C GLY B 305 -26.65 0.40 35.55
N THR B 306 -27.39 0.33 34.45
CA THR B 306 -26.86 -0.19 33.17
C THR B 306 -26.42 0.98 32.31
N LEU B 307 -25.19 0.89 31.77
CA LEU B 307 -24.70 1.89 30.82
C LEU B 307 -23.77 1.20 29.84
N MET B 308 -23.48 1.88 28.74
CA MET B 308 -22.54 1.36 27.74
C MET B 308 -21.66 2.49 27.26
N VAL B 309 -20.44 2.14 26.81
CA VAL B 309 -19.51 3.10 26.21
C VAL B 309 -18.80 2.41 25.07
N THR B 310 -18.14 3.20 24.20
CA THR B 310 -17.34 2.60 23.14
C THR B 310 -15.90 3.04 23.22
N GLY B 311 -15.02 2.17 22.69
CA GLY B 311 -13.68 2.59 22.31
C GLY B 311 -13.74 3.12 20.89
N TYR B 312 -14.10 4.40 20.74
CA TYR B 312 -14.61 4.85 19.44
C TYR B 312 -13.55 4.87 18.34
N SER B 313 -12.26 5.01 18.69
CA SER B 313 -11.12 5.18 17.81
C SER B 313 -10.33 3.88 17.62
N SER B 314 -10.84 2.73 18.08
CA SER B 314 -10.12 1.47 17.93
C SER B 314 -10.17 1.02 16.46
N TRP B 315 -9.04 1.08 15.74
CA TRP B 315 -9.00 0.72 14.33
C TRP B 315 -8.72 -0.76 14.09
N TRP B 316 -8.18 -1.50 15.06
CA TRP B 316 -7.73 -2.89 14.87
C TRP B 316 -7.81 -3.61 16.20
N PRO B 317 -8.34 -4.85 16.26
CA PRO B 317 -8.87 -5.59 15.12
C PRO B 317 -10.26 -5.13 14.77
N ASP B 318 -10.90 -4.37 15.66
CA ASP B 318 -12.27 -3.91 15.43
C ASP B 318 -12.54 -2.83 16.48
N THR B 319 -13.70 -2.17 16.37
CA THR B 319 -14.11 -1.29 17.47
C THR B 319 -14.33 -2.12 18.75
N GLN B 320 -14.45 -1.41 19.88
CA GLN B 320 -14.74 -2.01 21.19
C GLN B 320 -16.03 -1.42 21.75
N ILE B 321 -16.92 -2.28 22.25
CA ILE B 321 -18.17 -1.86 22.87
C ILE B 321 -18.25 -2.47 24.26
N PHE B 322 -18.49 -1.62 25.28
CA PHE B 322 -18.42 -2.07 26.68
C PHE B 322 -19.78 -1.88 27.34
N ARG B 323 -20.10 -2.76 28.32
CA ARG B 323 -21.39 -2.70 29.01
C ARG B 323 -21.21 -2.95 30.50
N SER B 324 -21.98 -2.23 31.33
CA SER B 324 -21.92 -2.50 32.76
C SER B 324 -23.35 -2.43 33.28
N THR B 325 -23.69 -3.37 34.17
CA THR B 325 -25.00 -3.34 34.79
C THR B 325 -24.94 -2.92 36.25
N ASP B 326 -23.78 -2.52 36.77
CA ASP B 326 -23.66 -2.08 38.16
C ASP B 326 -22.97 -0.72 38.24
N SER B 327 -23.40 0.22 37.39
CA SER B 327 -22.95 1.61 37.40
C SER B 327 -21.44 1.73 37.30
N GLY B 328 -20.83 0.87 36.49
CA GLY B 328 -19.40 0.94 36.22
C GLY B 328 -18.49 0.18 37.18
N ALA B 329 -19.03 -0.57 38.15
CA ALA B 329 -18.14 -1.33 39.02
C ALA B 329 -17.51 -2.49 38.27
N THR B 330 -18.28 -3.13 37.38
CA THR B 330 -17.72 -4.20 36.53
C THR B 330 -18.26 -4.05 35.12
N TRP B 331 -17.49 -4.55 34.17
CA TRP B 331 -17.74 -4.37 32.73
C TRP B 331 -17.56 -5.70 32.01
N THR B 332 -18.31 -5.86 30.92
CA THR B 332 -18.06 -6.91 29.93
C THR B 332 -17.98 -6.23 28.56
N ARG B 333 -17.49 -6.99 27.55
CA ARG B 333 -17.17 -6.48 26.22
C ARG B 333 -17.91 -7.25 25.14
N ALA B 334 -18.09 -6.57 23.98
CA ALA B 334 -18.68 -7.23 22.82
C ALA B 334 -17.85 -8.42 22.32
N TRP B 335 -16.52 -8.39 22.50
CA TRP B 335 -15.66 -9.51 22.13
C TRP B 335 -14.43 -9.53 23.02
N ASP B 336 -13.84 -10.72 23.18
CA ASP B 336 -12.61 -10.95 23.93
C ASP B 336 -11.72 -11.92 23.17
N PHE B 337 -10.41 -11.73 23.28
CA PHE B 337 -9.49 -12.76 22.83
C PHE B 337 -9.60 -14.00 23.73
N THR B 338 -9.53 -15.19 23.13
CA THR B 338 -9.48 -16.37 23.97
C THR B 338 -8.08 -16.98 23.89
N SER B 339 -7.96 -18.09 23.18
CA SER B 339 -6.73 -18.75 22.83
C SER B 339 -6.15 -17.80 21.79
N TYR B 340 -5.50 -16.73 22.19
CA TYR B 340 -5.04 -15.68 21.28
C TYR B 340 -4.43 -16.30 20.03
N PRO B 341 -4.83 -15.88 18.83
CA PRO B 341 -5.66 -14.80 18.26
C PRO B 341 -7.19 -15.08 18.11
N ASN B 342 -7.66 -16.23 18.56
CA ASN B 342 -9.08 -16.50 18.49
C ASN B 342 -9.85 -15.56 19.41
N ARG B 343 -11.09 -15.28 19.03
CA ARG B 343 -11.96 -14.41 19.81
C ARG B 343 -13.28 -15.10 20.10
N SER B 344 -13.87 -14.79 21.27
CA SER B 344 -15.27 -15.08 21.49
C SER B 344 -16.08 -13.80 21.33
N LEU B 345 -17.28 -13.93 20.78
CA LEU B 345 -18.16 -12.80 20.50
C LEU B 345 -19.40 -12.91 21.37
N ARG B 346 -19.90 -11.76 21.81
CA ARG B 346 -21.21 -11.65 22.44
C ARG B 346 -22.29 -11.25 21.44
N TYR B 347 -22.03 -11.39 20.13
CA TYR B 347 -23.01 -10.95 19.13
C TYR B 347 -22.92 -11.84 17.89
N THR B 348 -23.99 -11.80 17.09
CA THR B 348 -23.97 -12.23 15.69
C THR B 348 -24.14 -10.95 14.88
N GLN B 349 -23.61 -10.92 13.66
CA GLN B 349 -23.72 -9.74 12.82
C GLN B 349 -24.14 -10.18 11.41
N ASP B 350 -24.97 -9.38 10.77
CA ASP B 350 -25.71 -9.90 9.61
C ASP B 350 -26.01 -8.72 8.70
N VAL B 351 -25.26 -8.59 7.61
CA VAL B 351 -25.46 -7.47 6.70
C VAL B 351 -26.09 -7.95 5.39
N SER B 352 -26.91 -8.96 5.49
CA SER B 352 -27.61 -9.48 4.35
C SER B 352 -28.47 -8.45 3.66
N SER B 353 -28.92 -7.46 4.42
CA SER B 353 -29.74 -6.34 3.96
C SER B 353 -28.94 -5.26 3.24
N VAL B 354 -27.65 -5.13 3.57
CA VAL B 354 -26.75 -4.17 2.94
C VAL B 354 -25.45 -4.89 2.60
N PRO B 355 -25.46 -5.75 1.58
CA PRO B 355 -24.35 -6.71 1.43
C PRO B 355 -23.01 -6.07 1.05
N TRP B 356 -23.01 -4.84 0.56
CA TRP B 356 -21.72 -4.23 0.19
C TRP B 356 -20.89 -3.84 1.40
N LEU B 357 -21.44 -3.90 2.62
CA LEU B 357 -20.65 -3.56 3.80
C LEU B 357 -19.50 -4.53 4.06
N THR B 358 -19.36 -5.64 3.30
CA THR B 358 -18.11 -6.38 3.39
C THR B 358 -16.93 -5.60 2.81
N PHE B 359 -17.18 -4.54 2.03
CA PHE B 359 -16.15 -3.75 1.34
C PHE B 359 -15.30 -4.63 0.42
N GLY B 360 -15.82 -5.79 0.03
CA GLY B 360 -15.11 -6.80 -0.73
C GLY B 360 -13.71 -7.19 -0.27
N THR B 361 -13.41 -7.09 1.02
CA THR B 361 -12.08 -7.34 1.55
C THR B 361 -11.93 -8.82 1.89
N ASN B 362 -10.70 -9.24 2.17
CA ASN B 362 -10.44 -10.54 2.79
C ASN B 362 -9.40 -10.39 3.88
N PRO B 363 -9.79 -9.85 5.04
CA PRO B 363 -8.82 -9.54 6.09
C PRO B 363 -8.28 -10.81 6.73
N THR B 364 -7.14 -10.67 7.30
CA THR B 364 -6.50 -11.79 7.98
C THR B 364 -6.95 -11.81 9.44
N PRO B 365 -7.39 -12.94 9.96
CA PRO B 365 -7.75 -13.02 11.39
C PRO B 365 -6.63 -12.49 12.26
N PRO B 366 -6.92 -11.78 13.37
CA PRO B 366 -8.27 -11.75 13.96
C PRO B 366 -9.23 -10.71 13.38
N GLU B 367 -8.85 -9.89 12.41
CA GLU B 367 -9.81 -8.99 11.81
C GLU B 367 -10.75 -9.77 10.89
N VAL B 368 -12.01 -9.32 10.81
CA VAL B 368 -13.04 -9.97 10.00
C VAL B 368 -13.76 -8.87 9.23
N THR B 369 -14.50 -9.29 8.21
CA THR B 369 -15.38 -8.34 7.52
C THR B 369 -16.74 -9.00 7.34
N PRO B 370 -17.85 -8.28 7.56
CA PRO B 370 -17.96 -6.87 7.98
C PRO B 370 -17.46 -6.70 9.40
N LYS B 371 -16.93 -5.52 9.68
CA LYS B 371 -16.48 -5.23 11.02
C LYS B 371 -17.69 -4.89 11.90
N LEU B 372 -17.52 -5.19 13.19
CA LEU B 372 -18.40 -4.65 14.21
C LEU B 372 -18.57 -3.13 14.06
N GLY B 373 -17.49 -2.41 13.79
CA GLY B 373 -17.64 -1.02 13.39
C GLY B 373 -16.34 -0.26 13.52
N TRP B 374 -16.45 1.07 13.35
CA TRP B 374 -15.35 2.02 13.51
C TRP B 374 -15.97 3.41 13.65
N MET B 375 -15.20 4.38 14.19
CA MET B 375 -15.69 5.72 14.45
C MET B 375 -17.01 5.68 15.22
N THR B 376 -17.06 4.87 16.28
CA THR B 376 -18.32 4.66 16.96
C THR B 376 -18.59 5.72 18.05
N GLU B 377 -18.68 7.00 17.63
CA GLU B 377 -18.94 8.06 18.62
C GLU B 377 -20.37 7.97 19.15
N ALA B 378 -21.33 7.62 18.31
CA ALA B 378 -22.74 7.57 18.70
C ALA B 378 -23.13 6.13 19.03
N LEU B 379 -23.58 5.89 20.27
CA LEU B 379 -24.20 4.64 20.69
C LEU B 379 -25.30 4.99 21.69
N GLU B 380 -26.51 4.48 21.46
CA GLU B 380 -27.65 4.90 22.27
C GLU B 380 -28.57 3.74 22.60
N ILE B 381 -28.86 3.56 23.87
CA ILE B 381 -29.90 2.64 24.31
C ILE B 381 -31.25 3.32 24.22
N ASP B 382 -32.21 2.65 23.64
CA ASP B 382 -33.58 3.13 23.55
C ASP B 382 -34.17 3.36 24.93
N PRO B 383 -34.56 4.60 25.27
CA PRO B 383 -35.07 4.86 26.64
C PRO B 383 -36.44 4.28 26.90
N PHE B 384 -37.11 3.74 25.89
CA PHE B 384 -38.35 2.99 26.10
C PHE B 384 -38.24 1.52 25.76
N ASP B 385 -37.02 0.99 25.56
CA ASP B 385 -36.88 -0.45 25.27
C ASP B 385 -35.44 -0.88 25.59
N SER B 386 -35.25 -1.50 26.76
CA SER B 386 -33.87 -1.83 27.12
C SER B 386 -33.28 -2.88 26.20
N ASN B 387 -34.09 -3.56 25.38
CA ASN B 387 -33.56 -4.52 24.41
C ASN B 387 -33.08 -3.91 23.13
N ARG B 388 -33.24 -2.60 22.91
CA ARG B 388 -32.82 -2.01 21.64
C ARG B 388 -31.69 -1.00 21.84
N MET B 389 -30.64 -1.12 21.02
CA MET B 389 -29.73 0.02 20.88
C MET B 389 -29.39 0.21 19.41
N MET B 390 -28.82 1.39 19.11
CA MET B 390 -28.30 1.73 17.78
C MET B 390 -26.95 2.42 17.91
N TYR B 391 -26.06 2.21 16.95
CA TYR B 391 -24.82 2.96 16.99
C TYR B 391 -24.39 3.30 15.56
N GLY B 392 -23.69 4.43 15.41
CA GLY B 392 -23.21 4.88 14.10
C GLY B 392 -21.77 4.48 13.87
N THR B 393 -21.41 4.24 12.61
CA THR B 393 -20.07 3.92 12.13
C THR B 393 -19.64 4.99 11.11
N GLY B 394 -18.42 4.85 10.59
CA GLY B 394 -18.01 5.62 9.41
C GLY B 394 -18.71 5.21 8.11
N ALA B 395 -19.55 4.16 8.13
CA ALA B 395 -20.29 3.75 6.94
C ALA B 395 -21.76 3.49 7.15
N THR B 396 -22.25 3.25 8.37
CA THR B 396 -23.62 2.79 8.50
C THR B 396 -24.13 3.11 9.90
N VAL B 397 -25.35 2.67 10.18
CA VAL B 397 -25.91 2.61 11.53
C VAL B 397 -26.28 1.15 11.78
N TYR B 398 -25.78 0.58 12.89
CA TYR B 398 -26.08 -0.78 13.28
C TYR B 398 -27.04 -0.74 14.46
N GLY B 399 -27.76 -1.84 14.68
CA GLY B 399 -28.71 -1.91 15.78
C GLY B 399 -29.00 -3.34 16.19
N THR B 400 -29.60 -3.48 17.37
CA THR B 400 -30.08 -4.78 17.84
C THR B 400 -31.44 -4.59 18.48
N GLU B 401 -32.22 -5.65 18.46
CA GLU B 401 -33.48 -5.68 19.17
C GLU B 401 -33.50 -6.71 20.30
N ASN B 402 -32.37 -7.38 20.58
CA ASN B 402 -32.36 -8.28 21.73
C ASN B 402 -31.14 -8.02 22.61
N LEU B 403 -30.93 -6.74 22.91
CA LEU B 403 -29.75 -6.36 23.69
C LEU B 403 -29.68 -7.10 25.03
N GLY B 404 -30.82 -7.40 25.63
CA GLY B 404 -30.82 -8.11 26.92
C GLY B 404 -30.10 -9.45 26.91
N ASN B 405 -29.96 -10.07 25.74
CA ASN B 405 -29.23 -11.33 25.63
C ASN B 405 -27.80 -11.19 26.13
N TRP B 406 -27.23 -9.99 26.02
CA TRP B 406 -25.88 -9.75 26.53
C TRP B 406 -25.77 -10.13 28.00
N ASP B 407 -26.75 -9.75 28.80
CA ASP B 407 -26.68 -9.95 30.25
C ASP B 407 -26.97 -11.38 30.65
N THR B 408 -27.55 -12.21 29.78
CA THR B 408 -27.87 -13.57 30.17
C THR B 408 -26.83 -14.57 29.64
N GLY B 409 -25.69 -14.09 29.16
CA GLY B 409 -24.73 -15.00 28.58
C GLY B 409 -25.00 -15.44 27.15
N GLY B 410 -25.96 -14.84 26.46
CA GLY B 410 -26.25 -15.15 25.08
C GLY B 410 -25.56 -14.19 24.11
N LYS B 411 -26.05 -14.18 22.88
CA LYS B 411 -25.48 -13.32 21.84
C LYS B 411 -26.57 -12.38 21.34
N ILE B 412 -26.24 -11.06 21.23
CA ILE B 412 -27.16 -10.09 20.63
C ILE B 412 -27.04 -10.19 19.12
N ALA B 413 -28.15 -10.00 18.42
CA ALA B 413 -28.19 -10.04 16.96
C ALA B 413 -28.12 -8.62 16.42
N ILE B 414 -27.04 -8.28 15.69
CA ILE B 414 -26.81 -6.94 15.14
C ILE B 414 -27.12 -6.97 13.65
N THR B 415 -27.91 -6.00 13.18
CA THR B 415 -28.18 -5.82 11.75
C THR B 415 -28.06 -4.33 11.43
N PRO B 416 -27.91 -3.97 10.16
CA PRO B 416 -27.96 -2.55 9.81
C PRO B 416 -29.36 -2.00 10.06
N MET B 417 -29.44 -0.75 10.54
CA MET B 417 -30.72 -0.03 10.72
C MET B 417 -30.55 1.30 10.03
N ILE B 418 -30.57 1.27 8.70
CA ILE B 418 -29.97 2.35 7.92
C ILE B 418 -30.84 2.73 6.71
N ARG B 419 -31.83 1.91 6.39
CA ARG B 419 -32.62 2.16 5.18
C ARG B 419 -33.19 3.58 5.18
N GLY B 420 -33.07 4.24 4.04
CA GLY B 420 -33.54 5.61 3.88
C GLY B 420 -32.54 6.67 4.26
N LEU B 421 -31.48 6.30 4.99
CA LEU B 421 -30.46 7.25 5.40
C LEU B 421 -29.39 7.22 4.32
N GLU B 422 -29.40 8.22 3.44
CA GLU B 422 -28.61 8.20 2.21
C GLU B 422 -27.56 9.31 2.30
N GLU B 423 -26.29 8.93 2.50
CA GLU B 423 -25.26 9.88 2.91
C GLU B 423 -24.11 10.10 1.91
N THR B 424 -24.12 9.49 0.74
CA THR B 424 -23.00 9.50 -0.20
C THR B 424 -22.74 10.89 -0.78
N ALA B 425 -21.47 11.23 -1.03
CA ALA B 425 -21.06 12.28 -1.94
C ALA B 425 -20.93 11.65 -3.32
N VAL B 426 -21.65 12.17 -4.28
CA VAL B 426 -21.70 11.61 -5.62
C VAL B 426 -20.85 12.47 -6.53
N ASN B 427 -19.87 11.87 -7.22
CA ASN B 427 -18.98 12.60 -8.12
C ASN B 427 -19.38 12.51 -9.58
N ASP B 428 -19.85 11.37 -10.04
CA ASP B 428 -20.17 11.17 -11.44
C ASP B 428 -21.26 10.10 -11.54
N LEU B 429 -21.99 10.15 -12.67
CA LEU B 429 -23.13 9.29 -12.98
C LEU B 429 -23.20 9.01 -14.47
N ALA B 430 -23.55 7.77 -14.82
CA ALA B 430 -23.74 7.37 -16.21
C ALA B 430 -24.95 6.46 -16.34
N SER B 431 -25.81 6.76 -17.31
CA SER B 431 -26.99 5.96 -17.62
C SER B 431 -26.85 5.50 -19.06
N PRO B 432 -26.22 4.35 -19.33
CA PRO B 432 -25.94 3.98 -20.71
C PRO B 432 -27.20 3.51 -21.41
N PRO B 433 -27.19 3.46 -22.75
CA PRO B 433 -28.42 3.08 -23.49
C PRO B 433 -28.80 1.60 -23.43
N THR B 434 -27.92 0.70 -23.00
CA THR B 434 -28.27 -0.70 -22.80
C THR B 434 -27.56 -1.16 -21.55
N GLY B 435 -28.00 -2.28 -21.01
CA GLY B 435 -27.37 -2.77 -19.81
C GLY B 435 -28.06 -2.22 -18.57
N ALA B 436 -27.30 -2.17 -17.48
CA ALA B 436 -27.83 -1.65 -16.22
C ALA B 436 -28.27 -0.19 -16.36
N PRO B 437 -29.29 0.27 -15.62
CA PRO B 437 -29.76 1.66 -15.82
C PRO B 437 -28.79 2.73 -15.34
N LEU B 438 -27.89 2.44 -14.40
CA LEU B 438 -27.05 3.47 -13.80
C LEU B 438 -25.75 2.89 -13.28
N LEU B 439 -24.64 3.59 -13.53
CA LEU B 439 -23.36 3.38 -12.88
C LEU B 439 -22.99 4.65 -12.13
N SER B 440 -22.58 4.51 -10.87
CA SER B 440 -22.35 5.57 -9.92
C SER B 440 -20.87 5.71 -9.59
N ALA B 441 -20.39 6.92 -9.37
CA ALA B 441 -19.04 7.14 -8.82
C ALA B 441 -19.19 7.89 -7.49
N LEU B 442 -18.76 7.25 -6.39
CA LEU B 442 -19.06 7.73 -5.04
C LEU B 442 -17.80 7.91 -4.21
N GLY B 443 -17.89 8.80 -3.22
CA GLY B 443 -16.82 8.88 -2.20
C GLY B 443 -16.92 7.69 -1.23
N ASP B 444 -15.75 7.19 -0.80
CA ASP B 444 -15.59 6.29 0.35
C ASP B 444 -16.00 4.84 0.08
N ILE B 445 -17.05 4.61 -0.69
CA ILE B 445 -17.50 3.25 -0.97
C ILE B 445 -17.44 2.91 -2.46
N GLY B 446 -16.71 3.70 -3.24
CA GLY B 446 -16.42 3.37 -4.63
C GLY B 446 -17.48 3.77 -5.63
N GLY B 447 -18.66 3.15 -5.49
CA GLY B 447 -19.72 3.26 -6.48
C GLY B 447 -20.20 1.88 -6.88
N PHE B 448 -21.24 1.87 -7.72
CA PHE B 448 -21.95 0.65 -8.01
C PHE B 448 -22.43 0.59 -9.45
N ARG B 449 -22.55 -0.63 -9.95
CA ARG B 449 -23.42 -0.94 -11.08
C ARG B 449 -24.80 -1.22 -10.50
N HIS B 450 -25.74 -0.30 -10.70
CA HIS B 450 -27.09 -0.42 -10.17
C HIS B 450 -27.95 -1.16 -11.19
N THR B 451 -28.06 -2.48 -11.01
CA THR B 451 -28.91 -3.28 -11.89
C THR B 451 -30.39 -3.04 -11.57
N ASP B 452 -30.69 -2.67 -10.33
CA ASP B 452 -32.05 -2.41 -9.87
C ASP B 452 -32.00 -1.14 -9.03
N LEU B 453 -32.56 -0.04 -9.56
CA LEU B 453 -32.52 1.22 -8.83
C LEU B 453 -33.26 1.11 -7.50
N ASP B 454 -34.12 0.10 -7.32
CA ASP B 454 -34.90 -0.03 -6.08
C ASP B 454 -34.35 -1.14 -5.18
N ALA B 455 -33.17 -1.69 -5.45
CA ALA B 455 -32.53 -2.66 -4.56
C ALA B 455 -31.09 -2.24 -4.27
N VAL B 456 -30.63 -2.51 -3.04
CA VAL B 456 -29.22 -2.25 -2.70
C VAL B 456 -28.33 -3.11 -3.59
N PRO B 457 -27.28 -2.55 -4.18
CA PRO B 457 -26.38 -3.39 -4.99
C PRO B 457 -25.64 -4.38 -4.08
N ALA B 458 -25.34 -5.55 -4.64
CA ALA B 458 -24.71 -6.61 -3.85
C ALA B 458 -23.26 -6.27 -3.45
N ARG B 459 -22.54 -5.54 -4.28
CA ARG B 459 -21.17 -5.16 -3.95
C ARG B 459 -20.83 -3.88 -4.68
N MET B 460 -19.93 -3.10 -4.08
CA MET B 460 -19.27 -2.01 -4.77
C MET B 460 -18.32 -2.53 -5.84
N TYR B 461 -17.80 -1.61 -6.67
CA TYR B 461 -16.72 -1.98 -7.60
C TYR B 461 -15.57 -2.63 -6.84
N THR B 462 -15.14 -3.80 -7.32
CA THR B 462 -14.02 -4.53 -6.75
C THR B 462 -13.05 -4.97 -7.85
N SER B 463 -11.85 -5.37 -7.41
CA SER B 463 -10.87 -6.00 -8.30
C SER B 463 -10.49 -5.08 -9.47
N PRO B 464 -9.92 -3.87 -9.31
CA PRO B 464 -9.56 -3.19 -8.06
C PRO B 464 -10.71 -2.47 -7.37
N THR B 465 -10.64 -2.37 -6.06
CA THR B 465 -11.47 -1.49 -5.25
C THR B 465 -10.87 -0.09 -5.28
N PHE B 466 -11.69 0.94 -5.45
CA PHE B 466 -11.28 2.31 -5.18
C PHE B 466 -11.94 2.74 -3.90
N THR B 467 -11.21 3.50 -3.08
CA THR B 467 -11.84 4.27 -2.02
C THR B 467 -12.95 5.15 -2.57
N THR B 468 -12.64 5.94 -3.60
CA THR B 468 -13.54 6.91 -4.20
C THR B 468 -13.36 6.82 -5.70
N THR B 469 -14.47 6.77 -6.44
CA THR B 469 -14.40 6.88 -7.90
C THR B 469 -14.63 8.33 -8.27
N THR B 470 -13.73 8.93 -9.06
CA THR B 470 -13.93 10.33 -9.44
C THR B 470 -14.60 10.50 -10.80
N SER B 471 -14.44 9.55 -11.74
CA SER B 471 -14.91 9.71 -13.10
C SER B 471 -15.14 8.34 -13.73
N LEU B 472 -16.18 8.24 -14.54
CA LEU B 472 -16.37 6.99 -15.27
C LEU B 472 -16.92 7.31 -16.65
N ASP B 473 -16.78 6.36 -17.57
CA ASP B 473 -17.29 6.52 -18.92
C ASP B 473 -17.54 5.12 -19.46
N TYR B 474 -18.28 5.05 -20.55
CA TYR B 474 -18.55 3.81 -21.26
C TYR B 474 -18.45 4.11 -22.75
N ALA B 475 -18.17 3.06 -23.52
CA ALA B 475 -18.17 3.18 -24.99
C ALA B 475 -19.60 3.37 -25.52
N GLU B 476 -19.87 4.52 -26.16
CA GLU B 476 -21.24 4.80 -26.54
C GLU B 476 -21.82 3.69 -27.43
N THR B 477 -21.03 3.14 -28.37
CA THR B 477 -21.56 2.09 -29.23
C THR B 477 -21.62 0.73 -28.56
N ASN B 478 -21.00 0.55 -27.38
CA ASN B 478 -20.92 -0.77 -26.74
C ASN B 478 -20.78 -0.58 -25.23
N PRO B 479 -21.90 -0.42 -24.53
CA PRO B 479 -21.82 -0.14 -23.09
C PRO B 479 -21.25 -1.28 -22.27
N ASN B 480 -20.94 -2.45 -22.86
CA ASN B 480 -20.29 -3.46 -22.05
C ASN B 480 -18.89 -3.01 -21.67
N THR B 481 -18.30 -2.12 -22.48
CA THR B 481 -16.99 -1.56 -22.17
C THR B 481 -17.18 -0.29 -21.34
N VAL B 482 -16.62 -0.33 -20.13
CA VAL B 482 -16.73 0.70 -19.13
C VAL B 482 -15.34 0.96 -18.57
N VAL B 483 -15.10 2.23 -18.21
CA VAL B 483 -13.85 2.61 -17.55
C VAL B 483 -14.21 3.45 -16.32
N ARG B 484 -13.37 3.36 -15.29
CA ARG B 484 -13.46 4.21 -14.10
C ARG B 484 -12.06 4.55 -13.59
N VAL B 485 -11.90 5.79 -13.07
CA VAL B 485 -10.68 6.23 -12.39
C VAL B 485 -11.04 6.77 -11.00
N GLY B 486 -10.09 6.71 -10.08
CA GLY B 486 -10.44 7.12 -8.73
C GLY B 486 -9.22 7.33 -7.85
N ASN B 487 -9.50 7.53 -6.56
CA ASN B 487 -8.50 7.80 -5.55
C ASN B 487 -8.26 6.54 -4.72
N ASN B 488 -7.00 6.30 -4.38
CA ASN B 488 -6.57 5.12 -3.64
C ASN B 488 -5.20 5.42 -3.05
N ASP B 489 -4.88 4.75 -1.94
CA ASP B 489 -3.56 4.96 -1.35
C ASP B 489 -2.45 4.46 -2.28
N SER B 490 -2.61 3.27 -2.84
CA SER B 490 -1.67 2.84 -3.86
C SER B 490 -2.39 2.50 -5.16
N ALA B 491 -1.60 2.41 -6.23
CA ALA B 491 -2.12 1.97 -7.51
C ALA B 491 -2.83 0.63 -7.36
N PRO B 492 -3.77 0.29 -8.26
CA PRO B 492 -4.20 1.02 -9.45
C PRO B 492 -5.33 1.99 -9.16
N ARG B 493 -5.37 3.05 -9.96
CA ARG B 493 -6.40 4.05 -9.87
C ARG B 493 -7.17 4.16 -11.17
N ILE B 494 -7.05 3.17 -12.05
CA ILE B 494 -7.89 3.05 -13.24
C ILE B 494 -8.28 1.58 -13.37
N ALA B 495 -9.49 1.34 -13.87
CA ALA B 495 -10.02 -0.02 -13.97
C ALA B 495 -10.96 -0.09 -15.16
N PHE B 496 -11.06 -1.29 -15.75
CA PHE B 496 -11.86 -1.50 -16.95
C PHE B 496 -12.81 -2.67 -16.78
N SER B 497 -13.91 -2.62 -17.51
CA SER B 497 -14.78 -3.78 -17.56
C SER B 497 -15.25 -3.97 -19.00
N THR B 498 -15.38 -5.24 -19.39
CA THR B 498 -15.99 -5.59 -20.66
C THR B 498 -17.37 -6.19 -20.50
N ASP B 499 -17.87 -6.33 -19.27
CA ASP B 499 -19.23 -6.83 -19.09
C ASP B 499 -20.11 -5.81 -18.36
N ASN B 500 -20.08 -4.55 -18.82
CA ASN B 500 -21.03 -3.53 -18.40
C ASN B 500 -20.90 -3.24 -16.90
N GLY B 501 -19.71 -3.41 -16.36
CA GLY B 501 -19.44 -3.03 -14.98
C GLY B 501 -19.66 -4.12 -13.97
N ALA B 502 -20.01 -5.33 -14.41
CA ALA B 502 -20.24 -6.42 -13.45
C ALA B 502 -18.93 -6.91 -12.88
N ASN B 503 -17.88 -6.98 -13.71
CA ASN B 503 -16.58 -7.42 -13.26
C ASN B 503 -15.53 -6.51 -13.87
N TRP B 504 -14.44 -6.31 -13.14
CA TRP B 504 -13.43 -5.35 -13.55
C TRP B 504 -12.06 -6.02 -13.62
N PHE B 505 -11.13 -5.31 -14.28
CA PHE B 505 -9.70 -5.60 -14.20
C PHE B 505 -8.95 -4.28 -14.27
N GLN B 506 -7.74 -4.25 -13.73
CA GLN B 506 -7.01 -2.98 -13.67
C GLN B 506 -6.23 -2.71 -14.95
N GLY B 507 -5.73 -1.48 -15.05
CA GLY B 507 -4.71 -1.11 -16.02
C GLY B 507 -3.46 -0.56 -15.35
N SER B 508 -2.46 -0.25 -16.17
CA SER B 508 -1.25 0.34 -15.65
C SER B 508 -1.43 1.85 -15.43
N GLU B 509 -0.45 2.49 -14.80
CA GLU B 509 -0.57 3.94 -14.59
C GLU B 509 0.58 4.69 -15.24
N PRO B 510 0.32 5.88 -15.78
CA PRO B 510 1.43 6.78 -16.12
C PRO B 510 2.13 7.28 -14.87
N SER B 511 3.17 8.07 -15.08
CA SER B 511 3.97 8.58 -13.97
C SER B 511 3.15 9.55 -13.11
N GLY B 512 3.38 9.49 -11.80
CA GLY B 512 2.98 10.56 -10.88
C GLY B 512 1.51 10.73 -10.62
N VAL B 513 0.73 9.66 -10.70
CA VAL B 513 -0.71 9.76 -10.45
C VAL B 513 -0.95 9.87 -8.96
N THR B 514 -1.59 10.96 -8.52
CA THR B 514 -1.96 11.10 -7.12
C THR B 514 -3.45 10.96 -6.87
N GLY B 515 -4.29 10.90 -7.92
CA GLY B 515 -5.74 10.79 -7.78
C GLY B 515 -6.39 10.62 -9.13
N GLY B 516 -7.70 10.34 -9.09
CA GLY B 516 -8.40 9.88 -10.29
C GLY B 516 -8.43 10.90 -11.43
N GLY B 517 -8.80 12.15 -11.14
CA GLY B 517 -9.02 13.08 -12.24
C GLY B 517 -10.25 12.67 -13.04
N THR B 518 -10.19 12.87 -14.37
CA THR B 518 -11.28 12.49 -15.26
C THR B 518 -10.78 11.54 -16.36
N VAL B 519 -11.72 10.79 -16.94
CA VAL B 519 -11.41 9.74 -17.91
C VAL B 519 -12.45 9.78 -19.03
N ALA B 520 -12.05 9.42 -20.25
CA ALA B 520 -12.98 9.41 -21.39
C ALA B 520 -12.77 8.14 -22.22
N ALA B 521 -13.85 7.53 -22.71
CA ALA B 521 -13.75 6.31 -23.51
C ALA B 521 -14.12 6.58 -24.96
N ALA B 522 -13.28 6.09 -25.89
CA ALA B 522 -13.61 6.14 -27.32
C ALA B 522 -14.99 5.54 -27.58
N ALA B 523 -15.75 6.15 -28.49
CA ALA B 523 -17.13 5.70 -28.75
C ALA B 523 -17.22 4.23 -29.11
N ASP B 524 -16.17 3.67 -29.72
CA ASP B 524 -16.14 2.25 -30.07
C ASP B 524 -15.37 1.42 -29.07
N GLY B 525 -14.90 2.01 -27.96
CA GLY B 525 -14.22 1.23 -26.92
C GLY B 525 -12.80 0.80 -27.22
N SER B 526 -12.15 1.41 -28.21
CA SER B 526 -10.83 0.99 -28.68
C SER B 526 -9.68 1.63 -27.92
N GLY B 527 -9.95 2.64 -27.09
CA GLY B 527 -8.90 3.33 -26.36
C GLY B 527 -9.51 4.40 -25.48
N PHE B 528 -8.64 5.13 -24.78
CA PHE B 528 -9.05 5.93 -23.64
C PHE B 528 -8.10 7.10 -23.47
N VAL B 529 -8.63 8.19 -22.91
CA VAL B 529 -7.85 9.36 -22.53
C VAL B 529 -8.06 9.59 -21.04
N TRP B 530 -6.96 9.75 -20.30
CA TRP B 530 -6.96 9.86 -18.84
C TRP B 530 -6.20 11.12 -18.47
N ALA B 531 -6.85 12.00 -17.70
CA ALA B 531 -6.21 13.18 -17.13
C ALA B 531 -6.18 13.01 -15.61
N PRO B 532 -5.17 12.37 -15.05
CA PRO B 532 -5.14 12.11 -13.62
C PRO B 532 -4.72 13.34 -12.84
N GLU B 533 -4.99 13.31 -11.54
CA GLU B 533 -4.41 14.30 -10.66
C GLU B 533 -2.95 13.97 -10.41
N GLY B 534 -2.18 15.00 -10.13
CA GLY B 534 -0.75 14.84 -9.84
C GLY B 534 0.13 14.84 -11.09
N SER B 535 -0.29 14.13 -12.13
CA SER B 535 0.58 13.90 -13.27
C SER B 535 0.89 15.21 -13.97
N SER B 536 2.01 15.21 -14.71
CA SER B 536 2.52 16.36 -15.43
C SER B 536 1.85 16.55 -16.79
N ALA B 537 0.88 15.70 -17.13
CA ALA B 537 0.33 15.66 -18.48
C ALA B 537 -1.02 14.96 -18.45
N VAL B 538 -1.71 14.97 -19.61
CA VAL B 538 -2.82 14.10 -19.96
C VAL B 538 -2.25 12.97 -20.79
N TYR B 539 -2.86 11.78 -20.70
CA TYR B 539 -2.32 10.59 -21.33
C TYR B 539 -3.38 9.89 -22.16
N HIS B 540 -2.92 9.10 -23.14
CA HIS B 540 -3.83 8.35 -23.98
C HIS B 540 -3.30 6.93 -24.13
N THR B 541 -4.22 6.00 -24.33
CA THR B 541 -3.91 4.60 -24.48
C THR B 541 -4.77 3.98 -25.56
N THR B 542 -4.19 3.03 -26.29
CA THR B 542 -4.93 2.18 -27.20
C THR B 542 -5.02 0.80 -26.58
N GLY B 543 -6.23 0.29 -26.45
CA GLY B 543 -6.45 -0.89 -25.66
C GLY B 543 -6.72 -0.52 -24.21
N PHE B 544 -6.57 -1.51 -23.34
CA PHE B 544 -6.98 -1.36 -21.94
C PHE B 544 -5.82 -0.94 -21.04
N GLY B 545 -5.15 0.15 -21.37
CA GLY B 545 -4.24 0.77 -20.42
C GLY B 545 -2.99 -0.01 -20.11
N ASN B 546 -2.46 -0.78 -21.07
CA ASN B 546 -1.15 -1.39 -20.84
C ASN B 546 -0.01 -0.40 -21.10
N SER B 547 -0.13 0.42 -22.13
CA SER B 547 0.84 1.47 -22.44
CA SER B 547 0.84 1.47 -22.45
C SER B 547 0.13 2.81 -22.52
N TRP B 548 0.65 3.81 -21.80
CA TRP B 548 0.19 5.20 -21.85
C TRP B 548 1.25 6.09 -22.50
N SER B 549 0.82 7.03 -23.34
CA SER B 549 1.66 8.06 -23.93
C SER B 549 1.11 9.46 -23.62
N VAL B 550 1.99 10.44 -23.65
CA VAL B 550 1.57 11.81 -23.37
C VAL B 550 0.68 12.31 -24.48
N SER B 551 -0.48 12.85 -24.13
CA SER B 551 -1.32 13.57 -25.08
C SER B 551 -0.74 14.95 -25.31
N SER B 552 -0.28 15.27 -26.51
CA SER B 552 0.34 16.57 -26.69
C SER B 552 -0.72 17.66 -26.95
N GLY B 553 -0.34 18.90 -26.65
CA GLY B 553 -1.16 20.05 -26.93
C GLY B 553 -2.29 20.33 -25.95
N ILE B 554 -2.37 19.61 -24.82
CA ILE B 554 -3.44 19.83 -23.85
C ILE B 554 -2.83 19.91 -22.45
N PRO B 555 -3.26 20.83 -21.59
CA PRO B 555 -2.60 20.98 -20.29
C PRO B 555 -2.97 19.89 -19.30
N ALA B 556 -2.02 19.58 -18.41
CA ALA B 556 -2.29 18.62 -17.34
C ALA B 556 -3.52 19.07 -16.55
N GLY B 557 -4.32 18.11 -16.14
CA GLY B 557 -5.51 18.39 -15.34
C GLY B 557 -6.70 18.94 -16.09
N ALA B 558 -6.68 18.99 -17.43
CA ALA B 558 -7.88 19.35 -18.17
C ALA B 558 -9.00 18.36 -17.88
N VAL B 559 -10.24 18.83 -17.99
CA VAL B 559 -11.40 17.94 -17.97
C VAL B 559 -11.50 17.30 -19.35
N VAL B 560 -11.53 15.95 -19.43
CA VAL B 560 -11.56 15.26 -20.74
C VAL B 560 -12.91 14.55 -20.95
N GLU B 561 -13.36 14.55 -22.20
CA GLU B 561 -14.61 13.93 -22.61
C GLU B 561 -14.41 13.35 -24.01
N SER B 562 -15.27 12.41 -24.38
CA SER B 562 -15.16 11.79 -25.69
C SER B 562 -16.35 12.18 -26.55
N ASP B 563 -16.12 12.30 -27.84
CA ASP B 563 -17.25 12.40 -28.75
C ASP B 563 -18.04 11.10 -28.72
N ARG B 564 -19.35 11.20 -28.87
CA ARG B 564 -20.20 10.03 -28.72
C ARG B 564 -20.46 9.33 -30.05
N LYS B 565 -20.02 9.89 -31.15
CA LYS B 565 -20.24 9.23 -32.43
C LYS B 565 -18.94 8.97 -33.17
N ASN B 566 -17.98 9.90 -33.16
CA ASN B 566 -16.71 9.72 -33.83
C ASN B 566 -15.71 9.17 -32.83
N PRO B 567 -15.29 7.90 -32.96
CA PRO B 567 -14.42 7.31 -31.93
C PRO B 567 -13.01 7.89 -31.90
N LYS B 568 -12.61 8.68 -32.91
CA LYS B 568 -11.31 9.33 -32.92
C LYS B 568 -11.32 10.72 -32.31
N LYS B 569 -12.49 11.27 -32.02
CA LYS B 569 -12.62 12.62 -31.52
C LYS B 569 -12.71 12.65 -29.97
N PHE B 570 -11.82 13.40 -29.34
CA PHE B 570 -11.86 13.66 -27.91
C PHE B 570 -11.78 15.15 -27.65
N TYR B 571 -12.14 15.54 -26.42
CA TYR B 571 -12.24 16.94 -26.02
C TYR B 571 -11.58 17.18 -24.68
N GLY B 572 -11.07 18.42 -24.50
CA GLY B 572 -10.60 18.85 -23.20
C GLY B 572 -11.02 20.28 -22.93
N PHE B 573 -11.09 20.63 -21.63
CA PHE B 573 -11.37 22.02 -21.27
C PHE B 573 -10.54 22.40 -20.05
N LYS B 574 -9.90 23.58 -20.11
CA LYS B 574 -9.22 24.08 -18.92
C LYS B 574 -9.02 25.58 -18.99
N ALA B 575 -9.40 26.30 -17.94
CA ALA B 575 -9.09 27.74 -17.81
C ALA B 575 -9.55 28.54 -19.03
N GLY B 576 -10.78 28.29 -19.49
CA GLY B 576 -11.34 29.07 -20.57
C GLY B 576 -11.00 28.61 -21.97
N THR B 577 -10.21 27.55 -22.14
CA THR B 577 -9.81 27.10 -23.47
C THR B 577 -10.36 25.70 -23.73
N PHE B 578 -10.95 25.51 -24.89
CA PHE B 578 -11.47 24.21 -25.33
C PHE B 578 -10.49 23.52 -26.29
N TYR B 579 -10.21 22.25 -26.06
CA TYR B 579 -9.20 21.53 -26.81
C TYR B 579 -9.82 20.35 -27.55
N VAL B 580 -9.32 20.04 -28.76
CA VAL B 580 -9.91 18.96 -29.57
C VAL B 580 -8.81 18.08 -30.17
N SER B 581 -9.01 16.77 -30.07
CA SER B 581 -8.14 15.84 -30.77
C SER B 581 -9.00 15.10 -31.78
N THR B 582 -8.41 14.82 -32.94
CA THR B 582 -9.10 14.01 -33.93
C THR B 582 -8.32 12.74 -34.26
N ASP B 583 -7.41 12.33 -33.39
CA ASP B 583 -6.59 11.15 -33.64
C ASP B 583 -6.56 10.25 -32.43
N GLY B 584 -7.72 10.08 -31.78
CA GLY B 584 -7.81 9.21 -30.62
C GLY B 584 -7.18 9.75 -29.36
N GLY B 585 -6.92 11.04 -29.27
CA GLY B 585 -6.29 11.59 -28.08
C GLY B 585 -4.78 11.75 -28.15
N ALA B 586 -4.15 11.35 -29.27
CA ALA B 586 -2.70 11.46 -29.35
C ALA B 586 -2.25 12.92 -29.37
N THR B 587 -2.96 13.78 -30.09
CA THR B 587 -2.62 15.19 -30.22
C THR B 587 -3.88 16.02 -30.04
N PHE B 588 -3.81 17.13 -29.31
CA PHE B 588 -4.91 18.07 -29.13
C PHE B 588 -4.51 19.44 -29.65
N THR B 589 -5.50 20.23 -30.09
CA THR B 589 -5.21 21.60 -30.50
C THR B 589 -6.23 22.52 -29.84
N ALA B 590 -5.75 23.69 -29.42
CA ALA B 590 -6.63 24.66 -28.79
C ALA B 590 -7.60 25.22 -29.84
N ARG B 591 -8.90 25.23 -29.50
CA ARG B 591 -9.93 25.70 -30.41
C ARG B 591 -10.55 26.93 -29.78
N ALA B 592 -11.86 26.94 -29.52
CA ALA B 592 -12.52 28.08 -28.91
C ALA B 592 -11.79 28.52 -27.63
N SER B 593 -11.42 29.80 -27.59
CA SER B 593 -10.54 30.36 -26.55
C SER B 593 -11.17 31.55 -25.84
N SER B 594 -12.40 31.92 -26.18
CA SER B 594 -13.01 33.17 -25.72
C SER B 594 -14.48 32.92 -25.42
N GLY B 595 -15.05 33.77 -24.58
CA GLY B 595 -16.44 33.62 -24.25
C GLY B 595 -16.68 32.58 -23.18
N LEU B 596 -15.94 31.46 -23.23
CA LEU B 596 -16.08 30.36 -22.27
C LEU B 596 -15.61 30.78 -20.87
N PRO B 597 -16.11 30.11 -19.83
CA PRO B 597 -15.78 30.57 -18.46
C PRO B 597 -14.31 30.31 -18.15
N ALA B 598 -13.60 31.36 -17.75
CA ALA B 598 -12.18 31.25 -17.42
C ALA B 598 -11.91 31.03 -15.94
N ASP B 599 -12.95 31.11 -15.11
CA ASP B 599 -12.83 31.10 -13.66
C ASP B 599 -13.91 30.19 -13.09
N GLY B 600 -13.51 29.28 -12.23
CA GLY B 600 -14.47 28.41 -11.60
C GLY B 600 -14.50 27.07 -12.28
N PRO B 601 -15.27 26.14 -11.70
CA PRO B 601 -15.44 24.82 -12.30
C PRO B 601 -16.31 24.82 -13.54
N ALA B 602 -16.19 23.74 -14.31
CA ALA B 602 -17.07 23.49 -15.45
C ALA B 602 -17.37 21.99 -15.59
N ARG B 603 -18.51 21.67 -16.20
CA ARG B 603 -18.87 20.32 -16.67
C ARG B 603 -19.27 20.40 -18.13
N PHE B 604 -18.91 19.39 -18.93
CA PHE B 604 -19.30 19.42 -20.33
C PHE B 604 -19.41 18.00 -20.86
N LYS B 605 -20.23 17.82 -21.88
CA LYS B 605 -20.51 16.51 -22.47
C LYS B 605 -20.82 16.69 -23.96
N ALA B 606 -20.42 15.70 -24.76
CA ALA B 606 -20.89 15.62 -26.13
C ALA B 606 -22.22 14.89 -26.15
N LEU B 607 -23.07 15.26 -27.09
CA LEU B 607 -24.44 14.71 -27.20
C LEU B 607 -24.41 13.31 -27.80
N PRO B 608 -25.12 12.35 -27.21
CA PRO B 608 -25.34 11.06 -27.87
C PRO B 608 -25.97 11.24 -29.25
N GLY B 609 -25.38 10.60 -30.26
CA GLY B 609 -25.97 10.60 -31.58
C GLY B 609 -25.56 11.72 -32.54
N ALA B 610 -24.79 12.70 -32.09
CA ALA B 610 -24.48 13.86 -32.93
C ALA B 610 -23.01 14.20 -32.77
N GLU B 611 -22.22 13.93 -33.81
CA GLU B 611 -20.81 14.28 -33.74
C GLU B 611 -20.64 15.79 -33.57
N GLY B 612 -19.74 16.19 -32.67
CA GLY B 612 -19.41 17.61 -32.60
C GLY B 612 -20.42 18.48 -31.88
N ASP B 613 -21.46 17.90 -31.27
CA ASP B 613 -22.47 18.65 -30.55
C ASP B 613 -22.12 18.63 -29.06
N ILE B 614 -21.74 19.78 -28.53
CA ILE B 614 -21.14 19.86 -27.19
C ILE B 614 -21.89 20.89 -26.36
N TRP B 615 -22.26 20.52 -25.13
CA TRP B 615 -22.87 21.42 -24.17
C TRP B 615 -21.93 21.61 -22.99
N LEU B 616 -21.66 22.86 -22.60
CA LEU B 616 -20.73 23.16 -21.50
C LEU B 616 -21.42 24.06 -20.49
N ALA B 617 -21.39 23.65 -19.22
CA ALA B 617 -21.93 24.46 -18.12
C ALA B 617 -20.81 24.81 -17.14
N GLY B 618 -20.88 25.98 -16.54
CA GLY B 618 -19.91 26.30 -15.50
C GLY B 618 -19.60 27.77 -15.39
N GLY B 619 -18.54 28.07 -14.63
CA GLY B 619 -18.10 29.42 -14.37
C GLY B 619 -18.34 29.84 -12.94
N SER B 620 -18.43 31.15 -12.73
CA SER B 620 -18.46 31.64 -11.36
C SER B 620 -19.00 33.06 -11.35
N THR B 621 -19.39 33.52 -10.15
CA THR B 621 -19.77 34.92 -10.02
C THR B 621 -18.60 35.84 -10.28
N GLY B 622 -17.37 35.32 -10.26
CA GLY B 622 -16.19 36.13 -10.57
C GLY B 622 -15.86 36.25 -12.05
N GLY B 623 -16.49 35.46 -12.91
CA GLY B 623 -16.35 35.60 -14.35
C GLY B 623 -17.65 35.34 -15.11
N ALA B 624 -17.56 34.81 -16.33
CA ALA B 624 -18.75 34.31 -17.02
C ALA B 624 -19.33 33.11 -16.29
N TYR B 625 -20.65 32.92 -16.40
CA TYR B 625 -21.36 31.85 -15.71
C TYR B 625 -22.53 31.51 -16.60
N GLY B 626 -22.79 30.23 -16.84
CA GLY B 626 -23.93 29.90 -17.67
C GLY B 626 -23.77 28.57 -18.38
N LEU B 627 -24.42 28.50 -19.55
CA LEU B 627 -24.52 27.31 -20.37
C LEU B 627 -24.18 27.69 -21.80
N TRP B 628 -23.26 26.93 -22.41
CA TRP B 628 -22.72 27.20 -23.74
C TRP B 628 -22.94 25.98 -24.64
N HIS B 629 -23.08 26.22 -25.94
CA HIS B 629 -23.43 25.17 -26.89
C HIS B 629 -22.58 25.30 -28.16
N SER B 630 -21.96 24.20 -28.59
CA SER B 630 -21.27 24.24 -29.90
C SER B 630 -21.84 23.11 -30.73
N THR B 631 -22.01 23.37 -32.03
CA THR B 631 -22.34 22.27 -32.95
C THR B 631 -21.25 22.03 -33.98
N ASP B 632 -20.08 22.67 -33.86
CA ASP B 632 -19.00 22.48 -34.80
C ASP B 632 -17.75 21.90 -34.12
N SER B 633 -17.93 20.93 -33.22
CA SER B 633 -16.81 20.24 -32.52
C SER B 633 -15.90 21.23 -31.79
N GLY B 634 -16.50 22.23 -31.15
CA GLY B 634 -15.74 23.13 -30.29
C GLY B 634 -15.05 24.30 -30.99
N ALA B 635 -15.17 24.44 -32.31
CA ALA B 635 -14.57 25.61 -32.99
C ALA B 635 -15.22 26.92 -32.53
N THR B 636 -16.54 26.93 -32.35
CA THR B 636 -17.34 28.08 -31.93
C THR B 636 -18.30 27.63 -30.84
N PHE B 637 -18.56 28.49 -29.85
CA PHE B 637 -19.63 28.26 -28.87
C PHE B 637 -20.52 29.48 -28.83
N THR B 638 -21.80 29.27 -28.52
CA THR B 638 -22.75 30.35 -28.28
C THR B 638 -23.28 30.23 -26.87
N LYS B 639 -23.18 31.30 -26.08
CA LYS B 639 -23.74 31.25 -24.73
C LYS B 639 -25.27 31.24 -24.83
N LEU B 640 -25.93 30.35 -24.09
CA LEU B 640 -27.38 30.26 -24.16
C LEU B 640 -28.01 31.47 -23.45
N SER B 641 -28.80 32.24 -24.19
CA SER B 641 -29.50 33.35 -23.55
C SER B 641 -30.59 32.77 -22.67
N GLY B 642 -30.84 33.46 -21.56
CA GLY B 642 -31.87 33.05 -20.63
C GLY B 642 -31.42 32.16 -19.49
N VAL B 643 -30.17 31.72 -19.48
CA VAL B 643 -29.61 30.95 -18.36
C VAL B 643 -28.56 31.82 -17.69
N GLN B 644 -28.84 32.29 -16.48
CA GLN B 644 -27.93 33.23 -15.83
C GLN B 644 -26.71 32.55 -15.22
N GLN B 645 -26.87 31.33 -14.71
CA GLN B 645 -25.75 30.54 -14.19
C GLN B 645 -26.09 29.08 -14.43
N ALA B 646 -25.09 28.23 -14.63
CA ALA B 646 -25.35 26.79 -14.76
C ALA B 646 -24.09 26.05 -14.34
N ASP B 647 -24.26 24.84 -13.77
CA ASP B 647 -23.13 24.14 -13.16
C ASP B 647 -22.96 22.70 -13.67
N THR B 648 -24.05 22.08 -14.08
CA THR B 648 -24.01 20.69 -14.52
C THR B 648 -24.90 20.59 -15.74
N ILE B 649 -24.69 19.56 -16.54
CA ILE B 649 -25.47 19.39 -17.77
C ILE B 649 -25.53 17.90 -18.07
N GLY B 650 -26.69 17.44 -18.51
CA GLY B 650 -26.86 16.05 -18.90
C GLY B 650 -28.06 15.91 -19.82
N PHE B 651 -28.21 14.68 -20.32
CA PHE B 651 -29.14 14.41 -21.41
C PHE B 651 -29.98 13.18 -21.11
N GLY B 652 -31.20 13.14 -21.65
CA GLY B 652 -32.07 11.99 -21.57
C GLY B 652 -32.96 11.84 -22.80
N LYS B 653 -33.75 10.78 -22.80
CA LYS B 653 -34.62 10.47 -23.93
C LYS B 653 -35.47 11.69 -24.33
N ALA B 654 -35.61 11.88 -25.64
CA ALA B 654 -36.44 12.97 -26.17
C ALA B 654 -37.89 12.79 -25.74
N ALA B 655 -38.58 13.91 -25.53
CA ALA B 655 -40.01 13.82 -25.23
C ALA B 655 -40.79 13.37 -26.46
N PRO B 656 -41.99 12.84 -26.27
CA PRO B 656 -42.89 12.58 -27.41
C PRO B 656 -43.08 13.84 -28.27
N GLY B 657 -42.90 13.69 -29.58
CA GLY B 657 -42.99 14.83 -30.47
C GLY B 657 -41.81 15.79 -30.47
N ALA B 658 -40.85 15.67 -29.55
CA ALA B 658 -39.69 16.56 -29.53
C ALA B 658 -38.69 16.14 -30.61
N SER B 659 -37.93 17.11 -31.11
CA SER B 659 -36.97 16.82 -32.16
C SER B 659 -35.52 16.90 -31.68
N TYR B 660 -35.29 17.00 -30.39
CA TYR B 660 -33.95 17.07 -29.84
C TYR B 660 -34.01 16.31 -28.54
N GLN B 661 -32.89 15.69 -28.15
CA GLN B 661 -32.83 15.06 -26.83
C GLN B 661 -33.12 16.06 -25.71
N THR B 662 -33.62 15.52 -24.60
CA THR B 662 -33.99 16.34 -23.43
C THR B 662 -32.74 16.77 -22.66
N LEU B 663 -32.69 18.05 -22.24
CA LEU B 663 -31.57 18.59 -21.45
C LEU B 663 -31.99 18.68 -19.99
N TYR B 664 -31.05 18.34 -19.07
CA TYR B 664 -31.23 18.54 -17.61
C TYR B 664 -30.04 19.35 -17.08
N THR B 665 -30.29 20.32 -16.17
CA THR B 665 -29.24 21.19 -15.64
C THR B 665 -29.52 21.66 -14.21
N SER B 666 -28.48 21.74 -13.39
CA SER B 666 -28.57 22.43 -12.12
C SER B 666 -28.14 23.86 -12.41
N ALA B 667 -29.07 24.80 -12.47
CA ALA B 667 -28.79 26.15 -12.99
C ALA B 667 -29.54 27.19 -12.17
N LYS B 668 -29.27 28.47 -12.48
CA LYS B 668 -30.09 29.60 -12.04
C LYS B 668 -30.77 30.18 -13.28
N ILE B 669 -32.08 30.06 -13.34
CA ILE B 669 -32.84 30.49 -14.51
C ILE B 669 -34.01 31.35 -14.04
N GLY B 670 -34.17 32.50 -14.67
CA GLY B 670 -35.25 33.41 -14.30
C GLY B 670 -35.22 33.86 -12.86
N GLY B 671 -34.04 33.92 -12.25
CA GLY B 671 -33.92 34.29 -10.85
C GLY B 671 -34.12 33.15 -9.86
N VAL B 672 -34.28 31.92 -10.32
CA VAL B 672 -34.58 30.76 -9.48
C VAL B 672 -33.43 29.77 -9.57
N ARG B 673 -32.80 29.40 -8.44
CA ARG B 673 -31.91 28.24 -8.47
C ARG B 673 -32.74 26.96 -8.46
N GLY B 674 -32.38 25.99 -9.29
CA GLY B 674 -33.07 24.70 -9.20
C GLY B 674 -32.55 23.73 -10.22
N VAL B 675 -33.33 22.65 -10.43
CA VAL B 675 -33.05 21.65 -11.45
C VAL B 675 -34.07 21.85 -12.58
N PHE B 676 -33.59 22.11 -13.80
CA PHE B 676 -34.45 22.45 -14.93
C PHE B 676 -34.32 21.46 -16.09
N ARG B 677 -35.40 21.35 -16.86
CA ARG B 677 -35.48 20.44 -18.00
C ARG B 677 -35.91 21.22 -19.25
N SER B 678 -35.29 20.91 -20.41
CA SER B 678 -35.75 21.50 -21.67
C SER B 678 -35.93 20.42 -22.71
N THR B 679 -37.06 20.48 -23.42
CA THR B 679 -37.33 19.58 -24.52
C THR B 679 -37.26 20.29 -25.88
N ASP B 680 -36.67 21.48 -25.94
CA ASP B 680 -36.53 22.20 -27.20
C ASP B 680 -35.12 22.77 -27.34
N ALA B 681 -34.12 21.93 -27.03
CA ALA B 681 -32.69 22.25 -27.23
C ALA B 681 -32.29 23.48 -26.41
N GLY B 682 -32.93 23.70 -25.28
CA GLY B 682 -32.52 24.80 -24.43
C GLY B 682 -33.20 26.11 -24.74
N ALA B 683 -34.13 26.14 -25.71
CA ALA B 683 -34.83 27.38 -25.99
C ALA B 683 -35.72 27.79 -24.84
N SER B 684 -36.27 26.82 -24.10
CA SER B 684 -37.09 27.12 -22.93
C SER B 684 -36.92 26.00 -21.90
N TRP B 685 -37.21 26.34 -20.63
CA TRP B 685 -36.88 25.49 -19.49
C TRP B 685 -38.07 25.37 -18.56
N THR B 686 -38.18 24.22 -17.91
CA THR B 686 -39.19 23.97 -16.91
C THR B 686 -38.47 23.52 -15.65
N ARG B 687 -38.82 24.11 -14.49
CA ARG B 687 -38.21 23.65 -13.24
C ARG B 687 -38.88 22.34 -12.83
N ILE B 688 -38.10 21.29 -12.58
CA ILE B 688 -38.67 19.99 -12.21
C ILE B 688 -38.48 19.63 -10.73
N ASN B 689 -37.64 20.33 -9.97
CA ASN B 689 -37.60 20.14 -8.53
C ASN B 689 -38.47 21.23 -7.95
N ASP B 690 -38.43 21.44 -6.64
CA ASP B 690 -39.21 22.51 -6.01
C ASP B 690 -38.54 22.88 -4.69
N ASP B 691 -39.15 23.81 -3.95
CA ASP B 691 -38.44 24.38 -2.80
C ASP B 691 -38.27 23.36 -1.65
N ALA B 692 -39.06 22.30 -1.61
CA ALA B 692 -38.88 21.27 -0.60
C ALA B 692 -37.87 20.18 -1.02
N HIS B 693 -37.36 20.25 -2.25
CA HIS B 693 -36.50 19.20 -2.85
C HIS B 693 -35.32 19.88 -3.54
N GLN B 694 -34.34 20.32 -2.74
CA GLN B 694 -33.24 21.12 -3.27
C GLN B 694 -31.84 20.53 -3.02
N TRP B 695 -31.56 20.03 -1.82
CA TRP B 695 -30.34 19.25 -1.56
C TRP B 695 -29.04 20.07 -1.66
N GLY B 696 -29.06 21.37 -1.31
CA GLY B 696 -27.79 22.11 -1.15
C GLY B 696 -27.01 22.24 -2.46
N TRP B 697 -25.74 21.86 -2.46
CA TRP B 697 -24.88 22.06 -3.63
C TRP B 697 -24.98 20.86 -4.56
N THR B 698 -25.62 21.04 -5.74
CA THR B 698 -25.75 20.01 -6.76
C THR B 698 -24.90 20.35 -7.99
N GLY B 699 -23.64 20.71 -7.76
CA GLY B 699 -22.76 21.10 -8.85
C GLY B 699 -21.89 19.99 -9.40
N ALA B 700 -22.06 18.74 -8.96
CA ALA B 700 -21.10 17.71 -9.37
C ALA B 700 -21.49 16.97 -10.64
N SER B 701 -22.73 16.50 -10.76
CA SER B 701 -23.10 15.73 -11.95
C SER B 701 -24.61 15.67 -12.09
N ILE B 702 -25.08 15.52 -13.33
CA ILE B 702 -26.49 15.28 -13.60
C ILE B 702 -26.58 14.51 -14.92
N THR B 703 -27.53 13.56 -14.99
CA THR B 703 -27.77 12.92 -16.29
C THR B 703 -29.23 12.48 -16.35
N GLY B 704 -29.78 12.52 -17.55
CA GLY B 704 -31.05 11.87 -17.81
C GLY B 704 -30.81 10.40 -18.08
N ASP B 705 -31.87 9.75 -18.56
CA ASP B 705 -31.87 8.34 -18.90
C ASP B 705 -32.22 8.21 -20.39
N PRO B 706 -31.35 7.63 -21.22
CA PRO B 706 -31.69 7.54 -22.66
C PRO B 706 -32.83 6.59 -22.94
N ARG B 707 -33.25 5.75 -21.99
CA ARG B 707 -34.37 4.84 -22.20
C ARG B 707 -35.67 5.28 -21.50
N VAL B 708 -35.66 6.30 -20.66
CA VAL B 708 -36.89 6.68 -19.94
C VAL B 708 -37.09 8.19 -19.98
N TYR B 709 -38.15 8.64 -20.67
CA TYR B 709 -38.36 10.08 -20.80
C TYR B 709 -38.72 10.68 -19.46
N GLY B 710 -38.15 11.84 -19.17
CA GLY B 710 -38.47 12.55 -17.96
C GLY B 710 -37.61 12.18 -16.77
N ARG B 711 -36.97 11.00 -16.79
CA ARG B 711 -36.17 10.58 -15.65
C ARG B 711 -34.86 11.37 -15.57
N VAL B 712 -34.48 11.76 -14.35
CA VAL B 712 -33.22 12.44 -14.09
C VAL B 712 -32.55 11.84 -12.87
N TYR B 713 -31.23 11.74 -12.92
CA TYR B 713 -30.41 11.34 -11.78
C TYR B 713 -29.54 12.53 -11.37
N VAL B 714 -29.66 12.99 -10.14
CA VAL B 714 -28.99 14.20 -9.67
C VAL B 714 -27.98 13.79 -8.61
N ALA B 715 -26.72 14.14 -8.83
CA ALA B 715 -25.71 13.89 -7.80
C ALA B 715 -25.89 14.88 -6.66
N THR B 716 -25.75 14.44 -5.42
CA THR B 716 -25.66 15.39 -4.32
C THR B 716 -24.38 15.12 -3.57
N ASN B 717 -24.05 16.03 -2.68
CA ASN B 717 -22.87 15.92 -1.86
C ASN B 717 -23.26 15.63 -0.42
N GLY B 718 -23.70 14.39 -0.17
CA GLY B 718 -24.05 13.98 1.17
C GLY B 718 -25.48 13.48 1.34
N ARG B 719 -26.31 13.54 0.28
CA ARG B 719 -27.64 12.96 0.28
C ARG B 719 -27.77 11.83 -0.75
N GLY B 720 -26.66 11.33 -1.29
CA GLY B 720 -26.75 10.22 -2.22
C GLY B 720 -27.23 10.63 -3.60
N ILE B 721 -27.68 9.63 -4.35
CA ILE B 721 -28.11 9.79 -5.73
C ILE B 721 -29.62 10.02 -5.76
N LEU B 722 -30.06 11.18 -6.22
CA LEU B 722 -31.48 11.52 -6.21
C LEU B 722 -32.04 11.20 -7.59
N ARG B 723 -33.16 10.52 -7.62
CA ARG B 723 -33.83 10.14 -8.86
C ARG B 723 -35.19 10.86 -8.91
N GLY B 724 -35.46 11.54 -10.01
CA GLY B 724 -36.73 12.21 -10.25
C GLY B 724 -37.41 11.62 -11.46
N ASP B 725 -38.74 11.46 -11.35
CA ASP B 725 -39.57 10.87 -12.41
C ASP B 725 -40.87 11.65 -12.51
N ILE B 726 -41.41 11.74 -13.73
CA ILE B 726 -42.69 12.40 -13.94
C ILE B 726 -43.75 11.63 -13.15
N SER B 727 -44.47 12.32 -12.26
CA SER B 727 -45.43 11.64 -11.40
C SER B 727 -46.57 10.99 -12.19
C2 BGC C . 19.09 -8.82 -5.94
C3 BGC C . 20.20 -8.22 -5.16
C4 BGC C . 19.89 -8.19 -3.69
C5 BGC C . 19.55 -9.59 -3.18
C6 BGC C . 19.09 -9.52 -1.75
C1 BGC C . 18.80 -10.23 -5.45
O1 BGC C . 17.74 -10.73 -6.14
O2 BGC C . 19.45 -8.85 -7.34
O3 BGC C . 20.43 -6.87 -5.65
O4 BGC C . 21.03 -7.69 -2.99
O5 BGC C . 18.51 -10.25 -3.98
O6 BGC C . 18.01 -8.62 -1.64
C2 BGC C . 22.37 -7.01 -1.08
C3 BGC C . 22.64 -5.90 -0.13
C4 BGC C . 22.73 -4.55 -0.80
C5 BGC C . 21.48 -4.29 -1.65
C6 BGC C . 21.58 -2.96 -2.34
C1 BGC C . 21.23 -6.71 -2.05
O2 BGC C . 22.02 -8.17 -0.32
O3 BGC C . 23.91 -6.17 0.54
O4 BGC C . 22.84 -3.53 0.19
O5 BGC C . 21.33 -5.34 -2.67
O6 BGC C . 20.42 -2.73 -3.07
C2 BGC C . 23.86 -1.48 1.04
C3 BGC C . 25.12 -0.69 1.05
C4 BGC C . 26.29 -1.51 1.48
C5 BGC C . 26.43 -2.75 0.59
C6 BGC C . 27.61 -3.57 1.03
C1 BGC C . 23.99 -2.79 0.27
O2 BGC C . 22.82 -0.69 0.42
O3 BGC C . 24.95 0.45 1.94
O4 BGC C . 27.48 -0.73 1.41
O5 BGC C . 25.22 -3.57 0.65
O6 BGC C . 27.64 -3.65 2.43
C2 BGC C . 29.60 -0.05 2.56
C3 BGC C . 30.18 0.07 3.92
C4 BGC C . 29.38 0.95 4.82
C5 BGC C . 27.92 0.47 4.87
C6 BGC C . 27.12 1.38 5.77
C1 BGC C . 28.11 -0.38 2.57
O2 BGC C . 30.29 -1.09 1.85
O3 BGC C . 31.53 0.62 3.80
O4 BGC C . 29.93 0.91 6.13
O5 BGC C . 27.32 0.46 3.53
O6 BGC C . 27.07 2.67 5.22
C1 XYS C . 26.45 3.66 5.94
C2 XYS C . 26.43 4.99 5.19
C3 XYS C . 27.81 5.56 5.05
C4 XYS C . 28.50 5.69 6.37
C5 XYS C . 28.45 4.39 7.20
O2 XYS C . 25.89 4.77 3.88
O3 XYS C . 27.70 6.88 4.46
O4 XYS C . 29.86 6.04 6.14
O5 XYS C . 27.10 3.81 7.29
C1 XYS C . 27.88 -4.82 3.11
C2 XYS C . 28.15 -4.48 4.57
C3 XYS C . 29.56 -4.10 4.80
C4 XYS C . 30.51 -5.16 4.32
C5 XYS C . 30.23 -5.54 2.85
O2 XYS C . 27.29 -3.40 4.97
O3 XYS C . 29.78 -3.92 6.23
O4 XYS C . 31.84 -4.66 4.40
O5 XYS C . 28.81 -5.88 2.60
C1 GAL C . 26.10 -3.76 5.53
C2 GAL C . 25.54 -2.65 6.44
C3 GAL C . 24.20 -3.10 7.06
C4 GAL C . 23.21 -3.53 5.96
C5 GAL C . 23.89 -4.55 5.03
C6 GAL C . 23.08 -4.90 3.78
O2 GAL C . 26.41 -2.34 7.51
O3 GAL C . 23.59 -2.03 7.78
O4 GAL C . 22.79 -2.40 5.20
O5 GAL C . 25.15 -4.08 4.53
O6 GAL C . 23.69 -5.95 3.06
C1 XYS C . 20.39 -1.89 -4.16
C2 XYS C . 19.01 -1.63 -4.77
C3 XYS C . 18.42 -2.85 -5.38
C4 XYS C . 19.35 -3.52 -6.34
C5 XYS C . 20.73 -3.78 -5.72
O2 XYS C . 18.14 -1.14 -3.75
O3 XYS C . 17.21 -2.49 -6.08
O4 XYS C . 18.79 -4.76 -6.76
O5 XYS C . 21.32 -2.55 -5.14
C1 GAL C . 17.82 0.19 -3.61
C2 GAL C . 16.45 0.64 -3.09
C3 GAL C . 16.51 2.10 -2.68
C4 GAL C . 17.60 2.31 -1.63
C5 GAL C . 18.94 1.71 -2.12
C6 GAL C . 20.02 1.64 -1.06
O2 GAL C . 15.44 0.50 -4.08
O3 GAL C . 15.27 2.51 -2.11
O4 GAL C . 17.23 1.72 -0.41
O5 GAL C . 18.78 0.35 -2.59
O6 GAL C . 20.20 2.89 -0.42
C2 BGC D . 0.85 -2.37 -13.03
C3 BGC D . 1.88 -3.38 -12.71
C4 BGC D . 1.54 -4.13 -11.45
C5 BGC D . 0.10 -4.65 -11.43
C6 BGC D . -0.61 -4.07 -10.24
C1 BGC D . -0.52 -2.98 -13.23
O1 BGC D . -1.47 -2.18 -12.65
O2 BGC D . 1.24 -1.69 -14.24
O3 BGC D . 3.15 -2.71 -12.52
O4 BGC D . 2.43 -5.25 -11.34
O5 BGC D . -0.65 -4.37 -12.67
O6 BGC D . -1.36 -5.08 -9.61
C2 BGC D . 3.71 -6.46 -9.71
C3 BGC D . 4.73 -6.29 -8.66
C4 BGC D . 5.82 -5.35 -9.09
C5 BGC D . 5.28 -4.04 -9.66
C6 BGC D . 6.40 -3.27 -10.29
C1 BGC D . 3.14 -5.14 -10.17
O2 BGC D . 2.63 -7.27 -9.18
O3 BGC D . 5.32 -7.58 -8.35
O4 BGC D . 6.65 -5.04 -7.96
O5 BGC D . 4.22 -4.23 -10.66
O6 BGC D . 6.14 -1.89 -10.22
C2 BGC D . 9.11 -4.87 -7.28
C3 BGC D . 10.33 -5.69 -7.38
C4 BGC D . 10.14 -7.07 -6.84
C5 BGC D . 8.87 -7.77 -7.35
C6 BGC D . 8.64 -9.00 -6.53
C1 BGC D . 7.91 -5.58 -7.90
O2 BGC D . 9.32 -3.62 -7.99
O3 BGC D . 11.40 -5.03 -6.63
O4 BGC D . 11.27 -7.87 -7.23
O5 BGC D . 7.69 -6.92 -7.26
O6 BGC D . 7.33 -9.47 -6.76
C2 BGC D . 13.13 -9.41 -6.96
C3 BGC D . 14.31 -9.69 -6.09
C4 BGC D . 15.05 -8.44 -5.71
C5 BGC D . 14.12 -7.39 -5.12
C6 BGC D . 14.89 -6.13 -4.88
C1 BGC D . 12.23 -8.34 -6.37
O2 BGC D . 12.37 -10.63 -7.12
O3 BGC D . 15.22 -10.58 -6.79
O4 BGC D . 16.04 -8.76 -4.73
O5 BGC D . 12.99 -7.09 -6.02
O6 BGC D . 14.02 -5.11 -4.49
C1 XYS D . 14.37 -3.85 -4.04
C2 XYS D . 13.29 -2.96 -3.44
C3 XYS D . 12.25 -2.60 -4.45
C4 XYS D . 12.84 -2.01 -5.68
C5 XYS D . 13.94 -2.89 -6.28
O2 XYS D . 12.67 -3.65 -2.35
O3 XYS D . 11.34 -1.64 -3.86
O4 XYS D . 11.81 -1.85 -6.66
O5 XYS D . 14.97 -3.26 -5.28
C1 XYS D . 7.51 -10.61 -7.50
C2 XYS D . 6.37 -11.20 -8.34
C3 XYS D . 5.22 -11.61 -7.50
C4 XYS D . 5.62 -12.54 -6.40
C5 XYS D . 6.78 -11.96 -5.56
O2 XYS D . 5.92 -10.21 -9.28
O3 XYS D . 4.23 -12.27 -8.34
O4 XYS D . 4.49 -12.75 -5.54
O5 XYS D . 7.92 -11.54 -6.40
C1 XYS D . 6.49 -0.66 -10.70
C2 XYS D . 5.85 0.73 -10.65
C3 XYS D . 5.00 1.00 -11.85
C4 XYS D . 5.74 0.74 -13.13
C5 XYS D . 6.38 -0.65 -13.16
O2 XYS D . 5.04 0.82 -9.47
O3 XYS D . 4.56 2.38 -11.81
O4 XYS D . 4.81 0.86 -14.21
O5 XYS D . 7.22 -0.90 -11.98
C2 BGC E . -17.25 12.28 6.17
C3 BGC E . -17.36 13.61 5.52
C4 BGC E . -17.12 13.52 4.05
C5 BGC E . -18.06 12.50 3.40
C6 BGC E . -17.71 12.30 1.96
C1 BGC E . -18.25 11.31 5.57
O1 BGC E . -18.10 10.09 6.13
O2 BGC E . -17.50 12.42 7.59
O3 BGC E . -16.39 14.52 6.12
O4 BGC E . -17.33 14.80 3.45
O5 BGC E . -18.03 11.19 4.08
O6 BGC E . -16.39 11.80 1.86
C2 BGC E . -17.31 16.42 1.71
C3 BGC E . -16.46 17.27 0.83
C4 BGC E . -15.40 18.01 1.60
C5 BGC E . -14.56 17.04 2.43
C6 BGC E . -13.52 17.80 3.21
C1 BGC E . -16.49 15.54 2.65
O2 BGC E . -18.11 15.56 0.87
O3 BGC E . -17.32 18.24 0.16
O4 BGC E . -14.56 18.71 0.68
O5 BGC E . -15.41 16.29 3.36
O6 BGC E . -12.71 16.88 3.88
C2 BGC E . -13.38 20.69 -0.03
C3 BGC E . -13.35 22.16 0.08
C4 BGC E . -14.64 22.77 -0.35
C5 BGC E . -15.81 22.20 0.45
C6 BGC E . -17.11 22.77 -0.04
C1 BGC E . -14.57 20.08 0.71
O2 BGC E . -12.16 20.16 0.55
O3 BGC E . -12.28 22.67 -0.76
O4 BGC E . -14.59 24.19 -0.14
O5 BGC E . -15.86 20.74 0.33
O6 BGC E . -17.36 23.02 -1.36
C2 BGC E . -15.14 26.43 -1.18
C3 BGC E . -15.28 27.07 -2.50
C4 BGC E . -14.03 26.93 -3.33
C5 BGC E . -13.65 25.46 -3.48
C6 BGC E . -12.42 25.33 -4.32
C1 BGC E . -14.62 24.99 -1.26
O2 BGC E . -16.45 26.39 -0.55
O3 BGC E . -15.57 28.49 -2.30
O4 BGC E . -14.27 27.50 -4.62
O5 BGC E . -13.42 24.85 -2.16
O6 BGC E . -11.30 25.81 -3.61
C1 XYS E . -10.26 25.88 -4.48
C2 XYS E . -9.21 26.53 -3.57
C3 XYS E . -9.46 27.98 -3.41
C4 XYS E . -9.54 28.69 -4.72
C5 XYS E . -10.51 28.02 -5.71
O2 XYS E . -9.24 25.88 -2.29
O3 XYS E . -8.38 28.56 -2.62
O4 XYS E . -9.98 30.03 -4.48
O5 XYS E . -10.30 26.56 -5.82
C1 XYS E . -18.25 22.39 -2.18
C2 XYS E . -18.05 22.88 -3.61
C3 XYS E . -18.45 24.32 -3.77
C4 XYS E . -19.84 24.55 -3.31
C5 XYS E . -20.06 24.07 -1.87
O2 XYS E . -16.67 22.75 -3.96
O3 XYS E . -18.35 24.67 -5.18
O4 XYS E . -20.13 25.95 -3.38
O5 XYS E . -19.64 22.66 -1.67
C1 GAL E . -16.19 21.76 -4.79
C2 GAL E . -14.80 22.02 -5.37
C3 GAL E . -14.24 20.74 -6.00
C4 GAL E . -14.25 19.59 -4.98
C5 GAL E . -15.64 19.47 -4.33
C6 GAL E . -15.69 18.51 -3.14
O2 GAL E . -14.82 23.01 -6.39
O3 GAL E . -12.90 20.93 -6.43
O4 GAL E . -13.27 19.81 -3.98
O5 GAL E . -16.11 20.73 -3.82
O6 GAL E . -16.99 18.48 -2.57
C1 XYS E . -12.06 17.14 5.07
C2 XYS E . -11.16 16.04 5.63
C3 XYS E . -11.95 14.87 6.11
C4 XYS E . -13.02 15.27 7.07
C5 XYS E . -13.91 16.37 6.49
O2 XYS E . -10.25 15.61 4.61
O3 XYS E . -11.05 13.95 6.78
O4 XYS E . -13.82 14.14 7.40
O5 XYS E . -13.13 17.54 6.02
C1 GAL E . -8.94 16.05 4.60
C2 GAL E . -7.96 15.40 3.61
C3 GAL E . -6.54 15.95 3.82
C4 GAL E . -6.55 17.48 3.72
C5 GAL E . -7.59 18.04 4.70
C6 GAL E . -7.79 19.54 4.63
O2 GAL E . -7.89 13.99 3.78
O3 GAL E . -5.67 15.47 2.80
O4 GAL E . -6.87 17.88 2.40
O5 GAL E . -8.90 17.46 4.47
O6 GAL E . -6.56 20.22 4.61
C2 BGC F . -2.12 -1.24 12.61
C3 BGC F . -3.52 -0.83 12.31
C4 BGC F . -3.94 -1.25 10.93
C5 BGC F . -3.71 -2.74 10.70
C6 BGC F . -3.99 -3.07 9.26
C1 BGC F . -1.91 -2.72 12.40
O1 BGC F . -0.59 -3.02 12.57
O2 BGC F . -1.84 -0.92 13.99
O3 BGC F . -3.63 0.62 12.41
O4 BGC F . -5.33 -0.97 10.77
O5 BGC F . -2.33 -3.15 11.01
O6 BGC F . -3.67 -4.42 9.01
C2 BGC F . -7.24 -0.11 9.37
C3 BGC F . -7.57 1.04 8.49
C4 BGC F . -7.30 2.36 9.15
C5 BGC F . -5.88 2.44 9.70
C6 BGC F . -5.73 3.72 10.47
C1 BGC F . -5.82 -0.02 9.91
O2 BGC F . -7.36 -1.33 8.61
O3 BGC F . -9.00 0.97 8.17
O4 BGC F . -7.48 3.41 8.20
O5 BGC F . -5.56 1.31 10.57
O6 BGC F . -4.39 3.90 10.81
C2 BGC F . -8.60 5.69 7.69
C3 BGC F . -9.98 6.23 7.69
C4 BGC F . -10.94 5.36 6.94
C5 BGC F . -10.87 3.89 7.34
C6 BGC F . -11.67 3.07 6.37
C1 BGC F . -8.57 4.24 8.16
O2 BGC F . -7.78 6.48 8.57
O3 BGC F . -9.96 7.55 7.08
O4 BGC F . -12.27 5.82 7.23
O5 BGC F . -9.48 3.38 7.33
O6 BGC F . -11.56 1.73 6.67
C2 BGC F . -14.64 6.69 7.01
C3 BGC F . -15.42 7.64 6.18
C4 BGC F . -14.71 8.96 6.03
C5 BGC F . -13.28 8.78 5.52
C6 BGC F . -12.61 10.12 5.51
C1 BGC F . -13.21 6.53 6.52
O2 BGC F . -15.29 5.40 6.97
O3 BGC F . -16.70 7.89 6.82
O4 BGC F . -15.42 9.77 5.10
O5 BGC F . -12.52 7.86 6.38
O6 BGC F . -11.59 10.21 4.60
C1 XYS F . -10.28 9.87 4.78
C2 XYS F . -9.72 10.67 5.96
C3 XYS F . -8.25 10.49 6.14
C4 XYS F . -7.59 9.74 5.02
C5 XYS F . -8.09 10.26 3.67
O2 XYS F . -10.01 12.06 5.77
O3 XYS F . -8.01 9.77 7.38
O4 XYS F . -6.19 9.92 5.11
O5 XYS F . -9.55 10.10 3.49
C1 XYS F . -12.79 1.42 7.16
C2 XYS F . -12.72 0.07 7.88
C3 XYS F . -12.46 -1.04 6.94
C4 XYS F . -13.49 -1.09 5.86
C5 XYS F . -13.59 0.25 5.11
O2 XYS F . -11.66 0.11 8.86
O3 XYS F . -12.46 -2.30 7.65
O4 XYS F . -13.16 -2.13 4.93
O5 XYS F . -13.77 1.38 6.03
C1 XYS F . -3.61 4.99 11.10
C2 XYS F . -2.12 4.78 11.32
C3 XYS F . -1.85 3.95 12.52
C4 XYS F . -2.50 4.53 13.74
C5 XYS F . -4.00 4.75 13.53
O2 XYS F . -1.56 4.13 10.17
O3 XYS F . -0.41 3.88 12.74
O4 XYS F . -2.31 3.63 14.84
O5 XYS F . -4.29 5.55 12.32
S SO4 G . -1.35 -10.35 5.30
O1 SO4 G . -1.09 -8.99 5.79
O2 SO4 G . -0.10 -10.92 4.72
O3 SO4 G . -1.92 -11.16 6.41
O4 SO4 G . -2.34 -10.34 4.21
S SO4 H . 21.44 7.47 -24.09
O1 SO4 H . 21.58 6.03 -24.25
O2 SO4 H . 22.69 7.99 -23.57
O3 SO4 H . 20.29 7.85 -23.22
O4 SO4 H . 21.23 8.10 -25.40
S SO4 I . 20.75 -5.53 37.85
O1 SO4 I . 20.90 -4.13 38.24
O2 SO4 I . 21.77 -6.37 38.47
O3 SO4 I . 19.42 -6.01 38.26
O4 SO4 I . 20.89 -5.57 36.39
S SO4 J . 48.36 -18.64 -28.45
O1 SO4 J . 48.93 -17.35 -28.12
O2 SO4 J . 48.95 -19.67 -27.59
O3 SO4 J . 46.91 -18.62 -28.28
O4 SO4 J . 48.64 -18.96 -29.86
C1 GOL K . 25.08 6.22 -0.18
O1 GOL K . 26.20 6.05 0.58
C2 GOL K . 24.01 5.36 0.47
O2 GOL K . 24.08 5.45 1.84
C3 GOL K . 22.70 5.95 -0.10
O3 GOL K . 21.63 5.25 0.44
C1 GOL L . 6.59 -9.54 -37.22
O1 GOL L . 7.87 -10.08 -37.50
C2 GOL L . 6.76 -8.00 -36.89
O2 GOL L . 7.06 -7.23 -38.01
C3 GOL L . 5.42 -7.54 -36.20
O3 GOL L . 5.68 -6.26 -35.71
C1 GOL M . 28.38 -34.98 30.57
O1 GOL M . 28.73 -34.31 31.74
C2 GOL M . 28.70 -34.03 29.36
O2 GOL M . 29.84 -33.26 29.58
C3 GOL M . 28.83 -34.99 28.13
O3 GOL M . 28.22 -34.34 27.03
C1 GOL N . 48.46 -10.72 13.72
O1 GOL N . 48.80 -12.10 13.68
C2 GOL N . 48.91 -9.95 12.39
O2 GOL N . 48.76 -10.68 11.21
C3 GOL N . 48.11 -8.61 12.38
O3 GOL N . 48.67 -7.83 13.39
CL CL O . 19.78 -36.45 -2.91
CL CL P . 6.13 -35.39 -22.88
CL CL Q . 23.44 -3.10 10.88
S SO4 R . -5.63 21.59 25.50
O1 SO4 R . -4.75 20.96 24.49
O2 SO4 R . -4.96 21.45 26.81
O3 SO4 R . -6.95 21.02 25.65
O4 SO4 R . -5.78 23.03 25.16
S SO4 S . -13.38 18.59 -37.15
O1 SO4 S . -12.01 18.86 -37.58
O2 SO4 S . -13.42 18.77 -35.68
O3 SO4 S . -13.75 17.22 -37.50
O4 SO4 S . -14.35 19.54 -37.73
S SO4 T . -33.11 -14.91 20.50
O1 SO4 T . -33.62 -14.76 21.87
O2 SO4 T . -31.67 -15.19 20.53
O3 SO4 T . -33.45 -13.65 19.83
O4 SO4 T . -33.76 -16.03 19.83
S SO4 U . -19.20 1.23 43.57
O1 SO4 U . -18.38 2.41 43.84
O2 SO4 U . -18.34 0.05 43.50
O3 SO4 U . -20.19 1.11 44.63
O4 SO4 U . -19.90 1.38 42.29
C1 GOL V . -8.93 27.09 0.97
O1 GOL V . -8.56 28.27 0.28
C2 GOL V . -7.76 26.12 0.94
O2 GOL V . -7.10 26.11 2.11
C3 GOL V . -8.34 24.75 0.60
O3 GOL V . -7.47 23.85 1.12
C1 GOL W . -42.67 30.90 29.28
O1 GOL W . -42.09 29.66 29.13
C2 GOL W . -42.62 31.50 27.90
O2 GOL W . -42.91 30.54 26.99
C3 GOL W . -41.17 32.07 27.71
O3 GOL W . -40.98 32.38 26.32
C1 GOL X . -7.35 -4.06 -5.03
O1 GOL X . -7.94 -2.79 -5.14
C2 GOL X . -8.38 -5.09 -5.55
O2 GOL X . -7.79 -6.20 -6.17
C3 GOL X . -9.28 -5.41 -4.40
O3 GOL X . -10.44 -5.98 -4.94
CL CL Y . -5.02 1.92 35.15
CL CL Z . -19.97 -14.63 30.20
CL CL AA . -43.27 19.47 37.62
CL CL BA . -40.25 2.67 -9.78
#